data_8RU5
# 
_entry.id   8RU5 
# 
_audit_conform.dict_name       mmcif_pdbx.dic 
_audit_conform.dict_version    5.387 
_audit_conform.dict_location   http://mmcif.pdb.org/dictionaries/ascii/mmcif_pdbx.dic 
# 
loop_
_database_2.database_id 
_database_2.database_code 
_database_2.pdbx_database_accession 
_database_2.pdbx_DOI 
PDB   8RU5         pdb_00008ru5 10.2210/pdb8ru5/pdb 
WWPDB D_1292136248 ?            ?                   
# 
_pdbx_audit_revision_history.ordinal             1 
_pdbx_audit_revision_history.data_content_type   'Structure model' 
_pdbx_audit_revision_history.major_revision      1 
_pdbx_audit_revision_history.minor_revision      0 
_pdbx_audit_revision_history.revision_date       2024-03-06 
# 
_pdbx_audit_revision_details.ordinal             1 
_pdbx_audit_revision_details.revision_ordinal    1 
_pdbx_audit_revision_details.data_content_type   'Structure model' 
_pdbx_audit_revision_details.provider            repository 
_pdbx_audit_revision_details.type                'Initial release' 
_pdbx_audit_revision_details.description         ? 
_pdbx_audit_revision_details.details             ? 
# 
_pdbx_database_status.status_code                     REL 
_pdbx_database_status.status_code_sf                  REL 
_pdbx_database_status.status_code_mr                  ? 
_pdbx_database_status.entry_id                        8RU5 
_pdbx_database_status.recvd_initial_deposition_date   2024-01-30 
_pdbx_database_status.SG_entry                        N 
_pdbx_database_status.deposit_site                    PDBE 
_pdbx_database_status.process_site                    PDBE 
_pdbx_database_status.status_code_cs                  ? 
_pdbx_database_status.status_code_nmr_data            ? 
_pdbx_database_status.methods_development_category    ? 
_pdbx_database_status.pdb_format_compatible           Y 
# 
_pdbx_contact_author.id                 4 
_pdbx_contact_author.email              frank.vondelft@cmd.ox.ac.uk 
_pdbx_contact_author.name_first         Frank 
_pdbx_contact_author.name_last          'von Delft' 
_pdbx_contact_author.name_mi            ? 
_pdbx_contact_author.role               'principal investigator/group leader' 
_pdbx_contact_author.identifier_ORCID   0000-0003-0378-0017 
# 
loop_
_audit_author.name 
_audit_author.pdbx_ordinal 
_audit_author.identifier_ORCID 
'Fairhead, M.'                         1  0000-0001-5361-3933 
'Strain-Damerell, C.'                  2  ?                   
'Ye, M.'                               3  ?                   
'Mackinnon, S.R.'                      4  0000-0002-6816-244X 
'Pinkas, D.'                           5  ?                   
'MacLean, E.M.'                        6  0000-0003-1680-4292 
'Koekemoer, L.'                        7  0000-0001-9226-9127 
'Damerell, D.'                         8  ?                   
'Krojer, T.'                           9  0000-0003-0661-0814 
'Arrowsmith, C.H.'                     10 ?                   
'Edwards, A.'                          11 ?                   
'Bountra, C.'                          12 ?                   
'Yue, W.'                              13 ?                   
'Burgess-Brown, N.'                    14 ?                   
'Marsden, B.'                          15 0000-0002-1937-4091 
'von Delft, F.'                        16 0000-0003-0378-0017 
'Structural Genomics Consortium (SGC)' 17 ?                   
# 
_citation.abstract                  ? 
_citation.abstract_id_CAS           ? 
_citation.book_id_ISBN              ? 
_citation.book_publisher            ? 
_citation.book_publisher_city       ? 
_citation.book_title                ? 
_citation.coordinate_linkage        ? 
_citation.country                   ? 
_citation.database_id_Medline       ? 
_citation.details                   ? 
_citation.id                        primary 
_citation.journal_abbrev            'To Be Published' 
_citation.journal_id_ASTM           ? 
_citation.journal_id_CSD            0353 
_citation.journal_id_ISSN           ? 
_citation.journal_full              ? 
_citation.journal_issue             ? 
_citation.journal_volume            ? 
_citation.language                  ? 
_citation.page_first                ? 
_citation.page_last                 ? 
_citation.title                     
'A fast, parallel method for efficiently exploring crystallization behaviour of large numbers of protein variants' 
_citation.year                      ? 
_citation.database_id_CSD           ? 
_citation.pdbx_database_id_DOI      ? 
_citation.pdbx_database_id_PubMed   ? 
_citation.pdbx_database_id_patent   ? 
_citation.unpublished_flag          ? 
# 
loop_
_citation_author.citation_id 
_citation_author.name 
_citation_author.ordinal 
_citation_author.identifier_ORCID 
primary 'Fairhead, M.'        1  0000-0001-5361-3933 
primary 'Strain-Damerell, C.' 2  ?                   
primary 'Ye, M.'              3  ?                   
primary 'Mackinnon, S.R.'     4  0000-0002-6816-244X 
primary 'Pinkas, D.'          5  ?                   
primary 'MacLean, E.M.'       6  0000-0003-1680-4292 
primary 'Damerell, D.'        7  ?                   
primary 'Krojer, T.'          8  0000-0003-0661-0814 
primary 'Yue, W.'             9  ?                   
primary 'Burgess-Brown, N.'   10 ?                   
primary 'Marsden, B.'         11 0000-0002-1937-4091 
primary 'von Delft, F.'       12 0000-0003-0378-0017 
# 
loop_
_entity.id 
_entity.type 
_entity.src_method 
_entity.pdbx_description 
_entity.formula_weight 
_entity.pdbx_number_of_molecules 
_entity.pdbx_ec 
_entity.pdbx_mutation 
_entity.pdbx_fragment 
_entity.details 
1 polymer     man 'ATPase family AAA domain-containing protein 2' 15512.562 1   3.6.1.- ? ? ? 
2 non-polymer syn 1,2-ETHANEDIOL                                  62.068    2   ?       ? ? ? 
3 water       nat water                                           18.015    132 ?       ? ? ? 
# 
_entity_name_com.entity_id   1 
_entity_name_com.name        'AAA nuclear coregulator cancer-associated protein,ANCCA' 
# 
_entity_poly.entity_id                      1 
_entity_poly.type                           'polypeptide(L)' 
_entity_poly.nstd_linkage                   no 
_entity_poly.nstd_monomer                   no 
_entity_poly.pdbx_seq_one_letter_code       
;SMQEEDTFRELRIFLRNVTHRLAIDKRFRVFTKPVDPDEVPDYRTVIKEPMDLSSVISKIDLHKYLTVKDYLRDIDLICS
NALEYNPDRDPGDRLIRHRACALRDTAYAIIKEELDEDFEQLCEEIQESR
;
_entity_poly.pdbx_seq_one_letter_code_can   
;SMQEEDTFRELRIFLRNVTHRLAIDKRFRVFTKPVDPDEVPDYRTVIKEPMDLSSVISKIDLHKYLTVKDYLRDIDLICS
NALEYNPDRDPGDRLIRHRACALRDTAYAIIKEELDEDFEQLCEEIQESR
;
_entity_poly.pdbx_strand_id                 A 
_entity_poly.pdbx_target_identifier         ? 
# 
loop_
_pdbx_entity_nonpoly.entity_id 
_pdbx_entity_nonpoly.name 
_pdbx_entity_nonpoly.comp_id 
2 1,2-ETHANEDIOL EDO 
3 water          HOH 
# 
loop_
_entity_poly_seq.entity_id 
_entity_poly_seq.num 
_entity_poly_seq.mon_id 
_entity_poly_seq.hetero 
1 1   SER n 
1 2   MET n 
1 3   GLN n 
1 4   GLU n 
1 5   GLU n 
1 6   ASP n 
1 7   THR n 
1 8   PHE n 
1 9   ARG n 
1 10  GLU n 
1 11  LEU n 
1 12  ARG n 
1 13  ILE n 
1 14  PHE n 
1 15  LEU n 
1 16  ARG n 
1 17  ASN n 
1 18  VAL n 
1 19  THR n 
1 20  HIS n 
1 21  ARG n 
1 22  LEU n 
1 23  ALA n 
1 24  ILE n 
1 25  ASP n 
1 26  LYS n 
1 27  ARG n 
1 28  PHE n 
1 29  ARG n 
1 30  VAL n 
1 31  PHE n 
1 32  THR n 
1 33  LYS n 
1 34  PRO n 
1 35  VAL n 
1 36  ASP n 
1 37  PRO n 
1 38  ASP n 
1 39  GLU n 
1 40  VAL n 
1 41  PRO n 
1 42  ASP n 
1 43  TYR n 
1 44  ARG n 
1 45  THR n 
1 46  VAL n 
1 47  ILE n 
1 48  LYS n 
1 49  GLU n 
1 50  PRO n 
1 51  MET n 
1 52  ASP n 
1 53  LEU n 
1 54  SER n 
1 55  SER n 
1 56  VAL n 
1 57  ILE n 
1 58  SER n 
1 59  LYS n 
1 60  ILE n 
1 61  ASP n 
1 62  LEU n 
1 63  HIS n 
1 64  LYS n 
1 65  TYR n 
1 66  LEU n 
1 67  THR n 
1 68  VAL n 
1 69  LYS n 
1 70  ASP n 
1 71  TYR n 
1 72  LEU n 
1 73  ARG n 
1 74  ASP n 
1 75  ILE n 
1 76  ASP n 
1 77  LEU n 
1 78  ILE n 
1 79  CYS n 
1 80  SER n 
1 81  ASN n 
1 82  ALA n 
1 83  LEU n 
1 84  GLU n 
1 85  TYR n 
1 86  ASN n 
1 87  PRO n 
1 88  ASP n 
1 89  ARG n 
1 90  ASP n 
1 91  PRO n 
1 92  GLY n 
1 93  ASP n 
1 94  ARG n 
1 95  LEU n 
1 96  ILE n 
1 97  ARG n 
1 98  HIS n 
1 99  ARG n 
1 100 ALA n 
1 101 CYS n 
1 102 ALA n 
1 103 LEU n 
1 104 ARG n 
1 105 ASP n 
1 106 THR n 
1 107 ALA n 
1 108 TYR n 
1 109 ALA n 
1 110 ILE n 
1 111 ILE n 
1 112 LYS n 
1 113 GLU n 
1 114 GLU n 
1 115 LEU n 
1 116 ASP n 
1 117 GLU n 
1 118 ASP n 
1 119 PHE n 
1 120 GLU n 
1 121 GLN n 
1 122 LEU n 
1 123 CYS n 
1 124 GLU n 
1 125 GLU n 
1 126 ILE n 
1 127 GLN n 
1 128 GLU n 
1 129 SER n 
1 130 ARG n 
# 
_entity_src_gen.entity_id                          1 
_entity_src_gen.pdbx_src_id                        1 
_entity_src_gen.pdbx_alt_source_flag               sample 
_entity_src_gen.pdbx_seq_type                      'Biological sequence' 
_entity_src_gen.pdbx_beg_seq_num                   1 
_entity_src_gen.pdbx_end_seq_num                   130 
_entity_src_gen.gene_src_common_name               human 
_entity_src_gen.gene_src_genus                     ? 
_entity_src_gen.pdbx_gene_src_gene                 'ATAD2, L16, PRO2000' 
_entity_src_gen.gene_src_species                   ? 
_entity_src_gen.gene_src_strain                    ? 
_entity_src_gen.gene_src_tissue                    ? 
_entity_src_gen.gene_src_tissue_fraction           ? 
_entity_src_gen.gene_src_details                   ? 
_entity_src_gen.pdbx_gene_src_fragment             ? 
_entity_src_gen.pdbx_gene_src_scientific_name      'Homo sapiens' 
_entity_src_gen.pdbx_gene_src_ncbi_taxonomy_id     9606 
_entity_src_gen.pdbx_gene_src_variant              ? 
_entity_src_gen.pdbx_gene_src_cell_line            ? 
_entity_src_gen.pdbx_gene_src_atcc                 ? 
_entity_src_gen.pdbx_gene_src_organ                ? 
_entity_src_gen.pdbx_gene_src_organelle            ? 
_entity_src_gen.pdbx_gene_src_cell                 ? 
_entity_src_gen.pdbx_gene_src_cellular_location    ? 
_entity_src_gen.host_org_common_name               ? 
_entity_src_gen.pdbx_host_org_scientific_name      'Escherichia coli' 
_entity_src_gen.pdbx_host_org_ncbi_taxonomy_id     562 
_entity_src_gen.host_org_genus                     ? 
_entity_src_gen.pdbx_host_org_gene                 ? 
_entity_src_gen.pdbx_host_org_organ                ? 
_entity_src_gen.host_org_species                   ? 
_entity_src_gen.pdbx_host_org_tissue               ? 
_entity_src_gen.pdbx_host_org_tissue_fraction      ? 
_entity_src_gen.pdbx_host_org_strain               ? 
_entity_src_gen.pdbx_host_org_variant              ? 
_entity_src_gen.pdbx_host_org_cell_line            ? 
_entity_src_gen.pdbx_host_org_atcc                 ? 
_entity_src_gen.pdbx_host_org_culture_collection   ? 
_entity_src_gen.pdbx_host_org_cell                 ? 
_entity_src_gen.pdbx_host_org_organelle            ? 
_entity_src_gen.pdbx_host_org_cellular_location    ? 
_entity_src_gen.pdbx_host_org_vector_type          ? 
_entity_src_gen.pdbx_host_org_vector               ? 
_entity_src_gen.host_org_details                   ? 
_entity_src_gen.expression_system_id               ? 
_entity_src_gen.plasmid_name                       ? 
_entity_src_gen.plasmid_details                    ? 
_entity_src_gen.pdbx_description                   ? 
# 
loop_
_chem_comp.id 
_chem_comp.type 
_chem_comp.mon_nstd_flag 
_chem_comp.name 
_chem_comp.pdbx_synonyms 
_chem_comp.formula 
_chem_comp.formula_weight 
ALA 'L-peptide linking' y ALANINE         ?                 'C3 H7 N O2'     89.093  
ARG 'L-peptide linking' y ARGININE        ?                 'C6 H15 N4 O2 1' 175.209 
ASN 'L-peptide linking' y ASPARAGINE      ?                 'C4 H8 N2 O3'    132.118 
ASP 'L-peptide linking' y 'ASPARTIC ACID' ?                 'C4 H7 N O4'     133.103 
CYS 'L-peptide linking' y CYSTEINE        ?                 'C3 H7 N O2 S'   121.158 
EDO non-polymer         . 1,2-ETHANEDIOL  'ETHYLENE GLYCOL' 'C2 H6 O2'       62.068  
GLN 'L-peptide linking' y GLUTAMINE       ?                 'C5 H10 N2 O3'   146.144 
GLU 'L-peptide linking' y 'GLUTAMIC ACID' ?                 'C5 H9 N O4'     147.129 
GLY 'peptide linking'   y GLYCINE         ?                 'C2 H5 N O2'     75.067  
HIS 'L-peptide linking' y HISTIDINE       ?                 'C6 H10 N3 O2 1' 156.162 
HOH non-polymer         . WATER           ?                 'H2 O'           18.015  
ILE 'L-peptide linking' y ISOLEUCINE      ?                 'C6 H13 N O2'    131.173 
LEU 'L-peptide linking' y LEUCINE         ?                 'C6 H13 N O2'    131.173 
LYS 'L-peptide linking' y LYSINE          ?                 'C6 H15 N2 O2 1' 147.195 
MET 'L-peptide linking' y METHIONINE      ?                 'C5 H11 N O2 S'  149.211 
PHE 'L-peptide linking' y PHENYLALANINE   ?                 'C9 H11 N O2'    165.189 
PRO 'L-peptide linking' y PROLINE         ?                 'C5 H9 N O2'     115.130 
SER 'L-peptide linking' y SERINE          ?                 'C3 H7 N O3'     105.093 
THR 'L-peptide linking' y THREONINE       ?                 'C4 H9 N O3'     119.119 
TYR 'L-peptide linking' y TYROSINE        ?                 'C9 H11 N O3'    181.189 
VAL 'L-peptide linking' y VALINE          ?                 'C5 H11 N O2'    117.146 
# 
loop_
_pdbx_poly_seq_scheme.asym_id 
_pdbx_poly_seq_scheme.entity_id 
_pdbx_poly_seq_scheme.seq_id 
_pdbx_poly_seq_scheme.mon_id 
_pdbx_poly_seq_scheme.ndb_seq_num 
_pdbx_poly_seq_scheme.pdb_seq_num 
_pdbx_poly_seq_scheme.auth_seq_num 
_pdbx_poly_seq_scheme.pdb_mon_id 
_pdbx_poly_seq_scheme.auth_mon_id 
_pdbx_poly_seq_scheme.pdb_strand_id 
_pdbx_poly_seq_scheme.pdb_ins_code 
_pdbx_poly_seq_scheme.hetero 
A 1 1   SER 1   979  979  SER SER A . n 
A 1 2   MET 2   980  980  MET MET A . n 
A 1 3   GLN 3   981  981  GLN GLN A . n 
A 1 4   GLU 4   982  982  GLU GLU A . n 
A 1 5   GLU 5   983  983  GLU GLU A . n 
A 1 6   ASP 6   984  984  ASP ASP A . n 
A 1 7   THR 7   985  985  THR THR A . n 
A 1 8   PHE 8   986  986  PHE PHE A . n 
A 1 9   ARG 9   987  987  ARG ARG A . n 
A 1 10  GLU 10  988  988  GLU GLU A . n 
A 1 11  LEU 11  989  989  LEU LEU A . n 
A 1 12  ARG 12  990  990  ARG ARG A . n 
A 1 13  ILE 13  991  991  ILE ILE A . n 
A 1 14  PHE 14  992  992  PHE PHE A . n 
A 1 15  LEU 15  993  993  LEU LEU A . n 
A 1 16  ARG 16  994  994  ARG ARG A . n 
A 1 17  ASN 17  995  995  ASN ASN A . n 
A 1 18  VAL 18  996  996  VAL VAL A . n 
A 1 19  THR 19  997  997  THR THR A . n 
A 1 20  HIS 20  998  998  HIS HIS A . n 
A 1 21  ARG 21  999  999  ARG ARG A . n 
A 1 22  LEU 22  1000 1000 LEU LEU A . n 
A 1 23  ALA 23  1001 1001 ALA ALA A . n 
A 1 24  ILE 24  1002 1002 ILE ILE A . n 
A 1 25  ASP 25  1003 1003 ASP ASP A . n 
A 1 26  LYS 26  1004 1004 LYS LYS A . n 
A 1 27  ARG 27  1005 1005 ARG ARG A . n 
A 1 28  PHE 28  1006 1006 PHE PHE A . n 
A 1 29  ARG 29  1007 1007 ARG ARG A . n 
A 1 30  VAL 30  1008 1008 VAL VAL A . n 
A 1 31  PHE 31  1009 1009 PHE PHE A . n 
A 1 32  THR 32  1010 1010 THR THR A . n 
A 1 33  LYS 33  1011 1011 LYS LYS A . n 
A 1 34  PRO 34  1012 1012 PRO PRO A . n 
A 1 35  VAL 35  1013 1013 VAL VAL A . n 
A 1 36  ASP 36  1014 1014 ASP ASP A . n 
A 1 37  PRO 37  1015 1015 PRO PRO A . n 
A 1 38  ASP 38  1016 1016 ASP ASP A . n 
A 1 39  GLU 39  1017 1017 GLU GLU A . n 
A 1 40  VAL 40  1018 1018 VAL VAL A . n 
A 1 41  PRO 41  1019 1019 PRO PRO A . n 
A 1 42  ASP 42  1020 1020 ASP ASP A . n 
A 1 43  TYR 43  1021 1021 TYR TYR A . n 
A 1 44  ARG 44  1022 1022 ARG ARG A . n 
A 1 45  THR 45  1023 1023 THR THR A . n 
A 1 46  VAL 46  1024 1024 VAL VAL A . n 
A 1 47  ILE 47  1025 1025 ILE ILE A . n 
A 1 48  LYS 48  1026 1026 LYS LYS A . n 
A 1 49  GLU 49  1027 1027 GLU GLU A . n 
A 1 50  PRO 50  1028 1028 PRO PRO A . n 
A 1 51  MET 51  1029 1029 MET MET A . n 
A 1 52  ASP 52  1030 1030 ASP ASP A . n 
A 1 53  LEU 53  1031 1031 LEU LEU A . n 
A 1 54  SER 54  1032 1032 SER SER A . n 
A 1 55  SER 55  1033 1033 SER SER A . n 
A 1 56  VAL 56  1034 1034 VAL VAL A . n 
A 1 57  ILE 57  1035 1035 ILE ILE A . n 
A 1 58  SER 58  1036 1036 SER SER A . n 
A 1 59  LYS 59  1037 1037 LYS LYS A . n 
A 1 60  ILE 60  1038 1038 ILE ILE A . n 
A 1 61  ASP 61  1039 1039 ASP ASP A . n 
A 1 62  LEU 62  1040 1040 LEU LEU A . n 
A 1 63  HIS 63  1041 1041 HIS HIS A . n 
A 1 64  LYS 64  1042 1042 LYS LYS A . n 
A 1 65  TYR 65  1043 1043 TYR TYR A . n 
A 1 66  LEU 66  1044 1044 LEU LEU A . n 
A 1 67  THR 67  1045 1045 THR THR A . n 
A 1 68  VAL 68  1046 1046 VAL VAL A . n 
A 1 69  LYS 69  1047 1047 LYS LYS A . n 
A 1 70  ASP 70  1048 1048 ASP ASP A . n 
A 1 71  TYR 71  1049 1049 TYR TYR A . n 
A 1 72  LEU 72  1050 1050 LEU LEU A . n 
A 1 73  ARG 73  1051 1051 ARG ARG A . n 
A 1 74  ASP 74  1052 1052 ASP ASP A . n 
A 1 75  ILE 75  1053 1053 ILE ILE A . n 
A 1 76  ASP 76  1054 1054 ASP ASP A . n 
A 1 77  LEU 77  1055 1055 LEU LEU A . n 
A 1 78  ILE 78  1056 1056 ILE ILE A . n 
A 1 79  CYS 79  1057 1057 CYS CYS A . n 
A 1 80  SER 80  1058 1058 SER SER A . n 
A 1 81  ASN 81  1059 1059 ASN ASN A . n 
A 1 82  ALA 82  1060 1060 ALA ALA A . n 
A 1 83  LEU 83  1061 1061 LEU LEU A . n 
A 1 84  GLU 84  1062 1062 GLU GLU A . n 
A 1 85  TYR 85  1063 1063 TYR TYR A . n 
A 1 86  ASN 86  1064 1064 ASN ASN A . n 
A 1 87  PRO 87  1065 1065 PRO PRO A . n 
A 1 88  ASP 88  1066 1066 ASP ASP A . n 
A 1 89  ARG 89  1067 1067 ARG ARG A . n 
A 1 90  ASP 90  1068 1068 ASP ASP A . n 
A 1 91  PRO 91  1069 1069 PRO PRO A . n 
A 1 92  GLY 92  1070 1070 GLY GLY A . n 
A 1 93  ASP 93  1071 1071 ASP ASP A . n 
A 1 94  ARG 94  1072 1072 ARG ARG A . n 
A 1 95  LEU 95  1073 1073 LEU LEU A . n 
A 1 96  ILE 96  1074 1074 ILE ILE A . n 
A 1 97  ARG 97  1075 1075 ARG ARG A . n 
A 1 98  HIS 98  1076 1076 HIS HIS A . n 
A 1 99  ARG 99  1077 1077 ARG ARG A . n 
A 1 100 ALA 100 1078 1078 ALA ALA A . n 
A 1 101 CYS 101 1079 1079 CYS CYS A . n 
A 1 102 ALA 102 1080 1080 ALA ALA A . n 
A 1 103 LEU 103 1081 1081 LEU LEU A . n 
A 1 104 ARG 104 1082 1082 ARG ARG A . n 
A 1 105 ASP 105 1083 1083 ASP ASP A . n 
A 1 106 THR 106 1084 1084 THR THR A . n 
A 1 107 ALA 107 1085 1085 ALA ALA A . n 
A 1 108 TYR 108 1086 1086 TYR TYR A . n 
A 1 109 ALA 109 1087 1087 ALA ALA A . n 
A 1 110 ILE 110 1088 1088 ILE ILE A . n 
A 1 111 ILE 111 1089 1089 ILE ILE A . n 
A 1 112 LYS 112 1090 1090 LYS LYS A . n 
A 1 113 GLU 113 1091 1091 GLU GLU A . n 
A 1 114 GLU 114 1092 1092 GLU GLU A . n 
A 1 115 LEU 115 1093 1093 LEU LEU A . n 
A 1 116 ASP 116 1094 1094 ASP ASP A . n 
A 1 117 GLU 117 1095 1095 GLU GLU A . n 
A 1 118 ASP 118 1096 1096 ASP ASP A . n 
A 1 119 PHE 119 1097 1097 PHE PHE A . n 
A 1 120 GLU 120 1098 1098 GLU GLU A . n 
A 1 121 GLN 121 1099 1099 GLN GLN A . n 
A 1 122 LEU 122 1100 1100 LEU LEU A . n 
A 1 123 CYS 123 1101 1101 CYS CYS A . n 
A 1 124 GLU 124 1102 1102 GLU GLU A . n 
A 1 125 GLU 125 1103 1103 GLU GLU A . n 
A 1 126 ILE 126 1104 1104 ILE ILE A . n 
A 1 127 GLN 127 1105 1105 GLN GLN A . n 
A 1 128 GLU 128 1106 1106 GLU GLU A . n 
A 1 129 SER 129 1107 1107 SER SER A . n 
A 1 130 ARG 130 1108 1108 ARG ARG A . n 
# 
loop_
_pdbx_nonpoly_scheme.asym_id 
_pdbx_nonpoly_scheme.entity_id 
_pdbx_nonpoly_scheme.mon_id 
_pdbx_nonpoly_scheme.ndb_seq_num 
_pdbx_nonpoly_scheme.pdb_seq_num 
_pdbx_nonpoly_scheme.auth_seq_num 
_pdbx_nonpoly_scheme.pdb_mon_id 
_pdbx_nonpoly_scheme.auth_mon_id 
_pdbx_nonpoly_scheme.pdb_strand_id 
_pdbx_nonpoly_scheme.pdb_ins_code 
B 2 EDO 1   1201 1   EDO EDO A . 
C 2 EDO 1   1202 2   EDO EDO A . 
D 3 HOH 1   1301 161 HOH HOH A . 
D 3 HOH 2   1302 160 HOH HOH A . 
D 3 HOH 3   1303 86  HOH HOH A . 
D 3 HOH 4   1304 119 HOH HOH A . 
D 3 HOH 5   1305 63  HOH HOH A . 
D 3 HOH 6   1306 65  HOH HOH A . 
D 3 HOH 7   1307 4   HOH HOH A . 
D 3 HOH 8   1308 25  HOH HOH A . 
D 3 HOH 9   1309 85  HOH HOH A . 
D 3 HOH 10  1310 134 HOH HOH A . 
D 3 HOH 11  1311 159 HOH HOH A . 
D 3 HOH 12  1312 76  HOH HOH A . 
D 3 HOH 13  1313 17  HOH HOH A . 
D 3 HOH 14  1314 109 HOH HOH A . 
D 3 HOH 15  1315 53  HOH HOH A . 
D 3 HOH 16  1316 36  HOH HOH A . 
D 3 HOH 17  1317 68  HOH HOH A . 
D 3 HOH 18  1318 91  HOH HOH A . 
D 3 HOH 19  1319 9   HOH HOH A . 
D 3 HOH 20  1320 73  HOH HOH A . 
D 3 HOH 21  1321 28  HOH HOH A . 
D 3 HOH 22  1322 29  HOH HOH A . 
D 3 HOH 23  1323 39  HOH HOH A . 
D 3 HOH 24  1324 33  HOH HOH A . 
D 3 HOH 25  1325 88  HOH HOH A . 
D 3 HOH 26  1326 97  HOH HOH A . 
D 3 HOH 27  1327 49  HOH HOH A . 
D 3 HOH 28  1328 34  HOH HOH A . 
D 3 HOH 29  1329 38  HOH HOH A . 
D 3 HOH 30  1330 18  HOH HOH A . 
D 3 HOH 31  1331 20  HOH HOH A . 
D 3 HOH 32  1332 3   HOH HOH A . 
D 3 HOH 33  1333 13  HOH HOH A . 
D 3 HOH 34  1334 81  HOH HOH A . 
D 3 HOH 35  1335 15  HOH HOH A . 
D 3 HOH 36  1336 148 HOH HOH A . 
D 3 HOH 37  1337 144 HOH HOH A . 
D 3 HOH 38  1338 60  HOH HOH A . 
D 3 HOH 39  1339 41  HOH HOH A . 
D 3 HOH 40  1340 70  HOH HOH A . 
D 3 HOH 41  1341 31  HOH HOH A . 
D 3 HOH 42  1342 24  HOH HOH A . 
D 3 HOH 43  1343 40  HOH HOH A . 
D 3 HOH 44  1344 10  HOH HOH A . 
D 3 HOH 45  1345 51  HOH HOH A . 
D 3 HOH 46  1346 69  HOH HOH A . 
D 3 HOH 47  1347 8   HOH HOH A . 
D 3 HOH 48  1348 59  HOH HOH A . 
D 3 HOH 49  1349 35  HOH HOH A . 
D 3 HOH 50  1350 23  HOH HOH A . 
D 3 HOH 51  1351 2   HOH HOH A . 
D 3 HOH 52  1352 14  HOH HOH A . 
D 3 HOH 53  1353 117 HOH HOH A . 
D 3 HOH 54  1354 11  HOH HOH A . 
D 3 HOH 55  1355 19  HOH HOH A . 
D 3 HOH 56  1356 54  HOH HOH A . 
D 3 HOH 57  1357 122 HOH HOH A . 
D 3 HOH 58  1358 26  HOH HOH A . 
D 3 HOH 59  1359 84  HOH HOH A . 
D 3 HOH 60  1360 64  HOH HOH A . 
D 3 HOH 61  1361 89  HOH HOH A . 
D 3 HOH 62  1362 99  HOH HOH A . 
D 3 HOH 63  1363 16  HOH HOH A . 
D 3 HOH 64  1364 37  HOH HOH A . 
D 3 HOH 65  1365 5   HOH HOH A . 
D 3 HOH 66  1366 30  HOH HOH A . 
D 3 HOH 67  1367 46  HOH HOH A . 
D 3 HOH 68  1368 103 HOH HOH A . 
D 3 HOH 69  1369 22  HOH HOH A . 
D 3 HOH 70  1370 129 HOH HOH A . 
D 3 HOH 71  1371 118 HOH HOH A . 
D 3 HOH 72  1372 12  HOH HOH A . 
D 3 HOH 73  1373 77  HOH HOH A . 
D 3 HOH 74  1374 98  HOH HOH A . 
D 3 HOH 75  1375 1   HOH HOH A . 
D 3 HOH 76  1376 111 HOH HOH A . 
D 3 HOH 77  1377 67  HOH HOH A . 
D 3 HOH 78  1378 32  HOH HOH A . 
D 3 HOH 79  1379 149 HOH HOH A . 
D 3 HOH 80  1380 7   HOH HOH A . 
D 3 HOH 81  1381 107 HOH HOH A . 
D 3 HOH 82  1382 92  HOH HOH A . 
D 3 HOH 83  1383 95  HOH HOH A . 
D 3 HOH 84  1384 131 HOH HOH A . 
D 3 HOH 85  1385 135 HOH HOH A . 
D 3 HOH 86  1386 62  HOH HOH A . 
D 3 HOH 87  1387 6   HOH HOH A . 
D 3 HOH 88  1388 143 HOH HOH A . 
D 3 HOH 89  1389 138 HOH HOH A . 
D 3 HOH 90  1390 58  HOH HOH A . 
D 3 HOH 91  1391 137 HOH HOH A . 
D 3 HOH 92  1392 82  HOH HOH A . 
D 3 HOH 93  1393 43  HOH HOH A . 
D 3 HOH 94  1394 48  HOH HOH A . 
D 3 HOH 95  1395 145 HOH HOH A . 
D 3 HOH 96  1396 157 HOH HOH A . 
D 3 HOH 97  1397 128 HOH HOH A . 
D 3 HOH 98  1398 57  HOH HOH A . 
D 3 HOH 99  1399 155 HOH HOH A . 
D 3 HOH 100 1400 52  HOH HOH A . 
D 3 HOH 101 1401 72  HOH HOH A . 
D 3 HOH 102 1402 21  HOH HOH A . 
D 3 HOH 103 1403 105 HOH HOH A . 
D 3 HOH 104 1404 146 HOH HOH A . 
D 3 HOH 105 1405 110 HOH HOH A . 
D 3 HOH 106 1406 66  HOH HOH A . 
D 3 HOH 107 1407 27  HOH HOH A . 
D 3 HOH 108 1408 102 HOH HOH A . 
D 3 HOH 109 1409 93  HOH HOH A . 
D 3 HOH 110 1410 115 HOH HOH A . 
D 3 HOH 111 1411 108 HOH HOH A . 
D 3 HOH 112 1412 141 HOH HOH A . 
D 3 HOH 113 1413 56  HOH HOH A . 
D 3 HOH 114 1414 42  HOH HOH A . 
D 3 HOH 115 1415 94  HOH HOH A . 
D 3 HOH 116 1416 78  HOH HOH A . 
D 3 HOH 117 1417 120 HOH HOH A . 
D 3 HOH 118 1418 55  HOH HOH A . 
D 3 HOH 119 1419 142 HOH HOH A . 
D 3 HOH 120 1420 96  HOH HOH A . 
D 3 HOH 121 1421 133 HOH HOH A . 
D 3 HOH 122 1422 132 HOH HOH A . 
D 3 HOH 123 1423 80  HOH HOH A . 
D 3 HOH 124 1424 112 HOH HOH A . 
D 3 HOH 125 1425 71  HOH HOH A . 
D 3 HOH 126 1426 75  HOH HOH A . 
D 3 HOH 127 1427 127 HOH HOH A . 
D 3 HOH 128 1428 45  HOH HOH A . 
D 3 HOH 129 1429 101 HOH HOH A . 
D 3 HOH 130 1430 44  HOH HOH A . 
D 3 HOH 131 1431 125 HOH HOH A . 
D 3 HOH 132 1432 139 HOH HOH A . 
# 
loop_
_pdbx_unobs_or_zero_occ_atoms.id 
_pdbx_unobs_or_zero_occ_atoms.PDB_model_num 
_pdbx_unobs_or_zero_occ_atoms.polymer_flag 
_pdbx_unobs_or_zero_occ_atoms.occupancy_flag 
_pdbx_unobs_or_zero_occ_atoms.auth_asym_id 
_pdbx_unobs_or_zero_occ_atoms.auth_comp_id 
_pdbx_unobs_or_zero_occ_atoms.auth_seq_id 
_pdbx_unobs_or_zero_occ_atoms.PDB_ins_code 
_pdbx_unobs_or_zero_occ_atoms.auth_atom_id 
_pdbx_unobs_or_zero_occ_atoms.label_alt_id 
_pdbx_unobs_or_zero_occ_atoms.label_asym_id 
_pdbx_unobs_or_zero_occ_atoms.label_comp_id 
_pdbx_unobs_or_zero_occ_atoms.label_seq_id 
_pdbx_unobs_or_zero_occ_atoms.label_atom_id 
1  1 Y 1 A MET 980  ? CG  ? A MET 2   CG  
2  1 Y 1 A MET 980  ? SD  ? A MET 2   SD  
3  1 Y 1 A MET 980  ? CE  ? A MET 2   CE  
4  1 Y 1 A GLN 981  ? CG  ? A GLN 3   CG  
5  1 Y 1 A GLN 981  ? CD  ? A GLN 3   CD  
6  1 Y 1 A GLN 981  ? OE1 ? A GLN 3   OE1 
7  1 Y 1 A GLN 981  ? NE2 ? A GLN 3   NE2 
8  1 Y 1 A GLU 983  ? CD  ? A GLU 5   CD  
9  1 Y 1 A GLU 983  ? OE1 ? A GLU 5   OE1 
10 1 Y 1 A GLU 983  ? OE2 ? A GLU 5   OE2 
11 1 Y 1 A LYS 1004 ? CG  ? A LYS 26  CG  
12 1 Y 1 A LYS 1004 ? CD  ? A LYS 26  CD  
13 1 Y 1 A LYS 1004 ? CE  ? A LYS 26  CE  
14 1 Y 1 A LYS 1004 ? NZ  ? A LYS 26  NZ  
15 1 Y 1 A LYS 1011 ? CD  ? A LYS 33  CD  
16 1 Y 1 A LYS 1011 ? CE  ? A LYS 33  CE  
17 1 Y 1 A LYS 1011 ? NZ  ? A LYS 33  NZ  
18 1 Y 1 A LYS 1026 ? CG  ? A LYS 48  CG  
19 1 Y 1 A LYS 1026 ? CD  ? A LYS 48  CD  
20 1 Y 1 A LYS 1026 ? CE  ? A LYS 48  CE  
21 1 Y 1 A LYS 1026 ? NZ  ? A LYS 48  NZ  
22 1 Y 1 A LYS 1047 ? CD  ? A LYS 69  CD  
23 1 Y 1 A LYS 1047 ? CE  ? A LYS 69  CE  
24 1 Y 1 A LYS 1047 ? NZ  ? A LYS 69  NZ  
25 1 Y 1 A ASP 1066 ? CG  ? A ASP 88  CG  
26 1 Y 1 A ASP 1066 ? OD1 ? A ASP 88  OD1 
27 1 Y 1 A ASP 1066 ? OD2 ? A ASP 88  OD2 
28 1 Y 1 A ARG 1067 ? CG  ? A ARG 89  CG  
29 1 Y 1 A ARG 1067 ? CD  ? A ARG 89  CD  
30 1 Y 1 A ARG 1067 ? NE  ? A ARG 89  NE  
31 1 Y 1 A ARG 1067 ? CZ  ? A ARG 89  CZ  
32 1 Y 1 A ARG 1067 ? NH1 ? A ARG 89  NH1 
33 1 Y 1 A ARG 1067 ? NH2 ? A ARG 89  NH2 
34 1 Y 1 A GLU 1091 ? CG  ? A GLU 113 CG  
35 1 Y 1 A GLU 1091 ? CD  ? A GLU 113 CD  
36 1 Y 1 A GLU 1091 ? OE1 ? A GLU 113 OE1 
37 1 Y 1 A GLU 1091 ? OE2 ? A GLU 113 OE2 
38 1 Y 1 A GLU 1095 ? CG  ? A GLU 117 CG  
39 1 Y 1 A GLU 1095 ? CD  ? A GLU 117 CD  
40 1 Y 1 A GLU 1095 ? OE1 ? A GLU 117 OE1 
41 1 Y 1 A GLU 1095 ? OE2 ? A GLU 117 OE2 
42 1 Y 1 A GLU 1106 ? CD  ? A GLU 128 CD  
43 1 Y 1 A GLU 1106 ? OE1 ? A GLU 128 OE1 
44 1 Y 1 A GLU 1106 ? OE2 ? A GLU 128 OE2 
# 
loop_
_software.citation_id 
_software.classification 
_software.compiler_name 
_software.compiler_version 
_software.contact_author 
_software.contact_author_email 
_software.date 
_software.description 
_software.dependencies 
_software.hardware 
_software.language 
_software.location 
_software.mods 
_software.name 
_software.os 
_software.os_version 
_software.type 
_software.version 
_software.pdbx_ordinal 
? refinement       ? ? ? ? ? ? ? ? ? ? ? REFMAC ? ? ? 5.8.0425 1 
? 'data reduction' ? ? ? ? ? ? ? ? ? ? ? xia2   ? ? ? .        2 
? 'data scaling'   ? ? ? ? ? ? ? ? ? ? ? xia2   ? ? ? .        3 
? phasing          ? ? ? ? ? ? ? ? ? ? ? REFMAC ? ? ? .        4 
# 
_cell.angle_alpha                  90.000 
_cell.angle_alpha_esd              ? 
_cell.angle_beta                   90.000 
_cell.angle_beta_esd               ? 
_cell.angle_gamma                  90.000 
_cell.angle_gamma_esd              ? 
_cell.entry_id                     8RU5 
_cell.details                      ? 
_cell.formula_units_Z              ? 
_cell.length_a                     38.400 
_cell.length_a_esd                 ? 
_cell.length_b                     47.760 
_cell.length_b_esd                 ? 
_cell.length_c                     80.290 
_cell.length_c_esd                 ? 
_cell.volume                       ? 
_cell.volume_esd                   ? 
_cell.Z_PDB                        4 
_cell.reciprocal_angle_alpha       ? 
_cell.reciprocal_angle_beta        ? 
_cell.reciprocal_angle_gamma       ? 
_cell.reciprocal_angle_alpha_esd   ? 
_cell.reciprocal_angle_beta_esd    ? 
_cell.reciprocal_angle_gamma_esd   ? 
_cell.reciprocal_length_a          ? 
_cell.reciprocal_length_b          ? 
_cell.reciprocal_length_c          ? 
_cell.reciprocal_length_a_esd      ? 
_cell.reciprocal_length_b_esd      ? 
_cell.reciprocal_length_c_esd      ? 
_cell.pdbx_unique_axis             ? 
_cell.pdbx_esd_method              ? 
# 
_symmetry.entry_id                         8RU5 
_symmetry.cell_setting                     ? 
_symmetry.Int_Tables_number                19 
_symmetry.space_group_name_Hall            ? 
_symmetry.space_group_name_H-M             'P 21 21 21' 
_symmetry.pdbx_full_space_group_name_H-M   ? 
# 
_exptl.absorpt_coefficient_mu     ? 
_exptl.absorpt_correction_T_max   ? 
_exptl.absorpt_correction_T_min   ? 
_exptl.absorpt_correction_type    ? 
_exptl.absorpt_process_details    ? 
_exptl.entry_id                   8RU5 
_exptl.crystals_number            1 
_exptl.details                    ? 
_exptl.method                     'X-RAY DIFFRACTION' 
_exptl.method_details             ? 
# 
_exptl_crystal.colour                       ? 
_exptl_crystal.density_diffrn               ? 
_exptl_crystal.density_Matthews             2.37 
_exptl_crystal.density_method               ? 
_exptl_crystal.density_percent_sol          48.17 
_exptl_crystal.description                  ? 
_exptl_crystal.F_000                        ? 
_exptl_crystal.id                           1 
_exptl_crystal.preparation                  ? 
_exptl_crystal.size_max                     ? 
_exptl_crystal.size_mid                     ? 
_exptl_crystal.size_min                     ? 
_exptl_crystal.size_rad                     ? 
_exptl_crystal.colour_lustre                ? 
_exptl_crystal.colour_modifier              ? 
_exptl_crystal.colour_primary               ? 
_exptl_crystal.density_meas                 ? 
_exptl_crystal.density_meas_esd             ? 
_exptl_crystal.density_meas_gt              ? 
_exptl_crystal.density_meas_lt              ? 
_exptl_crystal.density_meas_temp            ? 
_exptl_crystal.density_meas_temp_esd        ? 
_exptl_crystal.density_meas_temp_gt         ? 
_exptl_crystal.density_meas_temp_lt         ? 
_exptl_crystal.pdbx_crystal_image_url       ? 
_exptl_crystal.pdbx_crystal_image_format    ? 
_exptl_crystal.pdbx_mosaicity               ? 
_exptl_crystal.pdbx_mosaicity_esd           ? 
_exptl_crystal.pdbx_mosaic_method           ? 
_exptl_crystal.pdbx_mosaic_block_size       ? 
_exptl_crystal.pdbx_mosaic_block_size_esd   ? 
# 
_exptl_crystal_grow.apparatus       ? 
_exptl_crystal_grow.atmosphere      ? 
_exptl_crystal_grow.crystal_id      1 
_exptl_crystal_grow.details         ? 
_exptl_crystal_grow.method          'VAPOR DIFFUSION, SITTING DROP' 
_exptl_crystal_grow.method_ref      ? 
_exptl_crystal_grow.pH              ? 
_exptl_crystal_grow.pressure        ? 
_exptl_crystal_grow.pressure_esd    ? 
_exptl_crystal_grow.seeding         ? 
_exptl_crystal_grow.seeding_ref     ? 
_exptl_crystal_grow.temp_details    ? 
_exptl_crystal_grow.temp_esd        ? 
_exptl_crystal_grow.time            ? 
_exptl_crystal_grow.pdbx_details    
;20% PEG6000
10% ethylene glycol
0.1M tris pH 7.5
0.1M calcium chloride
;
_exptl_crystal_grow.pdbx_pH_range   ? 
_exptl_crystal_grow.temp            293 
# 
_diffrn.ambient_environment              ? 
_diffrn.ambient_temp                     100 
_diffrn.ambient_temp_details             ? 
_diffrn.ambient_temp_esd                 ? 
_diffrn.crystal_id                       1 
_diffrn.crystal_support                  ? 
_diffrn.crystal_treatment                ? 
_diffrn.details                          ? 
_diffrn.id                               1 
_diffrn.ambient_pressure                 ? 
_diffrn.ambient_pressure_esd             ? 
_diffrn.ambient_pressure_gt              ? 
_diffrn.ambient_pressure_lt              ? 
_diffrn.ambient_temp_gt                  ? 
_diffrn.ambient_temp_lt                  ? 
_diffrn.pdbx_serial_crystal_experiment   N 
# 
_diffrn_detector.details                      ? 
_diffrn_detector.detector                     PIXEL 
_diffrn_detector.diffrn_id                    1 
_diffrn_detector.type                         'DECTRIS PILATUS 2M' 
_diffrn_detector.area_resol_mean              ? 
_diffrn_detector.dtime                        ? 
_diffrn_detector.pdbx_frames_total            ? 
_diffrn_detector.pdbx_collection_time_total   ? 
_diffrn_detector.pdbx_collection_date         2015-02-05 
_diffrn_detector.pdbx_frequency               ? 
_diffrn_detector.id                           ? 
_diffrn_detector.number_of_axes               ? 
# 
_diffrn_radiation.collimation                      ? 
_diffrn_radiation.diffrn_id                        1 
_diffrn_radiation.filter_edge                      ? 
_diffrn_radiation.inhomogeneity                    ? 
_diffrn_radiation.monochromator                    ? 
_diffrn_radiation.polarisn_norm                    ? 
_diffrn_radiation.polarisn_ratio                   ? 
_diffrn_radiation.probe                            ? 
_diffrn_radiation.type                             ? 
_diffrn_radiation.xray_symbol                      ? 
_diffrn_radiation.wavelength_id                    1 
_diffrn_radiation.pdbx_monochromatic_or_laue_m_l   M 
_diffrn_radiation.pdbx_wavelength_list             ? 
_diffrn_radiation.pdbx_wavelength                  ? 
_diffrn_radiation.pdbx_diffrn_protocol             'SINGLE WAVELENGTH' 
_diffrn_radiation.pdbx_analyzer                    ? 
_diffrn_radiation.pdbx_scattering_type             x-ray 
# 
_diffrn_radiation_wavelength.id           1 
_diffrn_radiation_wavelength.wavelength   0.91739 
_diffrn_radiation_wavelength.wt           1.0 
# 
_diffrn_source.current                     ? 
_diffrn_source.details                     ? 
_diffrn_source.diffrn_id                   1 
_diffrn_source.power                       ? 
_diffrn_source.size                        ? 
_diffrn_source.source                      SYNCHROTRON 
_diffrn_source.target                      ? 
_diffrn_source.type                        'DIAMOND BEAMLINE I04-1' 
_diffrn_source.voltage                     ? 
_diffrn_source.take-off_angle              ? 
_diffrn_source.pdbx_wavelength_list        0.91739 
_diffrn_source.pdbx_wavelength             ? 
_diffrn_source.pdbx_synchrotron_beamline   I04-1 
_diffrn_source.pdbx_synchrotron_site       Diamond 
# 
_reflns.B_iso_Wilson_estimate                          ? 
_reflns.entry_id                                       8RU5 
_reflns.data_reduction_details                         ? 
_reflns.data_reduction_method                          ? 
_reflns.d_resolution_high                              1.36 
_reflns.d_resolution_low                               41.05 
_reflns.details                                        ? 
_reflns.limit_h_max                                    ? 
_reflns.limit_h_min                                    ? 
_reflns.limit_k_max                                    ? 
_reflns.limit_k_min                                    ? 
_reflns.limit_l_max                                    ? 
_reflns.limit_l_min                                    ? 
_reflns.number_all                                     ? 
_reflns.number_obs                                     31956 
_reflns.observed_criterion                             ? 
_reflns.observed_criterion_F_max                       ? 
_reflns.observed_criterion_F_min                       ? 
_reflns.observed_criterion_I_max                       ? 
_reflns.observed_criterion_I_min                       ? 
_reflns.observed_criterion_sigma_F                     ? 
_reflns.observed_criterion_sigma_I                     ? 
_reflns.percent_possible_obs                           98.6 
_reflns.R_free_details                                 ? 
_reflns.Rmerge_F_all                                   ? 
_reflns.Rmerge_F_obs                                   ? 
_reflns.Friedel_coverage                               ? 
_reflns.number_gt                                      ? 
_reflns.threshold_expression                           ? 
_reflns.pdbx_redundancy                                6.4 
_reflns.pdbx_netI_over_av_sigmaI                       ? 
_reflns.pdbx_netI_over_sigmaI                          19.1 
_reflns.pdbx_res_netI_over_av_sigmaI_2                 ? 
_reflns.pdbx_res_netI_over_sigmaI_2                    ? 
_reflns.pdbx_chi_squared                               ? 
_reflns.pdbx_scaling_rejects                           ? 
_reflns.pdbx_d_res_high_opt                            ? 
_reflns.pdbx_d_res_low_opt                             ? 
_reflns.pdbx_d_res_opt_method                          ? 
_reflns.phase_calculation_details                      ? 
_reflns.pdbx_Rrim_I_all                                ? 
_reflns.pdbx_Rpim_I_all                                ? 
_reflns.pdbx_d_opt                                     ? 
_reflns.pdbx_number_measured_all                       ? 
_reflns.pdbx_diffrn_id                                 1 
_reflns.pdbx_ordinal                                   1 
_reflns.pdbx_CC_half                                   0.999 
_reflns.pdbx_CC_star                                   ? 
_reflns.pdbx_R_split                                   ? 
_reflns.pdbx_Rmerge_I_obs                              ? 
_reflns.pdbx_Rmerge_I_all                              ? 
_reflns.pdbx_Rsym_value                                ? 
_reflns.pdbx_CC_split_method                           ? 
_reflns.pdbx_aniso_diffraction_limit_axis_1_ortho[1]   ? 
_reflns.pdbx_aniso_diffraction_limit_axis_1_ortho[2]   ? 
_reflns.pdbx_aniso_diffraction_limit_axis_1_ortho[3]   ? 
_reflns.pdbx_aniso_diffraction_limit_axis_2_ortho[1]   ? 
_reflns.pdbx_aniso_diffraction_limit_axis_2_ortho[2]   ? 
_reflns.pdbx_aniso_diffraction_limit_axis_2_ortho[3]   ? 
_reflns.pdbx_aniso_diffraction_limit_axis_3_ortho[1]   ? 
_reflns.pdbx_aniso_diffraction_limit_axis_3_ortho[2]   ? 
_reflns.pdbx_aniso_diffraction_limit_axis_3_ortho[3]   ? 
_reflns.pdbx_aniso_diffraction_limit_1                 ? 
_reflns.pdbx_aniso_diffraction_limit_2                 ? 
_reflns.pdbx_aniso_diffraction_limit_3                 ? 
_reflns.pdbx_aniso_B_tensor_eigenvector_1_ortho[1]     ? 
_reflns.pdbx_aniso_B_tensor_eigenvector_1_ortho[2]     ? 
_reflns.pdbx_aniso_B_tensor_eigenvector_1_ortho[3]     ? 
_reflns.pdbx_aniso_B_tensor_eigenvector_2_ortho[1]     ? 
_reflns.pdbx_aniso_B_tensor_eigenvector_2_ortho[2]     ? 
_reflns.pdbx_aniso_B_tensor_eigenvector_2_ortho[3]     ? 
_reflns.pdbx_aniso_B_tensor_eigenvector_3_ortho[1]     ? 
_reflns.pdbx_aniso_B_tensor_eigenvector_3_ortho[2]     ? 
_reflns.pdbx_aniso_B_tensor_eigenvector_3_ortho[3]     ? 
_reflns.pdbx_aniso_B_tensor_eigenvalue_1               ? 
_reflns.pdbx_aniso_B_tensor_eigenvalue_2               ? 
_reflns.pdbx_aniso_B_tensor_eigenvalue_3               ? 
_reflns.pdbx_orthogonalization_convention              ? 
_reflns.pdbx_percent_possible_ellipsoidal              ? 
_reflns.pdbx_percent_possible_spherical                ? 
_reflns.pdbx_percent_possible_ellipsoidal_anomalous    ? 
_reflns.pdbx_percent_possible_spherical_anomalous      ? 
_reflns.pdbx_redundancy_anomalous                      ? 
_reflns.pdbx_CC_half_anomalous                         ? 
_reflns.pdbx_absDiff_over_sigma_anomalous              ? 
_reflns.pdbx_percent_possible_anomalous                ? 
_reflns.pdbx_observed_signal_threshold                 ? 
_reflns.pdbx_signal_type                               ? 
_reflns.pdbx_signal_details                            ? 
_reflns.pdbx_signal_software_id                        ? 
# 
_reflns_shell.d_res_high                                    1.36 
_reflns_shell.d_res_low                                     1.40 
_reflns_shell.meanI_over_sigI_all                           ? 
_reflns_shell.meanI_over_sigI_obs                           ? 
_reflns_shell.number_measured_all                           ? 
_reflns_shell.number_measured_obs                           ? 
_reflns_shell.number_possible                               ? 
_reflns_shell.number_unique_all                             ? 
_reflns_shell.number_unique_obs                             2196 
_reflns_shell.percent_possible_obs                          ? 
_reflns_shell.Rmerge_F_all                                  ? 
_reflns_shell.Rmerge_F_obs                                  ? 
_reflns_shell.meanI_over_sigI_gt                            ? 
_reflns_shell.meanI_over_uI_all                             ? 
_reflns_shell.meanI_over_uI_gt                              ? 
_reflns_shell.number_measured_gt                            ? 
_reflns_shell.number_unique_gt                              ? 
_reflns_shell.percent_possible_gt                           ? 
_reflns_shell.Rmerge_F_gt                                   ? 
_reflns_shell.Rmerge_I_gt                                   ? 
_reflns_shell.pdbx_redundancy                               ? 
_reflns_shell.pdbx_chi_squared                              ? 
_reflns_shell.pdbx_netI_over_sigmaI_all                     ? 
_reflns_shell.pdbx_netI_over_sigmaI_obs                     ? 
_reflns_shell.pdbx_Rrim_I_all                               ? 
_reflns_shell.pdbx_Rpim_I_all                               ? 
_reflns_shell.pdbx_rejects                                  ? 
_reflns_shell.pdbx_ordinal                                  1 
_reflns_shell.pdbx_diffrn_id                                1 
_reflns_shell.pdbx_CC_half                                  0.519 
_reflns_shell.pdbx_CC_star                                  ? 
_reflns_shell.pdbx_R_split                                  ? 
_reflns_shell.percent_possible_all                          ? 
_reflns_shell.Rmerge_I_all                                  ? 
_reflns_shell.Rmerge_I_obs                                  ? 
_reflns_shell.pdbx_Rsym_value                               ? 
_reflns_shell.pdbx_percent_possible_ellipsoidal             ? 
_reflns_shell.pdbx_percent_possible_spherical               ? 
_reflns_shell.pdbx_percent_possible_ellipsoidal_anomalous   ? 
_reflns_shell.pdbx_percent_possible_spherical_anomalous     ? 
_reflns_shell.pdbx_redundancy_anomalous                     ? 
_reflns_shell.pdbx_CC_half_anomalous                        ? 
_reflns_shell.pdbx_absDiff_over_sigma_anomalous             ? 
_reflns_shell.pdbx_percent_possible_anomalous               ? 
# 
_refine.aniso_B[1][1]                            1.625 
_refine.aniso_B[1][2]                            0.000 
_refine.aniso_B[1][3]                            0.000 
_refine.aniso_B[2][2]                            -0.565 
_refine.aniso_B[2][3]                            -0.000 
_refine.aniso_B[3][3]                            -1.061 
_refine.B_iso_max                                ? 
_refine.B_iso_mean                               29.255 
_refine.B_iso_min                                ? 
_refine.correlation_coeff_Fo_to_Fc               0.963 
_refine.correlation_coeff_Fo_to_Fc_free          0.963 
_refine.details                                  'Hydrogens have been used if present in the input file' 
_refine.diff_density_max                         ? 
_refine.diff_density_max_esd                     ? 
_refine.diff_density_min                         ? 
_refine.diff_density_min_esd                     ? 
_refine.diff_density_rms                         ? 
_refine.diff_density_rms_esd                     ? 
_refine.entry_id                                 8RU5 
_refine.pdbx_refine_id                           'X-RAY DIFFRACTION' 
_refine.ls_abs_structure_details                 ? 
_refine.ls_abs_structure_Flack                   ? 
_refine.ls_abs_structure_Flack_esd               ? 
_refine.ls_abs_structure_Rogers                  ? 
_refine.ls_abs_structure_Rogers_esd              ? 
_refine.ls_d_res_high                            1.360 
_refine.ls_d_res_low                             41.047 
_refine.ls_extinction_coef                       ? 
_refine.ls_extinction_coef_esd                   ? 
_refine.ls_extinction_expression                 ? 
_refine.ls_extinction_method                     ? 
_refine.ls_goodness_of_fit_all                   ? 
_refine.ls_goodness_of_fit_all_esd               ? 
_refine.ls_goodness_of_fit_obs                   ? 
_refine.ls_goodness_of_fit_obs_esd               ? 
_refine.ls_hydrogen_treatment                    ? 
_refine.ls_matrix_type                           ? 
_refine.ls_number_constraints                    ? 
_refine.ls_number_parameters                     ? 
_refine.ls_number_reflns_all                     ? 
_refine.ls_number_reflns_obs                     31908 
_refine.ls_number_reflns_R_free                  1573 
_refine.ls_number_reflns_R_work                  30335 
_refine.ls_number_restraints                     ? 
_refine.ls_percent_reflns_obs                    98.251 
_refine.ls_percent_reflns_R_free                 4.930 
_refine.ls_R_factor_all                          0.211 
_refine.ls_R_factor_obs                          ? 
_refine.ls_R_factor_R_free                       0.2214 
_refine.ls_R_factor_R_free_error                 ? 
_refine.ls_R_factor_R_free_error_details         ? 
_refine.ls_R_factor_R_work                       0.2109 
_refine.ls_R_Fsqd_factor_obs                     ? 
_refine.ls_R_I_factor_obs                        ? 
_refine.ls_redundancy_reflns_all                 ? 
_refine.ls_redundancy_reflns_obs                 ? 
_refine.ls_restrained_S_all                      ? 
_refine.ls_restrained_S_obs                      ? 
_refine.ls_shift_over_esd_max                    ? 
_refine.ls_shift_over_esd_mean                   ? 
_refine.ls_structure_factor_coef                 ? 
_refine.ls_weighting_details                     ? 
_refine.ls_weighting_scheme                      ? 
_refine.ls_wR_factor_all                         ? 
_refine.ls_wR_factor_obs                         ? 
_refine.ls_wR_factor_R_free                      ? 
_refine.ls_wR_factor_R_work                      ? 
_refine.occupancy_max                            ? 
_refine.occupancy_min                            ? 
_refine.solvent_model_details                    'MASK BULK SOLVENT' 
_refine.solvent_model_param_bsol                 ? 
_refine.solvent_model_param_ksol                 ? 
_refine.pdbx_R_complete                          ? 
_refine.ls_R_factor_gt                           ? 
_refine.ls_goodness_of_fit_gt                    ? 
_refine.ls_goodness_of_fit_ref                   ? 
_refine.ls_shift_over_su_max                     ? 
_refine.ls_shift_over_su_max_lt                  ? 
_refine.ls_shift_over_su_mean                    ? 
_refine.ls_shift_over_su_mean_lt                 ? 
_refine.pdbx_ls_sigma_I                          ? 
_refine.pdbx_ls_sigma_F                          ? 
_refine.pdbx_ls_sigma_Fsqd                       ? 
_refine.pdbx_data_cutoff_high_absF               ? 
_refine.pdbx_data_cutoff_high_rms_absF           ? 
_refine.pdbx_data_cutoff_low_absF                ? 
_refine.pdbx_isotropic_thermal_model             ? 
_refine.pdbx_ls_cross_valid_method               'FREE R-VALUE' 
_refine.pdbx_method_to_determine_struct          'MOLECULAR REPLACEMENT' 
_refine.pdbx_starting_model                      ? 
_refine.pdbx_stereochemistry_target_values       ? 
_refine.pdbx_R_Free_selection_details            ? 
_refine.pdbx_stereochem_target_val_spec_case     ? 
_refine.pdbx_overall_ESU_R                       0.065 
_refine.pdbx_overall_ESU_R_Free                  0.062 
_refine.pdbx_solvent_vdw_probe_radii             1.200 
_refine.pdbx_solvent_ion_probe_radii             0.800 
_refine.pdbx_solvent_shrinkage_radii             0.800 
_refine.pdbx_real_space_R                        ? 
_refine.pdbx_density_correlation                 ? 
_refine.pdbx_pd_number_of_powder_patterns        ? 
_refine.pdbx_pd_number_of_points                 ? 
_refine.pdbx_pd_meas_number_of_points            ? 
_refine.pdbx_pd_proc_ls_prof_R_factor            ? 
_refine.pdbx_pd_proc_ls_prof_wR_factor           ? 
_refine.pdbx_pd_Marquardt_correlation_coeff      ? 
_refine.pdbx_pd_Fsqrd_R_factor                   ? 
_refine.pdbx_pd_ls_matrix_band_width             ? 
_refine.pdbx_overall_phase_error                 ? 
_refine.pdbx_overall_SU_R_free_Cruickshank_DPI   ? 
_refine.pdbx_overall_SU_R_free_Blow_DPI          ? 
_refine.pdbx_overall_SU_R_Blow_DPI               ? 
_refine.pdbx_TLS_residual_ADP_flag               ? 
_refine.pdbx_diffrn_id                           1 
_refine.overall_SU_B                             ? 
_refine.overall_SU_ML                            ? 
_refine.overall_SU_R_Cruickshank_DPI             ? 
_refine.overall_SU_R_free                        ? 
_refine.overall_FOM_free_R_set                   ? 
_refine.overall_FOM_work_R_set                   ? 
_refine.pdbx_average_fsc_overall                 ? 
_refine.pdbx_average_fsc_work                    ? 
_refine.pdbx_average_fsc_free                    ? 
# 
_refine_hist.pdbx_refine_id                   'X-RAY DIFFRACTION' 
_refine_hist.cycle_id                         LAST 
_refine_hist.details                          ? 
_refine_hist.d_res_high                       1.360 
_refine_hist.d_res_low                        41.047 
_refine_hist.number_atoms_solvent             132 
_refine_hist.number_atoms_total               1183 
_refine_hist.number_reflns_all                ? 
_refine_hist.number_reflns_obs                ? 
_refine_hist.number_reflns_R_free             ? 
_refine_hist.number_reflns_R_work             ? 
_refine_hist.R_factor_all                     ? 
_refine_hist.R_factor_obs                     ? 
_refine_hist.R_factor_R_free                  ? 
_refine_hist.R_factor_R_work                  ? 
_refine_hist.pdbx_number_residues_total       ? 
_refine_hist.pdbx_B_iso_mean_ligand           ? 
_refine_hist.pdbx_B_iso_mean_solvent          ? 
_refine_hist.pdbx_number_atoms_protein        1043 
_refine_hist.pdbx_number_atoms_nucleic_acid   0 
_refine_hist.pdbx_number_atoms_ligand         8 
_refine_hist.pdbx_number_atoms_lipid          ? 
_refine_hist.pdbx_number_atoms_carb           ? 
_refine_hist.pdbx_pseudo_atom_details         ? 
# 
loop_
_refine_ls_restr.pdbx_refine_id 
_refine_ls_restr.criterion 
_refine_ls_restr.dev_ideal 
_refine_ls_restr.dev_ideal_target 
_refine_ls_restr.number 
_refine_ls_restr.rejects 
_refine_ls_restr.type 
_refine_ls_restr.weight 
_refine_ls_restr.pdbx_restraint_function 
'X-RAY DIFFRACTION' ? 0.010  0.012  1118 ? r_bond_refined_d               ? ? 
'X-RAY DIFFRACTION' ? 1.546  1.860  1519 ? r_angle_refined_deg            ? ? 
'X-RAY DIFFRACTION' ? 4.757  5.000  139  ? r_dihedral_angle_1_deg         ? ? 
'X-RAY DIFFRACTION' ? 1.141  5.000  15   ? r_dihedral_angle_2_deg         ? ? 
'X-RAY DIFFRACTION' ? 11.241 10.000 187  ? r_dihedral_angle_3_deg         ? ? 
'X-RAY DIFFRACTION' ? 17.971 10.000 59   ? r_dihedral_angle_6_deg         ? ? 
'X-RAY DIFFRACTION' ? 0.084  0.200  171  ? r_chiral_restr                 ? ? 
'X-RAY DIFFRACTION' ? 0.006  0.020  857  ? r_gen_planes_refined           ? ? 
'X-RAY DIFFRACTION' ? 0.215  0.200  529  ? r_nbd_refined                  ? ? 
'X-RAY DIFFRACTION' ? 0.321  0.200  792  ? r_nbtor_refined                ? ? 
'X-RAY DIFFRACTION' ? 0.281  0.200  86   ? r_xyhbond_nbd_refined          ? ? 
'X-RAY DIFFRACTION' ? 0.169  0.200  19   ? r_symmetry_nbd_refined         ? ? 
'X-RAY DIFFRACTION' ? 0.255  0.200  10   ? r_symmetry_xyhbond_nbd_refined ? ? 
'X-RAY DIFFRACTION' ? 1.388  2.641  544  ? r_mcbond_it                    ? ? 
'X-RAY DIFFRACTION' ? 2.260  4.735  687  ? r_mcangle_it                   ? ? 
'X-RAY DIFFRACTION' ? 2.399  2.989  574  ? r_scbond_it                    ? ? 
'X-RAY DIFFRACTION' ? 3.979  5.337  832  ? r_scangle_it                   ? ? 
'X-RAY DIFFRACTION' ? 5.739  32.686 1788 ? r_lrange_it                    ? ? 
# 
loop_
_refine_ls_shell.pdbx_refine_id 
_refine_ls_shell.d_res_high 
_refine_ls_shell.d_res_low 
_refine_ls_shell.number_reflns_all 
_refine_ls_shell.number_reflns_obs 
_refine_ls_shell.number_reflns_R_free 
_refine_ls_shell.number_reflns_R_work 
_refine_ls_shell.percent_reflns_obs 
_refine_ls_shell.percent_reflns_R_free 
_refine_ls_shell.R_factor_all 
_refine_ls_shell.R_factor_obs 
_refine_ls_shell.R_factor_R_free_error 
_refine_ls_shell.R_factor_R_work 
_refine_ls_shell.redundancy_reflns_all 
_refine_ls_shell.redundancy_reflns_obs 
_refine_ls_shell.wR_factor_all 
_refine_ls_shell.wR_factor_obs 
_refine_ls_shell.wR_factor_R_free 
_refine_ls_shell.wR_factor_R_work 
_refine_ls_shell.pdbx_R_complete 
_refine_ls_shell.pdbx_total_number_of_bins_used 
_refine_ls_shell.pdbx_phase_error 
_refine_ls_shell.pdbx_fsc_work 
_refine_ls_shell.pdbx_fsc_free 
_refine_ls_shell.R_factor_R_free 
'X-RAY DIFFRACTION' 1.360 1.395  2358 . 107 2087 93.0450 . 0.337 . . 0.337 . . . . . 0.324 . 20 . 0.908 0.923 0.335 
'X-RAY DIFFRACTION' 1.395 1.433  2306 . 121 2076 95.2732 . 0.333 . . 0.331 . . . . . 0.311 . 20 . 0.917 0.902 0.362 
'X-RAY DIFFRACTION' 1.433 1.475  2228 . 112 2066 97.7558 . 0.301 . . 0.300 . . . . . 0.273 . 20 . 0.935 0.921 0.321 
'X-RAY DIFFRACTION' 1.475 1.520  2165 . 99  2036 98.6143 . 0.244 . . 0.243 . . . . . 0.211 . 20 . 0.956 0.951 0.260 
'X-RAY DIFFRACTION' 1.520 1.570  2120 . 84  2025 99.4811 . 0.238 . . 0.237 . . . . . 0.205 . 20 . 0.961 0.954 0.257 
'X-RAY DIFFRACTION' 1.570 1.625  2049 . 111 1930 99.6096 . 0.227 . . 0.227 . . . . . 0.198 . 20 . 0.966 0.966 0.217 
'X-RAY DIFFRACTION' 1.625 1.686  1987 . 105 1854 98.5908 . 0.225 . . 0.224 . . . . . 0.195 . 20 . 0.966 0.965 0.234 
'X-RAY DIFFRACTION' 1.686 1.755  1918 . 102 1808 99.5829 . 0.215 . . 0.214 . . . . . 0.188 . 20 . 0.970 0.963 0.233 
'X-RAY DIFFRACTION' 1.755 1.833  1850 . 95  1744 99.4054 . 0.219 . . 0.216 . . . . . 0.194 . 20 . 0.969 0.953 0.268 
'X-RAY DIFFRACTION' 1.833 1.922  1751 . 85  1657 99.4860 . 0.223 . . 0.222 . . . . . 0.204 . 20 . 0.968 0.960 0.251 
'X-RAY DIFFRACTION' 1.922 2.026  1664 . 75  1573 99.0385 . 0.213 . . 0.211 . . . . . 0.199 . 20 . 0.971 0.950 0.263 
'X-RAY DIFFRACTION' 2.026 2.149  1587 . 82  1491 99.1178 . 0.211 . . 0.210 . . . . . 0.206 . 20 . 0.975 0.972 0.217 
'X-RAY DIFFRACTION' 2.149 2.297  1494 . 67  1412 98.9960 . 0.202 . . 0.202 . . . . . 0.199 . 20 . 0.975 0.980 0.208 
'X-RAY DIFFRACTION' 2.297 2.480  1397 . 72  1304 98.4968 . 0.193 . . 0.191 . . . . . 0.198 . 20 . 0.976 0.971 0.237 
'X-RAY DIFFRACTION' 2.480 2.716  1305 . 51  1245 99.3103 . 0.211 . . 0.213 . . . . . 0.223 . 20 . 0.971 0.983 0.158 
'X-RAY DIFFRACTION' 2.716 3.034  1180 . 51  1124 99.5763 . 0.208 . . 0.207 . . . . . 0.230 . 20 . 0.974 0.963 0.246 
'X-RAY DIFFRACTION' 3.034 3.501  1049 . 55  984  99.0467 . 0.202 . . 0.200 . . . . . 0.229 . 20 . 0.974 0.960 0.238 
'X-RAY DIFFRACTION' 3.501 4.280  910  . 46  847  98.1319 . 0.173 . . 0.174 . . . . . 0.208 . 20 . 0.981 0.987 0.151 
'X-RAY DIFFRACTION' 4.280 6.020  717  . 38  655  96.6527 . 0.207 . . 0.205 . . . . . 0.266 . 20 . 0.975 0.969 0.247 
'X-RAY DIFFRACTION' 6.020 41.047 441  . 15  417  97.9592 . 0.248 . . 0.251 . . . . . 0.321 . 20 . 0.964 0.978 0.177 
# 
_struct.entry_id                     8RU5 
_struct.title                        'ATPase family AAA domain containing 2 with crystallization epitope mutations V1022R:Q1027E' 
_struct.pdbx_model_details           ? 
_struct.pdbx_formula_weight          ? 
_struct.pdbx_formula_weight_method   ? 
_struct.pdbx_model_type_details      ? 
_struct.pdbx_CASP_flag               N 
# 
_struct_keywords.entry_id        8RU5 
_struct_keywords.text            'Crystal Epitopes, Bromodomain, SIGNALING PROTEIN' 
_struct_keywords.pdbx_keywords   'SIGNALING PROTEIN' 
# 
loop_
_struct_asym.id 
_struct_asym.pdbx_blank_PDB_chainid_flag 
_struct_asym.pdbx_modified 
_struct_asym.entity_id 
_struct_asym.details 
A N N 1 ? 
B N N 2 ? 
C N N 2 ? 
D N N 3 ? 
# 
_struct_ref.id                         1 
_struct_ref.db_name                    UNP 
_struct_ref.db_code                    ATAD2_HUMAN 
_struct_ref.pdbx_db_accession          Q6PL18 
_struct_ref.pdbx_db_isoform            ? 
_struct_ref.entity_id                  1 
_struct_ref.pdbx_seq_one_letter_code   
;QEEDTFRELRIFLRNVTHRLAIDKRFRVFTKPVDPDEVPDYVTVIKQPMDLSSVISKIDLHKYLTVKDYLRDIDLICSNA
LEYNPDRDPGDRLIRHRACALRDTAYAIIKEELDEDFEQLCEEIQESR
;
_struct_ref.pdbx_align_begin           0 
# 
_struct_ref_seq.align_id                      1 
_struct_ref_seq.ref_id                        1 
_struct_ref_seq.pdbx_PDB_id_code              8RU5 
_struct_ref_seq.pdbx_strand_id                A 
_struct_ref_seq.seq_align_beg                 3 
_struct_ref_seq.pdbx_seq_align_beg_ins_code   ? 
_struct_ref_seq.seq_align_end                 130 
_struct_ref_seq.pdbx_seq_align_end_ins_code   ? 
_struct_ref_seq.pdbx_db_accession             Q6PL18 
_struct_ref_seq.db_align_beg                  981 
_struct_ref_seq.pdbx_db_align_beg_ins_code    ? 
_struct_ref_seq.db_align_end                  1108 
_struct_ref_seq.pdbx_db_align_end_ins_code    ? 
_struct_ref_seq.pdbx_auth_seq_align_beg       981 
_struct_ref_seq.pdbx_auth_seq_align_end       1108 
# 
loop_
_struct_ref_seq_dif.align_id 
_struct_ref_seq_dif.pdbx_pdb_id_code 
_struct_ref_seq_dif.mon_id 
_struct_ref_seq_dif.pdbx_pdb_strand_id 
_struct_ref_seq_dif.seq_num 
_struct_ref_seq_dif.pdbx_pdb_ins_code 
_struct_ref_seq_dif.pdbx_seq_db_name 
_struct_ref_seq_dif.pdbx_seq_db_accession_code 
_struct_ref_seq_dif.db_mon_id 
_struct_ref_seq_dif.pdbx_seq_db_seq_num 
_struct_ref_seq_dif.details 
_struct_ref_seq_dif.pdbx_auth_seq_num 
_struct_ref_seq_dif.pdbx_ordinal 
1 8RU5 SER A 1  ? UNP Q6PL18 ?   ?    'expression tag'      979  1 
1 8RU5 MET A 2  ? UNP Q6PL18 ?   ?    'expression tag'      980  2 
1 8RU5 ARG A 44 ? UNP Q6PL18 VAL 1022 'engineered mutation' 1022 3 
1 8RU5 GLU A 49 ? UNP Q6PL18 GLN 1027 'engineered mutation' 1027 4 
# 
_pdbx_struct_assembly.id                   1 
_pdbx_struct_assembly.details              author_and_software_defined_assembly 
_pdbx_struct_assembly.method_details       PISA 
_pdbx_struct_assembly.oligomeric_details   monomeric 
_pdbx_struct_assembly.oligomeric_count     1 
# 
loop_
_pdbx_struct_assembly_prop.biol_id 
_pdbx_struct_assembly_prop.type 
_pdbx_struct_assembly_prop.value 
_pdbx_struct_assembly_prop.details 
1 'ABSA (A^2)' 350  ? 
1 MORE         5    ? 
1 'SSA (A^2)'  7670 ? 
# 
_pdbx_struct_assembly_gen.assembly_id       1 
_pdbx_struct_assembly_gen.oper_expression   1 
_pdbx_struct_assembly_gen.asym_id_list      A,B,C,D 
# 
_pdbx_struct_assembly_auth_evidence.id                     1 
_pdbx_struct_assembly_auth_evidence.assembly_id            1 
_pdbx_struct_assembly_auth_evidence.experimental_support   'gel filtration' 
_pdbx_struct_assembly_auth_evidence.details                ? 
# 
_pdbx_struct_oper_list.id                   1 
_pdbx_struct_oper_list.type                 'identity operation' 
_pdbx_struct_oper_list.name                 1_555 
_pdbx_struct_oper_list.symmetry_operation   x,y,z 
_pdbx_struct_oper_list.matrix[1][1]         1.0000000000 
_pdbx_struct_oper_list.matrix[1][2]         0.0000000000 
_pdbx_struct_oper_list.matrix[1][3]         0.0000000000 
_pdbx_struct_oper_list.vector[1]            0.0000000000 
_pdbx_struct_oper_list.matrix[2][1]         0.0000000000 
_pdbx_struct_oper_list.matrix[2][2]         1.0000000000 
_pdbx_struct_oper_list.matrix[2][3]         0.0000000000 
_pdbx_struct_oper_list.vector[2]            0.0000000000 
_pdbx_struct_oper_list.matrix[3][1]         0.0000000000 
_pdbx_struct_oper_list.matrix[3][2]         0.0000000000 
_pdbx_struct_oper_list.matrix[3][3]         1.0000000000 
_pdbx_struct_oper_list.vector[3]            0.0000000000 
# 
loop_
_struct_conf.conf_type_id 
_struct_conf.id 
_struct_conf.pdbx_PDB_helix_id 
_struct_conf.beg_label_comp_id 
_struct_conf.beg_label_asym_id 
_struct_conf.beg_label_seq_id 
_struct_conf.pdbx_beg_PDB_ins_code 
_struct_conf.end_label_comp_id 
_struct_conf.end_label_asym_id 
_struct_conf.end_label_seq_id 
_struct_conf.pdbx_end_PDB_ins_code 
_struct_conf.beg_auth_comp_id 
_struct_conf.beg_auth_asym_id 
_struct_conf.beg_auth_seq_id 
_struct_conf.end_auth_comp_id 
_struct_conf.end_auth_asym_id 
_struct_conf.end_auth_seq_id 
_struct_conf.pdbx_PDB_helix_class 
_struct_conf.details 
_struct_conf.pdbx_PDB_helix_length 
HELX_P HELX_P1 AA1 SER A 1   ? ILE A 24  ? SER A 979  ILE A 1002 1 ? 24 
HELX_P HELX_P2 AA2 ASP A 25  ? THR A 32  ? ASP A 1003 THR A 1010 5 ? 8  
HELX_P HELX_P3 AA3 ASP A 42  ? ILE A 47  ? ASP A 1020 ILE A 1025 1 ? 6  
HELX_P HELX_P4 AA4 ASP A 52  ? LEU A 62  ? ASP A 1030 LEU A 1040 1 ? 11 
HELX_P HELX_P5 AA5 THR A 67  ? ASN A 86  ? THR A 1045 ASN A 1064 1 ? 20 
HELX_P HELX_P6 AA6 ASP A 90  ? LEU A 115 ? ASP A 1068 LEU A 1093 1 ? 26 
HELX_P HELX_P7 AA7 ASP A 116 ? ARG A 130 ? ASP A 1094 ARG A 1108 1 ? 15 
# 
_struct_conf_type.id          HELX_P 
_struct_conf_type.criteria    ? 
_struct_conf_type.reference   ? 
# 
loop_
_pdbx_validate_close_contact.id 
_pdbx_validate_close_contact.PDB_model_num 
_pdbx_validate_close_contact.auth_atom_id_1 
_pdbx_validate_close_contact.auth_asym_id_1 
_pdbx_validate_close_contact.auth_comp_id_1 
_pdbx_validate_close_contact.auth_seq_id_1 
_pdbx_validate_close_contact.PDB_ins_code_1 
_pdbx_validate_close_contact.label_alt_id_1 
_pdbx_validate_close_contact.auth_atom_id_2 
_pdbx_validate_close_contact.auth_asym_id_2 
_pdbx_validate_close_contact.auth_comp_id_2 
_pdbx_validate_close_contact.auth_seq_id_2 
_pdbx_validate_close_contact.PDB_ins_code_2 
_pdbx_validate_close_contact.label_alt_id_2 
_pdbx_validate_close_contact.dist 
1 1 O   A HOH 1334 ? ? O A HOH 1391 ? ? 1.76 
2 1 O   A HOH 1361 ? ? O A HOH 1399 ? ? 1.84 
3 1 OD2 A ASP 1048 ? ? O A HOH 1301 ? ? 1.88 
4 1 O   A HOH 1410 ? ? O A HOH 1417 ? ? 2.01 
5 1 O   A HOH 1371 ? ? O A HOH 1411 ? ? 2.03 
6 1 OD2 A ASP 1014 ? ? O A HOH 1302 ? ? 2.09 
7 1 O   A HOH 1396 ? ? O A HOH 1398 ? ? 2.10 
8 1 O   A HOH 1311 ? ? O A HOH 1394 ? ? 2.11 
# 
_pdbx_entry_details.entry_id                 8RU5 
_pdbx_entry_details.has_ligand_of_interest   N 
_pdbx_entry_details.compound_details         ? 
_pdbx_entry_details.source_details           ? 
_pdbx_entry_details.nonpolymer_details       ? 
_pdbx_entry_details.sequence_details         ? 
# 
loop_
_chem_comp_atom.comp_id 
_chem_comp_atom.atom_id 
_chem_comp_atom.type_symbol 
_chem_comp_atom.pdbx_aromatic_flag 
_chem_comp_atom.pdbx_stereo_config 
_chem_comp_atom.pdbx_ordinal 
ALA N    N N N 1   
ALA CA   C N S 2   
ALA C    C N N 3   
ALA O    O N N 4   
ALA CB   C N N 5   
ALA OXT  O N N 6   
ALA H    H N N 7   
ALA H2   H N N 8   
ALA HA   H N N 9   
ALA HB1  H N N 10  
ALA HB2  H N N 11  
ALA HB3  H N N 12  
ALA HXT  H N N 13  
ARG N    N N N 14  
ARG CA   C N S 15  
ARG C    C N N 16  
ARG O    O N N 17  
ARG CB   C N N 18  
ARG CG   C N N 19  
ARG CD   C N N 20  
ARG NE   N N N 21  
ARG CZ   C N N 22  
ARG NH1  N N N 23  
ARG NH2  N N N 24  
ARG OXT  O N N 25  
ARG H    H N N 26  
ARG H2   H N N 27  
ARG HA   H N N 28  
ARG HB2  H N N 29  
ARG HB3  H N N 30  
ARG HG2  H N N 31  
ARG HG3  H N N 32  
ARG HD2  H N N 33  
ARG HD3  H N N 34  
ARG HE   H N N 35  
ARG HH11 H N N 36  
ARG HH12 H N N 37  
ARG HH21 H N N 38  
ARG HH22 H N N 39  
ARG HXT  H N N 40  
ASN N    N N N 41  
ASN CA   C N S 42  
ASN C    C N N 43  
ASN O    O N N 44  
ASN CB   C N N 45  
ASN CG   C N N 46  
ASN OD1  O N N 47  
ASN ND2  N N N 48  
ASN OXT  O N N 49  
ASN H    H N N 50  
ASN H2   H N N 51  
ASN HA   H N N 52  
ASN HB2  H N N 53  
ASN HB3  H N N 54  
ASN HD21 H N N 55  
ASN HD22 H N N 56  
ASN HXT  H N N 57  
ASP N    N N N 58  
ASP CA   C N S 59  
ASP C    C N N 60  
ASP O    O N N 61  
ASP CB   C N N 62  
ASP CG   C N N 63  
ASP OD1  O N N 64  
ASP OD2  O N N 65  
ASP OXT  O N N 66  
ASP H    H N N 67  
ASP H2   H N N 68  
ASP HA   H N N 69  
ASP HB2  H N N 70  
ASP HB3  H N N 71  
ASP HD2  H N N 72  
ASP HXT  H N N 73  
CYS N    N N N 74  
CYS CA   C N R 75  
CYS C    C N N 76  
CYS O    O N N 77  
CYS CB   C N N 78  
CYS SG   S N N 79  
CYS OXT  O N N 80  
CYS H    H N N 81  
CYS H2   H N N 82  
CYS HA   H N N 83  
CYS HB2  H N N 84  
CYS HB3  H N N 85  
CYS HG   H N N 86  
CYS HXT  H N N 87  
EDO C1   C N N 88  
EDO O1   O N N 89  
EDO C2   C N N 90  
EDO O2   O N N 91  
EDO H11  H N N 92  
EDO H12  H N N 93  
EDO HO1  H N N 94  
EDO H21  H N N 95  
EDO H22  H N N 96  
EDO HO2  H N N 97  
GLN N    N N N 98  
GLN CA   C N S 99  
GLN C    C N N 100 
GLN O    O N N 101 
GLN CB   C N N 102 
GLN CG   C N N 103 
GLN CD   C N N 104 
GLN OE1  O N N 105 
GLN NE2  N N N 106 
GLN OXT  O N N 107 
GLN H    H N N 108 
GLN H2   H N N 109 
GLN HA   H N N 110 
GLN HB2  H N N 111 
GLN HB3  H N N 112 
GLN HG2  H N N 113 
GLN HG3  H N N 114 
GLN HE21 H N N 115 
GLN HE22 H N N 116 
GLN HXT  H N N 117 
GLU N    N N N 118 
GLU CA   C N S 119 
GLU C    C N N 120 
GLU O    O N N 121 
GLU CB   C N N 122 
GLU CG   C N N 123 
GLU CD   C N N 124 
GLU OE1  O N N 125 
GLU OE2  O N N 126 
GLU OXT  O N N 127 
GLU H    H N N 128 
GLU H2   H N N 129 
GLU HA   H N N 130 
GLU HB2  H N N 131 
GLU HB3  H N N 132 
GLU HG2  H N N 133 
GLU HG3  H N N 134 
GLU HE2  H N N 135 
GLU HXT  H N N 136 
GLY N    N N N 137 
GLY CA   C N N 138 
GLY C    C N N 139 
GLY O    O N N 140 
GLY OXT  O N N 141 
GLY H    H N N 142 
GLY H2   H N N 143 
GLY HA2  H N N 144 
GLY HA3  H N N 145 
GLY HXT  H N N 146 
HIS N    N N N 147 
HIS CA   C N S 148 
HIS C    C N N 149 
HIS O    O N N 150 
HIS CB   C N N 151 
HIS CG   C Y N 152 
HIS ND1  N Y N 153 
HIS CD2  C Y N 154 
HIS CE1  C Y N 155 
HIS NE2  N Y N 156 
HIS OXT  O N N 157 
HIS H    H N N 158 
HIS H2   H N N 159 
HIS HA   H N N 160 
HIS HB2  H N N 161 
HIS HB3  H N N 162 
HIS HD1  H N N 163 
HIS HD2  H N N 164 
HIS HE1  H N N 165 
HIS HE2  H N N 166 
HIS HXT  H N N 167 
HOH O    O N N 168 
HOH H1   H N N 169 
HOH H2   H N N 170 
ILE N    N N N 171 
ILE CA   C N S 172 
ILE C    C N N 173 
ILE O    O N N 174 
ILE CB   C N S 175 
ILE CG1  C N N 176 
ILE CG2  C N N 177 
ILE CD1  C N N 178 
ILE OXT  O N N 179 
ILE H    H N N 180 
ILE H2   H N N 181 
ILE HA   H N N 182 
ILE HB   H N N 183 
ILE HG12 H N N 184 
ILE HG13 H N N 185 
ILE HG21 H N N 186 
ILE HG22 H N N 187 
ILE HG23 H N N 188 
ILE HD11 H N N 189 
ILE HD12 H N N 190 
ILE HD13 H N N 191 
ILE HXT  H N N 192 
LEU N    N N N 193 
LEU CA   C N S 194 
LEU C    C N N 195 
LEU O    O N N 196 
LEU CB   C N N 197 
LEU CG   C N N 198 
LEU CD1  C N N 199 
LEU CD2  C N N 200 
LEU OXT  O N N 201 
LEU H    H N N 202 
LEU H2   H N N 203 
LEU HA   H N N 204 
LEU HB2  H N N 205 
LEU HB3  H N N 206 
LEU HG   H N N 207 
LEU HD11 H N N 208 
LEU HD12 H N N 209 
LEU HD13 H N N 210 
LEU HD21 H N N 211 
LEU HD22 H N N 212 
LEU HD23 H N N 213 
LEU HXT  H N N 214 
LYS N    N N N 215 
LYS CA   C N S 216 
LYS C    C N N 217 
LYS O    O N N 218 
LYS CB   C N N 219 
LYS CG   C N N 220 
LYS CD   C N N 221 
LYS CE   C N N 222 
LYS NZ   N N N 223 
LYS OXT  O N N 224 
LYS H    H N N 225 
LYS H2   H N N 226 
LYS HA   H N N 227 
LYS HB2  H N N 228 
LYS HB3  H N N 229 
LYS HG2  H N N 230 
LYS HG3  H N N 231 
LYS HD2  H N N 232 
LYS HD3  H N N 233 
LYS HE2  H N N 234 
LYS HE3  H N N 235 
LYS HZ1  H N N 236 
LYS HZ2  H N N 237 
LYS HZ3  H N N 238 
LYS HXT  H N N 239 
MET N    N N N 240 
MET CA   C N S 241 
MET C    C N N 242 
MET O    O N N 243 
MET CB   C N N 244 
MET CG   C N N 245 
MET SD   S N N 246 
MET CE   C N N 247 
MET OXT  O N N 248 
MET H    H N N 249 
MET H2   H N N 250 
MET HA   H N N 251 
MET HB2  H N N 252 
MET HB3  H N N 253 
MET HG2  H N N 254 
MET HG3  H N N 255 
MET HE1  H N N 256 
MET HE2  H N N 257 
MET HE3  H N N 258 
MET HXT  H N N 259 
PHE N    N N N 260 
PHE CA   C N S 261 
PHE C    C N N 262 
PHE O    O N N 263 
PHE CB   C N N 264 
PHE CG   C Y N 265 
PHE CD1  C Y N 266 
PHE CD2  C Y N 267 
PHE CE1  C Y N 268 
PHE CE2  C Y N 269 
PHE CZ   C Y N 270 
PHE OXT  O N N 271 
PHE H    H N N 272 
PHE H2   H N N 273 
PHE HA   H N N 274 
PHE HB2  H N N 275 
PHE HB3  H N N 276 
PHE HD1  H N N 277 
PHE HD2  H N N 278 
PHE HE1  H N N 279 
PHE HE2  H N N 280 
PHE HZ   H N N 281 
PHE HXT  H N N 282 
PRO N    N N N 283 
PRO CA   C N S 284 
PRO C    C N N 285 
PRO O    O N N 286 
PRO CB   C N N 287 
PRO CG   C N N 288 
PRO CD   C N N 289 
PRO OXT  O N N 290 
PRO H    H N N 291 
PRO HA   H N N 292 
PRO HB2  H N N 293 
PRO HB3  H N N 294 
PRO HG2  H N N 295 
PRO HG3  H N N 296 
PRO HD2  H N N 297 
PRO HD3  H N N 298 
PRO HXT  H N N 299 
SER N    N N N 300 
SER CA   C N S 301 
SER C    C N N 302 
SER O    O N N 303 
SER CB   C N N 304 
SER OG   O N N 305 
SER OXT  O N N 306 
SER H    H N N 307 
SER H2   H N N 308 
SER HA   H N N 309 
SER HB2  H N N 310 
SER HB3  H N N 311 
SER HG   H N N 312 
SER HXT  H N N 313 
THR N    N N N 314 
THR CA   C N S 315 
THR C    C N N 316 
THR O    O N N 317 
THR CB   C N R 318 
THR OG1  O N N 319 
THR CG2  C N N 320 
THR OXT  O N N 321 
THR H    H N N 322 
THR H2   H N N 323 
THR HA   H N N 324 
THR HB   H N N 325 
THR HG1  H N N 326 
THR HG21 H N N 327 
THR HG22 H N N 328 
THR HG23 H N N 329 
THR HXT  H N N 330 
TYR N    N N N 331 
TYR CA   C N S 332 
TYR C    C N N 333 
TYR O    O N N 334 
TYR CB   C N N 335 
TYR CG   C Y N 336 
TYR CD1  C Y N 337 
TYR CD2  C Y N 338 
TYR CE1  C Y N 339 
TYR CE2  C Y N 340 
TYR CZ   C Y N 341 
TYR OH   O N N 342 
TYR OXT  O N N 343 
TYR H    H N N 344 
TYR H2   H N N 345 
TYR HA   H N N 346 
TYR HB2  H N N 347 
TYR HB3  H N N 348 
TYR HD1  H N N 349 
TYR HD2  H N N 350 
TYR HE1  H N N 351 
TYR HE2  H N N 352 
TYR HH   H N N 353 
TYR HXT  H N N 354 
VAL N    N N N 355 
VAL CA   C N S 356 
VAL C    C N N 357 
VAL O    O N N 358 
VAL CB   C N N 359 
VAL CG1  C N N 360 
VAL CG2  C N N 361 
VAL OXT  O N N 362 
VAL H    H N N 363 
VAL H2   H N N 364 
VAL HA   H N N 365 
VAL HB   H N N 366 
VAL HG11 H N N 367 
VAL HG12 H N N 368 
VAL HG13 H N N 369 
VAL HG21 H N N 370 
VAL HG22 H N N 371 
VAL HG23 H N N 372 
VAL HXT  H N N 373 
# 
loop_
_chem_comp_bond.comp_id 
_chem_comp_bond.atom_id_1 
_chem_comp_bond.atom_id_2 
_chem_comp_bond.value_order 
_chem_comp_bond.pdbx_aromatic_flag 
_chem_comp_bond.pdbx_stereo_config 
_chem_comp_bond.pdbx_ordinal 
ALA N   CA   sing N N 1   
ALA N   H    sing N N 2   
ALA N   H2   sing N N 3   
ALA CA  C    sing N N 4   
ALA CA  CB   sing N N 5   
ALA CA  HA   sing N N 6   
ALA C   O    doub N N 7   
ALA C   OXT  sing N N 8   
ALA CB  HB1  sing N N 9   
ALA CB  HB2  sing N N 10  
ALA CB  HB3  sing N N 11  
ALA OXT HXT  sing N N 12  
ARG N   CA   sing N N 13  
ARG N   H    sing N N 14  
ARG N   H2   sing N N 15  
ARG CA  C    sing N N 16  
ARG CA  CB   sing N N 17  
ARG CA  HA   sing N N 18  
ARG C   O    doub N N 19  
ARG C   OXT  sing N N 20  
ARG CB  CG   sing N N 21  
ARG CB  HB2  sing N N 22  
ARG CB  HB3  sing N N 23  
ARG CG  CD   sing N N 24  
ARG CG  HG2  sing N N 25  
ARG CG  HG3  sing N N 26  
ARG CD  NE   sing N N 27  
ARG CD  HD2  sing N N 28  
ARG CD  HD3  sing N N 29  
ARG NE  CZ   sing N N 30  
ARG NE  HE   sing N N 31  
ARG CZ  NH1  sing N N 32  
ARG CZ  NH2  doub N N 33  
ARG NH1 HH11 sing N N 34  
ARG NH1 HH12 sing N N 35  
ARG NH2 HH21 sing N N 36  
ARG NH2 HH22 sing N N 37  
ARG OXT HXT  sing N N 38  
ASN N   CA   sing N N 39  
ASN N   H    sing N N 40  
ASN N   H2   sing N N 41  
ASN CA  C    sing N N 42  
ASN CA  CB   sing N N 43  
ASN CA  HA   sing N N 44  
ASN C   O    doub N N 45  
ASN C   OXT  sing N N 46  
ASN CB  CG   sing N N 47  
ASN CB  HB2  sing N N 48  
ASN CB  HB3  sing N N 49  
ASN CG  OD1  doub N N 50  
ASN CG  ND2  sing N N 51  
ASN ND2 HD21 sing N N 52  
ASN ND2 HD22 sing N N 53  
ASN OXT HXT  sing N N 54  
ASP N   CA   sing N N 55  
ASP N   H    sing N N 56  
ASP N   H2   sing N N 57  
ASP CA  C    sing N N 58  
ASP CA  CB   sing N N 59  
ASP CA  HA   sing N N 60  
ASP C   O    doub N N 61  
ASP C   OXT  sing N N 62  
ASP CB  CG   sing N N 63  
ASP CB  HB2  sing N N 64  
ASP CB  HB3  sing N N 65  
ASP CG  OD1  doub N N 66  
ASP CG  OD2  sing N N 67  
ASP OD2 HD2  sing N N 68  
ASP OXT HXT  sing N N 69  
CYS N   CA   sing N N 70  
CYS N   H    sing N N 71  
CYS N   H2   sing N N 72  
CYS CA  C    sing N N 73  
CYS CA  CB   sing N N 74  
CYS CA  HA   sing N N 75  
CYS C   O    doub N N 76  
CYS C   OXT  sing N N 77  
CYS CB  SG   sing N N 78  
CYS CB  HB2  sing N N 79  
CYS CB  HB3  sing N N 80  
CYS SG  HG   sing N N 81  
CYS OXT HXT  sing N N 82  
EDO C1  O1   sing N N 83  
EDO C1  C2   sing N N 84  
EDO C1  H11  sing N N 85  
EDO C1  H12  sing N N 86  
EDO O1  HO1  sing N N 87  
EDO C2  O2   sing N N 88  
EDO C2  H21  sing N N 89  
EDO C2  H22  sing N N 90  
EDO O2  HO2  sing N N 91  
GLN N   CA   sing N N 92  
GLN N   H    sing N N 93  
GLN N   H2   sing N N 94  
GLN CA  C    sing N N 95  
GLN CA  CB   sing N N 96  
GLN CA  HA   sing N N 97  
GLN C   O    doub N N 98  
GLN C   OXT  sing N N 99  
GLN CB  CG   sing N N 100 
GLN CB  HB2  sing N N 101 
GLN CB  HB3  sing N N 102 
GLN CG  CD   sing N N 103 
GLN CG  HG2  sing N N 104 
GLN CG  HG3  sing N N 105 
GLN CD  OE1  doub N N 106 
GLN CD  NE2  sing N N 107 
GLN NE2 HE21 sing N N 108 
GLN NE2 HE22 sing N N 109 
GLN OXT HXT  sing N N 110 
GLU N   CA   sing N N 111 
GLU N   H    sing N N 112 
GLU N   H2   sing N N 113 
GLU CA  C    sing N N 114 
GLU CA  CB   sing N N 115 
GLU CA  HA   sing N N 116 
GLU C   O    doub N N 117 
GLU C   OXT  sing N N 118 
GLU CB  CG   sing N N 119 
GLU CB  HB2  sing N N 120 
GLU CB  HB3  sing N N 121 
GLU CG  CD   sing N N 122 
GLU CG  HG2  sing N N 123 
GLU CG  HG3  sing N N 124 
GLU CD  OE1  doub N N 125 
GLU CD  OE2  sing N N 126 
GLU OE2 HE2  sing N N 127 
GLU OXT HXT  sing N N 128 
GLY N   CA   sing N N 129 
GLY N   H    sing N N 130 
GLY N   H2   sing N N 131 
GLY CA  C    sing N N 132 
GLY CA  HA2  sing N N 133 
GLY CA  HA3  sing N N 134 
GLY C   O    doub N N 135 
GLY C   OXT  sing N N 136 
GLY OXT HXT  sing N N 137 
HIS N   CA   sing N N 138 
HIS N   H    sing N N 139 
HIS N   H2   sing N N 140 
HIS CA  C    sing N N 141 
HIS CA  CB   sing N N 142 
HIS CA  HA   sing N N 143 
HIS C   O    doub N N 144 
HIS C   OXT  sing N N 145 
HIS CB  CG   sing N N 146 
HIS CB  HB2  sing N N 147 
HIS CB  HB3  sing N N 148 
HIS CG  ND1  sing Y N 149 
HIS CG  CD2  doub Y N 150 
HIS ND1 CE1  doub Y N 151 
HIS ND1 HD1  sing N N 152 
HIS CD2 NE2  sing Y N 153 
HIS CD2 HD2  sing N N 154 
HIS CE1 NE2  sing Y N 155 
HIS CE1 HE1  sing N N 156 
HIS NE2 HE2  sing N N 157 
HIS OXT HXT  sing N N 158 
HOH O   H1   sing N N 159 
HOH O   H2   sing N N 160 
ILE N   CA   sing N N 161 
ILE N   H    sing N N 162 
ILE N   H2   sing N N 163 
ILE CA  C    sing N N 164 
ILE CA  CB   sing N N 165 
ILE CA  HA   sing N N 166 
ILE C   O    doub N N 167 
ILE C   OXT  sing N N 168 
ILE CB  CG1  sing N N 169 
ILE CB  CG2  sing N N 170 
ILE CB  HB   sing N N 171 
ILE CG1 CD1  sing N N 172 
ILE CG1 HG12 sing N N 173 
ILE CG1 HG13 sing N N 174 
ILE CG2 HG21 sing N N 175 
ILE CG2 HG22 sing N N 176 
ILE CG2 HG23 sing N N 177 
ILE CD1 HD11 sing N N 178 
ILE CD1 HD12 sing N N 179 
ILE CD1 HD13 sing N N 180 
ILE OXT HXT  sing N N 181 
LEU N   CA   sing N N 182 
LEU N   H    sing N N 183 
LEU N   H2   sing N N 184 
LEU CA  C    sing N N 185 
LEU CA  CB   sing N N 186 
LEU CA  HA   sing N N 187 
LEU C   O    doub N N 188 
LEU C   OXT  sing N N 189 
LEU CB  CG   sing N N 190 
LEU CB  HB2  sing N N 191 
LEU CB  HB3  sing N N 192 
LEU CG  CD1  sing N N 193 
LEU CG  CD2  sing N N 194 
LEU CG  HG   sing N N 195 
LEU CD1 HD11 sing N N 196 
LEU CD1 HD12 sing N N 197 
LEU CD1 HD13 sing N N 198 
LEU CD2 HD21 sing N N 199 
LEU CD2 HD22 sing N N 200 
LEU CD2 HD23 sing N N 201 
LEU OXT HXT  sing N N 202 
LYS N   CA   sing N N 203 
LYS N   H    sing N N 204 
LYS N   H2   sing N N 205 
LYS CA  C    sing N N 206 
LYS CA  CB   sing N N 207 
LYS CA  HA   sing N N 208 
LYS C   O    doub N N 209 
LYS C   OXT  sing N N 210 
LYS CB  CG   sing N N 211 
LYS CB  HB2  sing N N 212 
LYS CB  HB3  sing N N 213 
LYS CG  CD   sing N N 214 
LYS CG  HG2  sing N N 215 
LYS CG  HG3  sing N N 216 
LYS CD  CE   sing N N 217 
LYS CD  HD2  sing N N 218 
LYS CD  HD3  sing N N 219 
LYS CE  NZ   sing N N 220 
LYS CE  HE2  sing N N 221 
LYS CE  HE3  sing N N 222 
LYS NZ  HZ1  sing N N 223 
LYS NZ  HZ2  sing N N 224 
LYS NZ  HZ3  sing N N 225 
LYS OXT HXT  sing N N 226 
MET N   CA   sing N N 227 
MET N   H    sing N N 228 
MET N   H2   sing N N 229 
MET CA  C    sing N N 230 
MET CA  CB   sing N N 231 
MET CA  HA   sing N N 232 
MET C   O    doub N N 233 
MET C   OXT  sing N N 234 
MET CB  CG   sing N N 235 
MET CB  HB2  sing N N 236 
MET CB  HB3  sing N N 237 
MET CG  SD   sing N N 238 
MET CG  HG2  sing N N 239 
MET CG  HG3  sing N N 240 
MET SD  CE   sing N N 241 
MET CE  HE1  sing N N 242 
MET CE  HE2  sing N N 243 
MET CE  HE3  sing N N 244 
MET OXT HXT  sing N N 245 
PHE N   CA   sing N N 246 
PHE N   H    sing N N 247 
PHE N   H2   sing N N 248 
PHE CA  C    sing N N 249 
PHE CA  CB   sing N N 250 
PHE CA  HA   sing N N 251 
PHE C   O    doub N N 252 
PHE C   OXT  sing N N 253 
PHE CB  CG   sing N N 254 
PHE CB  HB2  sing N N 255 
PHE CB  HB3  sing N N 256 
PHE CG  CD1  doub Y N 257 
PHE CG  CD2  sing Y N 258 
PHE CD1 CE1  sing Y N 259 
PHE CD1 HD1  sing N N 260 
PHE CD2 CE2  doub Y N 261 
PHE CD2 HD2  sing N N 262 
PHE CE1 CZ   doub Y N 263 
PHE CE1 HE1  sing N N 264 
PHE CE2 CZ   sing Y N 265 
PHE CE2 HE2  sing N N 266 
PHE CZ  HZ   sing N N 267 
PHE OXT HXT  sing N N 268 
PRO N   CA   sing N N 269 
PRO N   CD   sing N N 270 
PRO N   H    sing N N 271 
PRO CA  C    sing N N 272 
PRO CA  CB   sing N N 273 
PRO CA  HA   sing N N 274 
PRO C   O    doub N N 275 
PRO C   OXT  sing N N 276 
PRO CB  CG   sing N N 277 
PRO CB  HB2  sing N N 278 
PRO CB  HB3  sing N N 279 
PRO CG  CD   sing N N 280 
PRO CG  HG2  sing N N 281 
PRO CG  HG3  sing N N 282 
PRO CD  HD2  sing N N 283 
PRO CD  HD3  sing N N 284 
PRO OXT HXT  sing N N 285 
SER N   CA   sing N N 286 
SER N   H    sing N N 287 
SER N   H2   sing N N 288 
SER CA  C    sing N N 289 
SER CA  CB   sing N N 290 
SER CA  HA   sing N N 291 
SER C   O    doub N N 292 
SER C   OXT  sing N N 293 
SER CB  OG   sing N N 294 
SER CB  HB2  sing N N 295 
SER CB  HB3  sing N N 296 
SER OG  HG   sing N N 297 
SER OXT HXT  sing N N 298 
THR N   CA   sing N N 299 
THR N   H    sing N N 300 
THR N   H2   sing N N 301 
THR CA  C    sing N N 302 
THR CA  CB   sing N N 303 
THR CA  HA   sing N N 304 
THR C   O    doub N N 305 
THR C   OXT  sing N N 306 
THR CB  OG1  sing N N 307 
THR CB  CG2  sing N N 308 
THR CB  HB   sing N N 309 
THR OG1 HG1  sing N N 310 
THR CG2 HG21 sing N N 311 
THR CG2 HG22 sing N N 312 
THR CG2 HG23 sing N N 313 
THR OXT HXT  sing N N 314 
TYR N   CA   sing N N 315 
TYR N   H    sing N N 316 
TYR N   H2   sing N N 317 
TYR CA  C    sing N N 318 
TYR CA  CB   sing N N 319 
TYR CA  HA   sing N N 320 
TYR C   O    doub N N 321 
TYR C   OXT  sing N N 322 
TYR CB  CG   sing N N 323 
TYR CB  HB2  sing N N 324 
TYR CB  HB3  sing N N 325 
TYR CG  CD1  doub Y N 326 
TYR CG  CD2  sing Y N 327 
TYR CD1 CE1  sing Y N 328 
TYR CD1 HD1  sing N N 329 
TYR CD2 CE2  doub Y N 330 
TYR CD2 HD2  sing N N 331 
TYR CE1 CZ   doub Y N 332 
TYR CE1 HE1  sing N N 333 
TYR CE2 CZ   sing Y N 334 
TYR CE2 HE2  sing N N 335 
TYR CZ  OH   sing N N 336 
TYR OH  HH   sing N N 337 
TYR OXT HXT  sing N N 338 
VAL N   CA   sing N N 339 
VAL N   H    sing N N 340 
VAL N   H2   sing N N 341 
VAL CA  C    sing N N 342 
VAL CA  CB   sing N N 343 
VAL CA  HA   sing N N 344 
VAL C   O    doub N N 345 
VAL C   OXT  sing N N 346 
VAL CB  CG1  sing N N 347 
VAL CB  CG2  sing N N 348 
VAL CB  HB   sing N N 349 
VAL CG1 HG11 sing N N 350 
VAL CG1 HG12 sing N N 351 
VAL CG1 HG13 sing N N 352 
VAL CG2 HG21 sing N N 353 
VAL CG2 HG22 sing N N 354 
VAL CG2 HG23 sing N N 355 
VAL OXT HXT  sing N N 356 
# 
_pdbx_audit_support.funding_organization   'Not funded' 
_pdbx_audit_support.country                ? 
_pdbx_audit_support.grant_number           ? 
_pdbx_audit_support.ordinal                1 
# 
_pdbx_initial_refinement_model.id               1 
_pdbx_initial_refinement_model.entity_id_list   ? 
_pdbx_initial_refinement_model.type             'experimental model' 
_pdbx_initial_refinement_model.source_name      PDB 
_pdbx_initial_refinement_model.accession_code   3DAI 
_pdbx_initial_refinement_model.details          ? 
# 
_atom_sites.entry_id                    8RU5 
_atom_sites.Cartn_transf_matrix[1][1]   ? 
_atom_sites.Cartn_transf_matrix[1][2]   ? 
_atom_sites.Cartn_transf_matrix[1][3]   ? 
_atom_sites.Cartn_transf_matrix[2][1]   ? 
_atom_sites.Cartn_transf_matrix[2][2]   ? 
_atom_sites.Cartn_transf_matrix[2][3]   ? 
_atom_sites.Cartn_transf_matrix[3][1]   ? 
_atom_sites.Cartn_transf_matrix[3][2]   ? 
_atom_sites.Cartn_transf_matrix[3][3]   ? 
_atom_sites.Cartn_transf_vector[1]      ? 
_atom_sites.Cartn_transf_vector[2]      ? 
_atom_sites.Cartn_transf_vector[3]      ? 
_atom_sites.Cartn_transform_axes        ? 
_atom_sites.fract_transf_matrix[1][1]   0.02004787 
_atom_sites.fract_transf_matrix[1][2]   -0.00304330 
_atom_sites.fract_transf_matrix[1][3]   -0.01634035 
_atom_sites.fract_transf_matrix[2][1]   0.01088884 
_atom_sites.fract_transf_matrix[2][2]   0.01433795 
_atom_sites.fract_transf_matrix[2][3]   0.01068907 
_atom_sites.fract_transf_matrix[3][1]   0.00460854 
_atom_sites.fract_transf_matrix[3][2]   -0.00895910 
_atom_sites.fract_transf_matrix[3][3]   0.00732277 
_atom_sites.fract_transf_vector[1]      -0.103829 
_atom_sites.fract_transf_vector[2]      0.099248 
_atom_sites.fract_transf_vector[3]      -0.222518 
_atom_sites.solution_primary            ? 
_atom_sites.solution_secondary          ? 
_atom_sites.solution_hydrogens          ? 
_atom_sites.special_details             ? 
# 
loop_
_atom_type.symbol 
_atom_type.pdbx_scat_Z 
_atom_type.pdbx_N_electrons 
_atom_type.scat_Cromer_Mann_a1 
_atom_type.scat_Cromer_Mann_b1 
_atom_type.scat_Cromer_Mann_a2 
_atom_type.scat_Cromer_Mann_b2 
_atom_type.scat_Cromer_Mann_a3 
_atom_type.scat_Cromer_Mann_b3 
_atom_type.scat_Cromer_Mann_a4 
_atom_type.scat_Cromer_Mann_b4 
C 6  6  2.3103  20.8439 1.0201 10.2075 1.5888 0.5687  0.8651 51.6512 
N 7  7  12.2220 0.0057  3.1346 9.8933  2.0141 28.9975 1.1672 0.5826  
O 8  8  3.0487  13.2771 2.2870 5.7011  1.5464 0.3239  0.8671 32.9089 
S 16 16 6.9054  1.4679  5.2035 22.2151 1.4379 0.2536  1.5863 56.1720 
# 
loop_
_atom_site.group_PDB 
_atom_site.id 
_atom_site.type_symbol 
_atom_site.label_atom_id 
_atom_site.label_alt_id 
_atom_site.label_comp_id 
_atom_site.label_asym_id 
_atom_site.label_entity_id 
_atom_site.label_seq_id 
_atom_site.pdbx_PDB_ins_code 
_atom_site.Cartn_x 
_atom_site.Cartn_y 
_atom_site.Cartn_z 
_atom_site.occupancy 
_atom_site.B_iso_or_equiv 
_atom_site.pdbx_formal_charge 
_atom_site.auth_seq_id 
_atom_site.auth_comp_id 
_atom_site.auth_asym_id 
_atom_site.auth_atom_id 
_atom_site.pdbx_PDB_model_num 
_atom_site.calc_flag 
ATOM   1    N N   . SER A 1 1   ? -9.927  24.186  -7.441  1.000 51.980 0 979  SER A N   1 ? 
ATOM   2    C CA  . SER A 1 1   ? -11.047 24.440  -6.550  1.000 52.343 0 979  SER A CA  1 ? 
ATOM   3    C C   . SER A 1 1   ? -10.631 24.202  -5.102  1.000 49.590 0 979  SER A C   1 ? 
ATOM   4    O O   . SER A 1 1   ? -9.881  23.270  -4.818  1.000 46.779 0 979  SER A O   1 ? 
ATOM   5    C CB  . SER A 1 1   ? -12.213 23.504  -6.892  1.000 54.593 0 979  SER A CB  1 ? 
ATOM   6    O OG  . SER A 1 1   ? -13.453 24.083  -6.523  1.000 56.680 0 979  SER A OG  1 ? 
ATOM   7    N N   . MET A 1 2   ? -11.106 25.048  -4.185  1.000 48.793 0 980  MET A N   1 ? 
ATOM   8    C CA  . MET A 1 2   ? -10.961 24.732  -2.766  1.000 47.906 0 980  MET A CA  1 ? 
ATOM   9    C C   . MET A 1 2   ? -11.626 23.400  -2.454  1.000 45.577 0 980  MET A C   1 ? 
ATOM   10   O O   . MET A 1 2   ? -11.096 22.591  -1.681  1.000 44.603 0 980  MET A O   1 ? 
ATOM   11   C CB  . MET A 1 2   ? -11.577 25.844  -1.916  1.000 48.451 0 980  MET A CB  1 ? 
ATOM   12   N N   . GLN A 1 3   ? -12.784 23.148  -3.072  1.000 44.418 0 981  GLN A N   1 ? 
ATOM   13   C CA  . GLN A 1 3   ? -13.469 21.871  -2.894  1.000 41.400 0 981  GLN A CA  1 ? 
ATOM   14   C C   . GLN A 1 3   ? -12.606 20.700  -3.344  1.000 37.799 0 981  GLN A C   1 ? 
ATOM   15   O O   . GLN A 1 3   ? -12.608 19.643  -2.707  1.000 36.825 0 981  GLN A O   1 ? 
ATOM   16   C CB  . GLN A 1 3   ? -14.788 21.895  -3.667  1.000 42.355 0 981  GLN A CB  1 ? 
ATOM   17   N N   . GLU A 1 4   ? -11.859 20.863  -4.436  1.000 34.423 0 982  GLU A N   1 ? 
ATOM   18   C CA  . GLU A 1 4   ? -10.986 19.784  -4.894  1.000 30.683 0 982  GLU A CA  1 ? 
ATOM   19   C C   . GLU A 1 4   ? -9.798  19.582  -3.953  1.000 28.988 0 982  GLU A C   1 ? 
ATOM   20   O O   . GLU A 1 4   ? -9.434  18.439  -3.636  1.000 28.185 0 982  GLU A O   1 ? 
ATOM   21   C CB  . GLU A 1 4   ? -10.524 20.057  -6.323  1.000 31.451 0 982  GLU A CB  1 ? 
ATOM   22   C CG  . GLU A 1 4   ? -11.658 19.959  -7.329  1.000 34.217 0 982  GLU A CG  1 ? 
ATOM   23   C CD  . GLU A 1 4   ? -11.208 20.205  -8.750  1.000 37.486 0 982  GLU A CD  1 ? 
ATOM   24   O OE1 . GLU A 1 4   ? -10.051 20.651  -8.933  1.000 39.542 0 982  GLU A OE1 1 ? 
ATOM   25   O OE2 . GLU A 1 4   ? -12.013 19.954  -9.681  1.000 38.278 0 982  GLU A OE2 1 ? 
ATOM   26   N N   . GLU A 1 5   ? -9.171  20.672  -3.501  1.000 29.354 0 983  GLU A N   1 ? 
ATOM   27   C CA  . GLU A 1 5   ? -8.052  20.536  -2.574  1.000 30.462 0 983  GLU A CA  1 ? 
ATOM   28   C C   . GLU A 1 5   ? -8.495  19.897  -1.262  1.000 28.917 0 983  GLU A C   1 ? 
ATOM   29   O O   . GLU A 1 5   ? -7.770  19.071  -0.696  1.000 28.582 0 983  GLU A O   1 ? 
ATOM   30   C CB  . GLU A 1 5   ? -7.404  21.892  -2.314  1.000 34.796 0 983  GLU A CB  1 ? 
ATOM   31   C CG  . GLU A 1 5   ? -6.712  22.486  -3.527  1.000 36.841 0 983  GLU A CG  1 ? 
ATOM   32   N N   . ASP A 1 6   ? -9.685  20.272  -0.772  1.000 30.622 0 984  ASP A N   1 ? 
ATOM   33   C CA  . ASP A 1 6   ? -10.241 19.653  0.421   1.000 31.785 0 984  ASP A CA  1 ? 
ATOM   34   C C   . ASP A 1 6   ? -10.437 18.159  0.222   1.000 28.019 0 984  ASP A C   1 ? 
ATOM   35   O O   . ASP A 1 6   ? -10.233 17.375  1.151   1.000 27.706 0 984  ASP A O   1 ? 
ATOM   36   C CB  . ASP A 1 6   ? -11.599 20.269  0.762   1.000 38.010 0 984  ASP A CB  1 ? 
ATOM   37   C CG  . ASP A 1 6   ? -11.502 21.713  1.202   1.000 44.121 0 984  ASP A CG  1 ? 
ATOM   38   O OD1 . ASP A 1 6   ? -10.435 22.117  1.717   1.000 46.324 0 984  ASP A OD1 1 ? 
ATOM   39   O OD2 . ASP A 1 6   ? -12.507 22.438  1.044   1.000 47.490 0 984  ASP A OD2 1 ? 
ATOM   40   N N   . THR A 1 7   ? -10.905 17.756  -0.963  1.000 25.724 0 985  THR A N   1 ? 
ATOM   41   C CA  . THR A 1 7   ? -11.108 16.338  -1.246  1.000 25.243 0 985  THR A CA  1 ? 
ATOM   42   C C   . THR A 1 7   ? -9.797  15.574  -1.134  1.000 23.921 0 985  THR A C   1 ? 
ATOM   43   O O   . THR A 1 7   ? -9.734  14.525  -0.496  1.000 22.911 0 985  THR A O   1 ? 
ATOM   44   C CB  . THR A 1 7   ? -11.718 16.163  -2.642  1.000 25.861 0 985  THR A CB  1 ? 
ATOM   45   O OG1 . THR A 1 7   ? -12.989 16.824  -2.708  1.000 29.556 0 985  THR A OG1 1 ? 
ATOM   46   C CG2 . THR A 1 7   ? -11.926 14.700  -2.977  1.000 27.609 0 985  THR A CG2 1 ? 
ATOM   47   N N   . PHE A 1 8   ? -8.726  16.097  -1.732  1.000 24.050 0 986  PHE A N   1 ? 
ATOM   48   C CA  . PHE A 1 8   ? -7.465  15.364  -1.682  1.000 23.519 0 986  PHE A CA  1 ? 
ATOM   49   C C   . PHE A 1 8   ? -6.862  15.356  -0.286  1.000 22.455 0 986  PHE A C   1 ? 
ATOM   50   O O   . PHE A 1 8   ? -6.214  14.376  0.087   1.000 22.147 0 986  PHE A O   1 ? 
ATOM   51   C CB  . PHE A 1 8   ? -6.487  15.882  -2.713  1.000 25.614 0 986  PHE A CB  1 ? 
ATOM   52   C CG  . PHE A 1 8   ? -6.890  15.561  -4.122  1.000 25.521 0 986  PHE A CG  1 ? 
ATOM   53   C CD1 . PHE A 1 8   ? -7.316  14.288  -4.497  1.000 26.479 0 986  PHE A CD1 1 ? 
ATOM   54   C CD2 . PHE A 1 8   ? -6.852  16.548  -5.074  1.000 27.924 0 986  PHE A CD2 1 ? 
ATOM   55   C CE1 . PHE A 1 8   ? -7.686  14.025  -5.803  1.000 26.614 0 986  PHE A CE1 1 ? 
ATOM   56   C CE2 . PHE A 1 8   ? -7.211  16.293  -6.370  1.000 29.235 0 986  PHE A CE2 1 ? 
ATOM   57   C CZ  . PHE A 1 8   ? -7.627  15.031  -6.742  1.000 27.998 0 986  PHE A CZ  1 ? 
ATOM   58   N N   . ARG A 1 9   ? -7.064  16.421  0.493   1.000 23.632 0 987  ARG A N   1 ? 
ATOM   59   C CA  . ARG A 1 9   ? -6.656  16.412  1.893   1.000 24.921 0 987  ARG A CA  1 ? 
ATOM   60   C C   . ARG A 1 9   ? -7.374  15.313  2.667   1.000 23.948 0 987  ARG A C   1 ? 
ATOM   61   O O   . ARG A 1 9   ? -6.746  14.579  3.444   1.000 23.634 0 987  ARG A O   1 ? 
ATOM   62   C CB  . ARG A 1 9   ? -6.943  17.775  2.507   1.000 29.040 0 987  ARG A CB  1 ? 
ATOM   63   C CG  . ARG A 1 9   ? -6.400  17.959  3.883   1.000 32.846 0 987  ARG A CG  1 ? 
ATOM   64   C CD  . ARG A 1 9   ? -6.630  19.397  4.383   1.000 37.957 0 987  ARG A CD  1 ? 
ATOM   65   N NE  . ARG A 1 9   ? -6.079  20.385  3.444   1.000 43.939 0 987  ARG A NE  1 ? 
ATOM   66   C CZ  . ARG A 1 9   ? -6.793  21.196  2.662   1.000 47.727 0 987  ARG A CZ  1 ? 
ATOM   67   N NH1 . ARG A 1 9   ? -8.124  21.195  2.690   1.000 49.438 0 987  ARG A NH1 1 ? 
ATOM   68   N NH2 . ARG A 1 9   ? -6.167  22.025  1.837   1.000 48.980 0 987  ARG A NH2 1 ? 
ATOM   69   N N   . GLU A 1 10  ? -8.683  15.164  2.441   1.000 22.900 0 988  GLU A N   1 ? 
ATOM   70   C CA  . GLU A 1 10  ? -9.447  14.109  3.089   1.000 23.740 0 988  GLU A CA  1 ? 
ATOM   71   C C   . GLU A 1 10  ? -8.933  12.742  2.662   1.000 21.576 0 988  GLU A C   1 ? 
ATOM   72   O O   . GLU A 1 10  ? -8.823  11.822  3.486   1.000 22.089 0 988  GLU A O   1 ? 
ATOM   73   C CB  . GLU A 1 10  ? -10.926 14.261  2.721   1.000 26.922 0 988  GLU A CB  1 ? 
ATOM   74   C CG  . GLU A 1 10  ? -11.854 13.207  3.317   1.000 34.009 0 988  GLU A CG  1 ? 
ATOM   75   C CD  . GLU A 1 10  ? -13.335 13.486  3.046   1.000 39.850 0 988  GLU A CD  1 ? 
ATOM   76   O OE1 . GLU A 1 10  ? -14.170 12.635  3.451   1.000 42.118 0 988  GLU A OE1 1 ? 
ATOM   77   O OE2 . GLU A 1 10  ? -13.664 14.535  2.425   1.000 41.810 0 988  GLU A OE2 1 ? 
ATOM   78   N N   . LEU A 1 11  ? -8.589  12.595  1.386   1.000 20.605 0 989  LEU A N   1 ? 
ATOM   79   C CA  . LEU A 1 11  ? -8.011  11.344  0.913   1.000 19.084 0 989  LEU A CA  1 ? 
ATOM   80   C C   . LEU A 1 11  ? -6.728  11.020  1.653   1.000 19.208 0 989  LEU A C   1 ? 
ATOM   81   O O   . LEU A 1 11  ? -6.538  9.882   2.102   1.000 19.818 0 989  LEU A O   1 ? 
ATOM   82   C CB  . LEU A 1 11  ? -7.752  11.397  -0.588  1.000 20.187 0 989  LEU A CB  1 ? 
ATOM   83   C CG  . LEU A 1 11  ? -7.080  10.162  -1.184  1.000 20.771 0 989  LEU A CG  1 ? 
ATOM   84   C CD1 . LEU A 1 11  ? -7.966  8.945   -1.064  1.000 21.866 0 989  LEU A CD1 1 ? 
ATOM   85   C CD2 . LEU A 1 11  ? -6.679  10.434  -2.644  1.000 24.069 0 989  LEU A CD2 1 ? 
ATOM   86   N N   . ARG A 1 12  ? -5.817  11.994  1.771   1.000 19.668 0 990  ARG A N   1 ? 
ATOM   87   C CA  . ARG A 1 12  ? -4.535  11.717  2.407   1.000 20.050 0 990  ARG A CA  1 ? 
ATOM   88   C C   . ARG A 1 12  ? -4.722  11.334  3.871   1.000 20.250 0 990  ARG A C   1 ? 
ATOM   89   O O   . ARG A 1 12  ? -4.059  10.415  4.375   1.000 21.771 0 990  ARG A O   1 ? 
ATOM   90   C CB  . ARG A 1 12  ? -3.597  12.914  2.267   1.000 21.442 0 990  ARG A CB  1 ? 
ATOM   91   C CG  . ARG A 1 12  ? -3.123  13.179  0.844   1.000 22.324 0 990  ARG A CG  1 ? 
ATOM   92   C CD  . ARG A 1 12  ? -2.020  14.225  0.802   1.000 23.250 0 990  ARG A CD  1 ? 
ATOM   93   N NE  . ARG A 1 12  ? -2.448  15.523  1.303   1.000 24.521 0 990  ARG A NE  1 ? 
ATOM   94   C CZ  . ARG A 1 12  ? -3.095  16.431  0.579   1.000 26.222 0 990  ARG A CZ  1 ? 
ATOM   95   N NH1 . ARG A 1 12  ? -3.385  16.177  -0.683  1.000 27.498 0 990  ARG A NH1 1 ? 
ATOM   96   N NH2 . ARG A 1 12  ? -3.421  17.602  1.114   1.000 28.082 0 990  ARG A NH2 1 ? 
ATOM   97   N N   . ILE A 1 13  ? -5.638  12.015  4.558   1.000 21.229 0 991  ILE A N   1 ? 
ATOM   98   C CA  . ILE A 1 13  ? -5.935  11.679  5.950   1.000 22.911 0 991  ILE A CA  1 ? 
ATOM   99   C C   . ILE A 1 13  ? -6.399  10.232  6.044   1.000 23.192 0 991  ILE A C   1 ? 
ATOM   100  O O   . ILE A 1 13  ? -5.931  9.444   6.879   1.000 23.242 0 991  ILE A O   1 ? 
ATOM   101  C CB  . ILE A 1 13  ? -7.008  12.645  6.495   1.000 26.043 0 991  ILE A CB  1 ? 
ATOM   102  C CG1 . ILE A 1 13  ? -6.430  14.050  6.634   1.000 28.453 0 991  ILE A CG1 1 ? 
ATOM   103  C CG2 . ILE A 1 13  ? -7.541  12.145  7.859   1.000 28.248 0 991  ILE A CG2 1 ? 
ATOM   104  C CD1 . ILE A 1 13  ? -7.471  15.130  6.928   1.000 30.098 0 991  ILE A CD1 1 ? 
ATOM   105  N N   . PHE A 1 14  ? -7.305  9.837   5.151   1.000 21.721 0 992  PHE A N   1 ? 
ATOM   106  C CA  . PHE A 1 14  ? -7.845  8.482   5.141   1.000 21.118 0 992  PHE A CA  1 ? 
ATOM   107  C C   . PHE A 1 14  ? -6.747  7.472   4.883   1.000 20.410 0 992  PHE A C   1 ? 
ATOM   108  O O   . PHE A 1 14  ? -6.618  6.477   5.612   1.000 20.979 0 992  PHE A O   1 ? 
ATOM   109  C CB  . PHE A 1 14  ? -8.949  8.399   4.081   1.000 21.024 0 992  PHE A CB  1 ? 
ATOM   110  C CG  . PHE A 1 14  ? -9.504  7.021   3.885   1.000 21.908 0 992  PHE A CG  1 ? 
ATOM   111  C CD1 . PHE A 1 14  ? -10.236 6.414   4.878   1.000 24.071 0 992  PHE A CD1 1 ? 
ATOM   112  C CD2 . PHE A 1 14  ? -9.317  6.346   2.689   1.000 23.871 0 992  PHE A CD2 1 ? 
ATOM   113  C CE1 . PHE A 1 14  ? -10.766 5.146   4.696   1.000 25.822 0 992  PHE A CE1 1 ? 
ATOM   114  C CE2 . PHE A 1 14  ? -9.843  5.072   2.505   1.000 25.011 0 992  PHE A CE2 1 ? 
ATOM   115  C CZ  . PHE A 1 14  ? -10.573 4.489   3.505   1.000 25.550 0 992  PHE A CZ  1 ? 
ATOM   116  N N   . LEU A 1 15  ? -5.936  7.703   3.851   1.000 19.858 0 993  LEU A N   1 ? 
ATOM   117  C CA  . LEU A 1 15  ? -4.873  6.751   3.526   1.000 18.955 0 993  LEU A CA  1 ? 
ATOM   118  C C   . LEU A 1 15  ? -3.832  6.642   4.632   1.000 19.102 0 993  LEU A C   1 ? 
ATOM   119  O O   . LEU A 1 15  ? -3.309  5.552   4.889   1.000 19.884 0 993  LEU A O   1 ? 
ATOM   120  C CB  . LEU A 1 15  ? -4.209  7.142   2.210   1.000 19.208 0 993  LEU A CB  1 ? 
ATOM   121  C CG  . LEU A 1 15  ? -5.128  7.086   0.976   1.000 20.066 0 993  LEU A CG  1 ? 
ATOM   122  C CD1 . LEU A 1 15  ? -4.356  7.483   -0.287  1.000 21.166 0 993  LEU A CD1 1 ? 
ATOM   123  C CD2 . LEU A 1 15  ? -5.822  5.746   0.774   1.000 21.721 0 993  LEU A CD2 1 ? 
ATOM   124  N N   . ARG A 1 16  ? -3.503  7.756   5.281   1.000 20.910 0 994  ARG A N   1 ? 
ATOM   125  C CA  . ARG A 1 16  ? -2.560  7.710   6.393   1.000 22.626 0 994  ARG A CA  1 ? 
ATOM   126  C C   . ARG A 1 16  ? -3.105  6.840   7.511   1.000 22.808 0 994  ARG A C   1 ? 
ATOM   127  O O   . ARG A 1 16  ? -2.371  6.038   8.100   1.000 24.329 0 994  ARG A O   1 ? 
ATOM   128  C CB  . ARG A 1 16  ? -2.352  9.123   6.933   1.000 25.808 0 994  ARG A CB  1 ? 
ATOM   129  C CG  . ARG A 1 16  ? -1.410  9.995   6.155   1.000 30.298 0 994  ARG A CG  1 ? 
ATOM   130  C CD  . ARG A 1 16  ? -0.916  11.240  6.984   1.000 32.056 0 994  ARG A CD  1 ? 
ATOM   131  N NE  . ARG A 1 16  ? -0.424  12.254  6.051   1.000 34.204 0 994  ARG A NE  1 ? 
ATOM   132  C CZ  . ARG A 1 16  ? -1.153  13.233  5.526   1.000 35.431 0 994  ARG A CZ  1 ? 
ATOM   133  N NH1 . ARG A 1 16  ? -2.425  13.404  5.883   1.000 37.333 0 994  ARG A NH1 1 ? 
ATOM   134  N NH2 . ARG A 1 16  ? -0.603  14.044  4.637   1.000 35.791 0 994  ARG A NH2 1 ? 
ATOM   135  N N   . ASN A 1 17  ? -4.412  6.946   7.777   1.000 22.442 0 995  ASN A N   1 ? 
ATOM   136  C CA  . ASN A 1 17  ? -5.037  6.200   8.867   1.000 23.311 0 995  ASN A CA  1 ? 
ATOM   137  C C   . ASN A 1 17  ? -5.099  4.707   8.559   1.000 23.426 0 995  ASN A C   1 ? 
ATOM   138  O O   . ASN A 1 17  ? -4.875  3.874   9.447   1.000 25.011 0 995  ASN A O   1 ? 
ATOM   139  C CB  . ASN A 1 17  ? -6.433  6.781   9.126   1.000 26.366 0 995  ASN A CB  1 ? 
ATOM   140  C CG  . ASN A 1 17  ? -7.126  6.148   10.324  1.000 29.706 0 995  ASN A CG  1 ? 
ATOM   141  O OD1 . ASN A 1 17  ? -7.499  4.989   10.283  1.000 30.396 0 995  ASN A OD1 1 ? 
ATOM   142  N ND2 . ASN A 1 17  ? -7.342  6.936   11.378  1.000 32.641 0 995  ASN A ND2 1 ? 
ATOM   143  N N   . VAL A 1 18  ? -5.403  4.349   7.312   1.000 22.134 0 996  VAL A N   1 ? 
ATOM   144  C CA  . VAL A 1 18  ? -5.338  2.951   6.894   1.000 21.700 0 996  VAL A CA  1 ? 
ATOM   145  C C   . VAL A 1 18  ? -3.911  2.430   7.026   1.000 21.918 0 996  VAL A C   1 ? 
ATOM   146  O O   . VAL A 1 18  ? -3.667  1.351   7.582   1.000 22.076 0 996  VAL A O   1 ? 
ATOM   147  C CB  . VAL A 1 18  ? -5.851  2.787   5.454   1.000 21.837 0 996  VAL A CB  1 ? 
ATOM   148  C CG1 . VAL A 1 18  ? -5.679  1.330   5.023   1.000 22.392 0 996  VAL A CG1 1 ? 
ATOM   149  C CG2 . VAL A 1 18  ? -7.318  3.209   5.335   1.000 23.608 0 996  VAL A CG2 1 ? 
ATOM   150  N N   . THR A 1 19  ? -2.941  3.197   6.517   1.000 20.681 0 997  THR A N   1 ? 
ATOM   151  C CA  . THR A 1 19  ? -1.572  2.699   6.494   1.000 20.697 0 997  THR A CA  1 ? 
ATOM   152  C C   . THR A 1 19  ? -1.035  2.532   7.901   1.000 22.440 0 997  THR A C   1 ? 
ATOM   153  O O   . THR A 1 19  ? -0.305  1.576   8.181   1.000 22.503 0 997  THR A O   1 ? 
ATOM   154  C CB  . THR A 1 19  ? -0.678  3.620   5.674   1.000 21.876 0 997  THR A CB  1 ? 
ATOM   155  O OG1 . THR A 1 19  ? -1.253  3.829   4.377   1.000 21.100 0 997  THR A OG1 1 ? 
ATOM   156  C CG2 . THR A 1 19  ? 0.684   3.002   5.517   1.000 23.224 0 997  THR A CG2 1 ? 
ATOM   157  N N   . HIS A 1 20  ? -1.407  3.438   8.799   1.000 23.455 0 998  HIS A N   1 ? 
ATOM   158  C CA  . HIS A 1 20  ? -0.975  3.327   10.185  1.000 25.340 0 998  HIS A CA  1 ? 
ATOM   159  C C   . HIS A 1 20  ? -1.465  2.026   10.806  1.000 24.935 0 998  HIS A C   1 ? 
ATOM   160  O O   . HIS A 1 20  ? -0.708  1.338   11.506  1.000 26.337 0 998  HIS A O   1 ? 
ATOM   161  C CB  . HIS A 1 20  ? -1.492  4.533   10.967  1.000 29.196 0 998  HIS A CB  1 ? 
ATOM   162  C CG  . HIS A 1 20  ? -1.116  4.509   12.407  1.000 34.144 0 998  HIS A CG  1 ? 
ATOM   163  N ND1 . HIS A 1 20  ? 0.178   4.698   12.833  1.000 35.565 0 998  HIS A ND1 1 ? 
ATOM   164  C CD2 . HIS A 1 20  ? -1.850  4.267   13.518  1.000 35.715 0 998  HIS A CD2 1 ? 
ATOM   165  C CE1 . HIS A 1 20  ? 0.222   4.603   14.150  1.000 35.259 0 998  HIS A CE1 1 ? 
ATOM   166  N NE2 . HIS A 1 20  ? -0.997  4.338   14.590  1.000 36.270 0 998  HIS A NE2 1 ? 
ATOM   167  N N   A ARG A 1 21  ? -2.719  1.641   10.525  0.440 24.395 0 999  ARG A N   1 ? 
ATOM   168  N N   B ARG A 1 21  ? -2.739  1.690   10.589  0.560 25.893 0 999  ARG A N   1 ? 
ATOM   169  C CA  A ARG A 1 21  ? -3.270  0.431   11.131  0.440 24.363 0 999  ARG A CA  1 ? 
ATOM   170  C CA  B ARG A 1 21  ? -3.263  0.439   11.120  0.560 27.261 0 999  ARG A CA  1 ? 
ATOM   171  C C   A ARG A 1 21  ? -2.618  -0.830  10.576  0.440 24.098 0 999  ARG A C   1 ? 
ATOM   172  C C   B ARG A 1 21  ? -2.409  -0.730  10.651  0.560 26.195 0 999  ARG A C   1 ? 
ATOM   173  O O   A ARG A 1 21  ? -2.601  -1.867  11.246  0.440 24.456 0 999  ARG A O   1 ? 
ATOM   174  O O   B ARG A 1 21  ? -1.978  -1.568  11.453  0.560 26.858 0 999  ARG A O   1 ? 
ATOM   175  C CB  A ARG A 1 21  ? -4.775  0.356   10.909  0.440 24.321 0 999  ARG A CB  1 ? 
ATOM   176  C CB  B ARG A 1 21  ? -4.721  0.267   10.702  0.560 29.454 0 999  ARG A CB  1 ? 
ATOM   177  C CG  A ARG A 1 21  ? -5.602  1.105   11.910  0.440 24.979 0 999  ARG A CG  1 ? 
ATOM   178  C CG  B ARG A 1 21  ? -5.665  1.337   11.239  0.560 31.075 0 999  ARG A CG  1 ? 
ATOM   179  C CD  A ARG A 1 21  ? -7.079  0.999   11.558  0.440 26.264 0 999  ARG A CD  1 ? 
ATOM   180  C CD  B ARG A 1 21  ? -7.108  1.069   10.809  0.560 32.607 0 999  ARG A CD  1 ? 
ATOM   181  N NE  A ARG A 1 21  ? -7.465  1.993   10.563  0.440 27.011 0 999  ARG A NE  1 ? 
ATOM   182  N NE  B ARG A 1 21  ? -7.573  -0.234  11.281  0.560 33.812 0 999  ARG A NE  1 ? 
ATOM   183  C CZ  A ARG A 1 21  ? -8.634  2.017   9.930   0.440 26.335 0 999  ARG A CZ  1 ? 
ATOM   184  C CZ  B ARG A 1 21  ? -8.802  -0.709  11.095  0.560 33.696 0 999  ARG A CZ  1 ? 
ATOM   185  N NH1 A ARG A 1 21  ? -9.543  1.088   10.168  0.440 26.980 0 999  ARG A NH1 1 ? 
ATOM   186  N NH1 B ARG A 1 21  ? -9.704  0.011   10.446  0.560 33.025 0 999  ARG A NH1 1 ? 
ATOM   187  N NH2 A ARG A 1 21  ? -8.892  2.979   9.055   0.440 26.187 0 999  ARG A NH2 1 ? 
ATOM   188  N NH2 B ARG A 1 21  ? -9.131  -1.903  11.556  0.560 33.562 0 999  ARG A NH2 1 ? 
ATOM   189  N N   . LEU A 1 22  ? -2.098  -0.768  9.356   1.000 23.345 0 1000 LEU A N   1 ? 
ATOM   190  C CA  . LEU A 1 22  ? -1.299  -1.859  8.831   1.000 22.587 0 1000 LEU A CA  1 ? 
ATOM   191  C C   . LEU A 1 22  ? 0.084   -1.866  9.459   1.000 22.624 0 1000 LEU A C   1 ? 
ATOM   192  O O   . LEU A 1 22  ? 0.584   -2.925  9.858   1.000 24.448 0 1000 LEU A O   1 ? 
ATOM   193  C CB  . LEU A 1 22  ? -1.187  -1.745  7.314   1.000 21.805 0 1000 LEU A CB  1 ? 
ATOM   194  C CG  . LEU A 1 22  ? -2.504  -1.744  6.552   1.000 22.145 0 1000 LEU A CG  1 ? 
ATOM   195  C CD1 . LEU A 1 22  ? -2.261  -1.458  5.073   1.000 22.287 0 1000 LEU A CD1 1 ? 
ATOM   196  C CD2 . LEU A 1 22  ? -3.231  -3.051  6.720   1.000 24.063 0 1000 LEU A CD2 1 ? 
ATOM   197  N N   . ALA A 1 23  ? 0.712   -0.688  9.574   1.000 22.711 0 1001 ALA A N   1 ? 
ATOM   198  C CA  . ALA A 1 23  ? 2.111   -0.624  9.975   1.000 25.285 0 1001 ALA A CA  1 ? 
ATOM   199  C C   . ALA A 1 23  ? 2.318   -0.961  11.440  1.000 26.724 0 1001 ALA A C   1 ? 
ATOM   200  O O   . ALA A 1 23  ? 3.413   -1.396  11.808  1.000 29.306 0 1001 ALA A O   1 ? 
ATOM   201  C CB  . ALA A 1 23  ? 2.689   0.760   9.700   1.000 26.035 0 1001 ALA A CB  1 ? 
ATOM   202  N N   . ILE A 1 24  ? 1.295   -0.791  12.281  1.000 27.766 0 1002 ILE A N   1 ? 
ATOM   203  C CA  . ILE A 1 24  ? 1.442   -1.124  13.693  1.000 30.085 0 1002 ILE A CA  1 ? 
ATOM   204  C C   . ILE A 1 24  ? 1.067   -2.573  13.993  1.000 30.751 0 1002 ILE A C   1 ? 
ATOM   205  O O   . ILE A 1 24  ? 1.265   -3.028  15.128  1.000 32.867 0 1002 ILE A O   1 ? 
ATOM   206  C CB  . ILE A 1 24  ? 0.668   -0.179  14.634  1.000 32.417 0 1002 ILE A CB  1 ? 
ATOM   207  C CG1 . ILE A 1 24  ? -0.836  -0.346  14.456  1.000 34.036 0 1002 ILE A CG1 1 ? 
ATOM   208  C CG2 . ILE A 1 24  ? 1.108   1.275   14.436  1.000 34.799 0 1002 ILE A CG2 1 ? 
ATOM   209  C CD1 . ILE A 1 24  ? -1.633  0.500   15.409  1.000 37.078 0 1002 ILE A CD1 1 ? 
ATOM   210  N N   . ASP A 1 25  ? 0.537   -3.309  13.017  1.000 29.930 0 1003 ASP A N   1 ? 
ATOM   211  C CA  . ASP A 1 25  ? 0.149   -4.702  13.207  1.000 29.411 0 1003 ASP A CA  1 ? 
ATOM   212  C C   . ASP A 1 25  ? 1.401   -5.572  13.209  1.000 29.348 0 1003 ASP A C   1 ? 
ATOM   213  O O   . ASP A 1 25  ? 2.163   -5.552  12.241  1.000 28.411 0 1003 ASP A O   1 ? 
ATOM   214  C CB  . ASP A 1 25  ? -0.765  -5.102  12.047  1.000 30.498 0 1003 ASP A CB  1 ? 
ATOM   215  C CG  . ASP A 1 25  ? -1.398  -6.472  12.219  1.000 33.046 0 1003 ASP A CG  1 ? 
ATOM   216  O OD1 . ASP A 1 25  ? -0.686  -7.462  12.503  1.000 35.191 0 1003 ASP A OD1 1 ? 
ATOM   217  O OD2 . ASP A 1 25  ? -2.622  -6.563  12.005  1.000 34.602 0 1003 ASP A OD2 1 ? 
ATOM   218  N N   . LYS A 1 26  ? 1.590   -6.357  14.289  1.000 31.901 0 1004 LYS A N   1 ? 
ATOM   219  C CA  . LYS A 1 26  ? 2.806   -7.157  14.419  1.000 32.493 0 1004 LYS A CA  1 ? 
ATOM   220  C C   . LYS A 1 26  ? 3.058   -8.063  13.227  1.000 32.220 0 1004 LYS A C   1 ? 
ATOM   221  O O   . LYS A 1 26  ? 4.211   -8.357  12.893  1.000 33.038 0 1004 LYS A O   1 ? 
ATOM   222  C CB  . LYS A 1 26  ? 2.704   -8.043  15.702  1.000 34.246 0 1004 LYS A CB  1 ? 
ATOM   223  N N   . ARG A 1 27  ? 2.011   -8.531  12.565  1.000 29.933 0 1005 ARG A N   1 ? 
ATOM   224  C CA  . ARG A 1 27  ? 2.171   -9.457  11.463  1.000 29.227 0 1005 ARG A CA  1 ? 
ATOM   225  C C   . ARG A 1 27  ? 2.904   -8.827  10.297  1.000 27.980 0 1005 ARG A C   1 ? 
ATOM   226  O O   . ARG A 1 27  ? 3.519   -9.533  9.505   1.000 28.988 0 1005 ARG A O   1 ? 
ATOM   227  C CB  . ARG A 1 27  ? 0.805   -9.902  10.942  1.000 30.856 0 1005 ARG A CB  1 ? 
ATOM   228  C CG  . ARG A 1 27  ? 0.060   -10.789 11.868  1.000 32.478 0 1005 ARG A CG  1 ? 
ATOM   229  C CD  . ARG A 1 27  ? -1.272  -11.109 11.239  1.000 34.073 0 1005 ARG A CD  1 ? 
ATOM   230  N NE  . ARG A 1 27  ? -2.096  -9.906  11.195  1.000 35.225 0 1005 ARG A NE  1 ? 
ATOM   231  C CZ  . ARG A 1 27  ? -3.274  -9.837  10.592  1.000 36.186 0 1005 ARG A CZ  1 ? 
ATOM   232  N NH1 . ARG A 1 27  ? -3.768  -10.900 9.970   1.000 35.931 0 1005 ARG A NH1 1 ? 
ATOM   233  N NH2 . ARG A 1 27  ? -3.954  -8.712  10.610  1.000 37.028 0 1005 ARG A NH2 1 ? 
ATOM   234  N N   . PHE A 1 28  ? 2.835   -7.509  10.160  1.000 25.564 0 1006 PHE A N   1 ? 
ATOM   235  C CA  . PHE A 1 28  ? 3.278   -6.820  8.953   1.000 23.869 0 1006 PHE A CA  1 ? 
ATOM   236  C C   . PHE A 1 28  ? 4.587   -6.087  9.169   1.000 24.824 0 1006 PHE A C   1 ? 
ATOM   237  O O   . PHE A 1 28  ? 5.015   -5.325  8.296   1.000 24.561 0 1006 PHE A O   1 ? 
ATOM   238  C CB  . PHE A 1 28  ? 2.170   -5.891  8.424   1.000 22.576 0 1006 PHE A CB  1 ? 
ATOM   239  C CG  . PHE A 1 28  ? 0.839   -6.583  8.263   1.000 22.803 0 1006 PHE A CG  1 ? 
ATOM   240  C CD1 . PHE A 1 28  ? 0.774   -7.893  7.787   1.000 22.237 0 1006 PHE A CD1 1 ? 
ATOM   241  C CD2 . PHE A 1 28  ? -0.343  -5.933  8.573   1.000 22.466 0 1006 PHE A CD2 1 ? 
ATOM   242  C CE1 . PHE A 1 28  ? -0.439  -8.531  7.661   1.000 22.184 0 1006 PHE A CE1 1 ? 
ATOM   243  C CE2 . PHE A 1 28  ? -1.569  -6.570  8.430   1.000 22.653 0 1006 PHE A CE2 1 ? 
ATOM   244  C CZ  . PHE A 1 28  ? -1.614  -7.873  7.980   1.000 21.839 0 1006 PHE A CZ  1 ? 
ATOM   245  N N   . ARG A 1 29  ? 5.266   -6.359  10.287  1.000 26.501 0 1007 ARG A N   1 ? 
ATOM   246  C CA  . ARG A 1 29  ? 6.522   -5.679  10.562  1.000 28.730 0 1007 ARG A CA  1 ? 
ATOM   247  C C   . ARG A 1 29  ? 7.511   -5.817  9.408   1.000 29.080 0 1007 ARG A C   1 ? 
ATOM   248  O O   . ARG A 1 29  ? 8.209   -4.857  9.072   1.000 29.406 0 1007 ARG A O   1 ? 
ATOM   249  C CB  . ARG A 1 29  ? 7.139   -6.236  11.842  1.000 34.759 0 1007 ARG A CB  1 ? 
ATOM   250  C CG  . ARG A 1 29  ? 8.340   -5.431  12.299  1.000 38.399 0 1007 ARG A CG  1 ? 
ATOM   251  C CD  . ARG A 1 29  ? 8.801   -5.824  13.693  1.000 43.497 0 1007 ARG A CD  1 ? 
ATOM   252  N NE  . ARG A 1 29  ? 9.961   -6.706  13.648  1.000 49.409 0 1007 ARG A NE  1 ? 
ATOM   253  C CZ  . ARG A 1 29  ? 9.907   -8.031  13.770  1.000 52.556 0 1007 ARG A CZ  1 ? 
ATOM   254  N NH1 . ARG A 1 29  ? 8.738   -8.641  13.932  1.000 53.646 0 1007 ARG A NH1 1 ? 
ATOM   255  N NH2 . ARG A 1 29  ? 11.023  -8.748  13.729  1.000 53.217 0 1007 ARG A NH2 1 ? 
ATOM   256  N N   . VAL A 1 30  ? 7.593   -7.004  8.794   1.000 29.580 0 1008 VAL A N   1 ? 
ATOM   257  C CA  . VAL A 1 30  ? 8.557   -7.201  7.709   1.000 29.677 0 1008 VAL A CA  1 ? 
ATOM   258  C C   . VAL A 1 30  ? 8.299   -6.282  6.513   1.000 28.169 0 1008 VAL A C   1 ? 
ATOM   259  O O   . VAL A 1 30  ? 9.196   -6.076  5.690   1.000 31.056 0 1008 VAL A O   1 ? 
ATOM   260  C CB  . VAL A 1 30  ? 8.629   -8.685  7.251   1.000 31.951 0 1008 VAL A CB  1 ? 
ATOM   261  C CG1 . VAL A 1 30  ? 9.063   -9.604  8.394   1.000 35.159 0 1008 VAL A CG1 1 ? 
ATOM   262  C CG2 . VAL A 1 30  ? 7.271   -9.113  6.656   1.000 32.472 0 1008 VAL A CG2 1 ? 
ATOM   263  N N   . PHE A 1 31  ? 7.091   -5.731  6.386   1.000 24.037 0 1009 PHE A N   1 ? 
ATOM   264  C CA  . PHE A 1 31  ? 6.735   -4.873  5.265   1.000 22.418 0 1009 PHE A CA  1 ? 
ATOM   265  C C   . PHE A 1 31  ? 6.824   -3.388  5.609   1.000 23.803 0 1009 PHE A C   1 ? 
ATOM   266  O O   . PHE A 1 31  ? 6.428   -2.556  4.789   1.000 24.166 0 1009 PHE A O   1 ? 
ATOM   267  C CB  . PHE A 1 31  ? 5.316   -5.201  4.779   1.000 21.368 0 1009 PHE A CB  1 ? 
ATOM   268  C CG  . PHE A 1 31  ? 5.116   -6.645  4.462   1.000 20.384 0 1009 PHE A CG  1 ? 
ATOM   269  C CD1 . PHE A 1 31  ? 5.854   -7.251  3.461   1.000 21.334 0 1009 PHE A CD1 1 ? 
ATOM   270  C CD2 . PHE A 1 31  ? 4.212   -7.405  5.168   1.000 22.445 0 1009 PHE A CD2 1 ? 
ATOM   271  C CE1 . PHE A 1 31  ? 5.685   -8.598  3.168   1.000 21.532 0 1009 PHE A CE1 1 ? 
ATOM   272  C CE2 . PHE A 1 31  ? 4.043   -8.741  4.880   1.000 23.582 0 1009 PHE A CE2 1 ? 
ATOM   273  C CZ  . PHE A 1 31  ? 4.792   -9.341  3.903   1.000 22.987 0 1009 PHE A CZ  1 ? 
ATOM   274  N N   . THR A 1 32  ? 7.327   -3.033  6.797   1.000 24.692 0 1010 THR A N   1 ? 
ATOM   275  C CA  . THR A 1 32  ? 7.306   -1.632  7.215   1.000 26.198 0 1010 THR A CA  1 ? 
ATOM   276  C C   . THR A 1 32  ? 8.476   -0.822  6.675   1.000 28.085 0 1010 THR A C   1 ? 
ATOM   277  O O   . THR A 1 32  ? 8.396   0.412   6.647   1.000 31.641 0 1010 THR A O   1 ? 
ATOM   278  C CB  . THR A 1 32  ? 7.253   -1.508  8.743   1.000 28.614 0 1010 THR A CB  1 ? 
ATOM   279  O OG1 . THR A 1 32  ? 8.365   -2.185  9.330   1.000 31.138 0 1010 THR A OG1 1 ? 
ATOM   280  C CG2 . THR A 1 32  ? 5.938   -2.039  9.287   1.000 30.580 0 1010 THR A CG2 1 ? 
ATOM   281  N N   . LYS A 1 33  ? 9.554   -1.467  6.264   1.000 27.503 0 1011 LYS A N   1 ? 
ATOM   282  C CA  . LYS A 1 33  ? 10.758  -0.783  5.830   1.000 28.761 0 1011 LYS A CA  1 ? 
ATOM   283  C C   . LYS A 1 33  ? 11.233  -1.416  4.537   1.000 28.382 0 1011 LYS A C   1 ? 
ATOM   284  O O   . LYS A 1 33  ? 10.918  -2.583  4.256   1.000 27.880 0 1011 LYS A O   1 ? 
ATOM   285  C CB  . LYS A 1 33  ? 11.870  -0.916  6.880   1.000 31.804 0 1011 LYS A CB  1 ? 
ATOM   286  C CG  . LYS A 1 33  ? 11.524  -0.285  8.217   1.000 34.178 0 1011 LYS A CG  1 ? 
ATOM   287  N N   . PRO A 1 34  ? 11.972  -0.674  3.718   1.000 28.240 0 1012 PRO A N   1 ? 
ATOM   288  C CA  . PRO A 1 34  ? 12.517  -1.268  2.497   1.000 29.969 0 1012 PRO A CA  1 ? 
ATOM   289  C C   . PRO A 1 34  ? 13.443  -2.425  2.830   1.000 31.612 0 1012 PRO A C   1 ? 
ATOM   290  O O   . PRO A 1 34  ? 14.104  -2.447  3.878   1.000 32.235 0 1012 PRO A O   1 ? 
ATOM   291  C CB  . PRO A 1 34  ? 13.279  -0.115  1.839   1.000 30.727 0 1012 PRO A CB  1 ? 
ATOM   292  C CG  . PRO A 1 34  ? 12.751  1.110   2.465   1.000 31.899 0 1012 PRO A CG  1 ? 
ATOM   293  C CD  . PRO A 1 34  ? 12.375  0.735   3.866   1.000 29.909 0 1012 PRO A CD  1 ? 
ATOM   294  N N   . VAL A 1 35  ? 13.467  -3.410  1.928   1.000 34.020 0 1013 VAL A N   1 ? 
ATOM   295  C CA  . VAL A 1 35  ? 14.429  -4.497  2.054   1.000 36.199 0 1013 VAL A CA  1 ? 
ATOM   296  C C   . VAL A 1 35  ? 15.826  -3.902  1.993   1.000 38.684 0 1013 VAL A C   1 ? 
ATOM   297  O O   . VAL A 1 35  ? 16.160  -3.137  1.079   1.000 40.863 0 1013 VAL A O   1 ? 
ATOM   298  C CB  . VAL A 1 35  ? 14.201  -5.545  0.956   1.000 35.449 0 1013 VAL A CB  1 ? 
ATOM   299  C CG1 . VAL A 1 35  ? 15.293  -6.620  0.973   1.000 35.925 0 1013 VAL A CG1 1 ? 
ATOM   300  C CG2 . VAL A 1 35  ? 12.814  -6.172  1.112   1.000 35.710 0 1013 VAL A CG2 1 ? 
ATOM   301  N N   . ASP A 1 36  ? 16.640  -4.242  2.970   1.000 40.802 0 1014 ASP A N   1 ? 
ATOM   302  C CA  . ASP A 1 36  ? 17.983  -3.704  3.103   1.000 42.305 0 1014 ASP A CA  1 ? 
ATOM   303  C C   . ASP A 1 36  ? 18.903  -4.296  2.047   1.000 42.268 0 1014 ASP A C   1 ? 
ATOM   304  O O   . ASP A 1 36  ? 19.178  -5.500  2.092   1.000 41.668 0 1014 ASP A O   1 ? 
ATOM   305  C CB  . ASP A 1 36  ? 18.471  -4.089  4.499   1.000 44.482 0 1014 ASP A CB  1 ? 
ATOM   306  C CG  . ASP A 1 36  ? 19.738  -3.365  4.900   1.000 47.048 0 1014 ASP A CG  1 ? 
ATOM   307  O OD1 . ASP A 1 36  ? 20.557  -3.059  4.006   1.000 47.664 0 1014 ASP A OD1 1 ? 
ATOM   308  O OD2 . ASP A 1 36  ? 19.922  -3.101  6.110   1.000 50.309 0 1014 ASP A OD2 1 ? 
ATOM   309  N N   . PRO A 1 37  ? 19.406  -3.505  1.092   1.000 43.484 0 1015 PRO A N   1 ? 
ATOM   310  C CA  . PRO A 1 37  ? 20.212  -4.094  0.008   1.000 43.500 0 1015 PRO A CA  1 ? 
ATOM   311  C C   . PRO A 1 37  ? 21.550  -4.630  0.469   1.000 42.318 0 1015 PRO A C   1 ? 
ATOM   312  O O   . PRO A 1 37  ? 22.117  -5.498  -0.204  1.000 42.795 0 1015 PRO A O   1 ? 
ATOM   313  C CB  . PRO A 1 37  ? 20.381  -2.936  -0.985  1.000 44.682 0 1015 PRO A CB  1 ? 
ATOM   314  C CG  . PRO A 1 37  ? 20.278  -1.712  -0.146  1.000 45.348 0 1015 PRO A CG  1 ? 
ATOM   315  C CD  . PRO A 1 37  ? 19.322  -2.033  0.984   1.000 45.116 0 1015 PRO A CD  1 ? 
ATOM   316  N N   . ASP A 1 38  ? 22.085  -4.140  1.586   1.000 41.026 0 1016 ASP A N   1 ? 
ATOM   317  C CA  . ASP A 1 38  ? 23.299  -4.737  2.126   1.000 41.192 0 1016 ASP A CA  1 ? 
ATOM   318  C C   . ASP A 1 38  ? 23.006  -6.100  2.739   1.000 40.710 0 1016 ASP A C   1 ? 
ATOM   319  O O   . ASP A 1 38  ? 23.857  -6.994  2.694   1.000 41.165 0 1016 ASP A O   1 ? 
ATOM   320  C CB  . ASP A 1 38  ? 23.930  -3.796  3.150   1.000 43.721 0 1016 ASP A CB  1 ? 
ATOM   321  C CG  . ASP A 1 38  ? 25.327  -4.211  3.525   1.000 46.892 0 1016 ASP A CG  1 ? 
ATOM   322  O OD1 . ASP A 1 38  ? 25.505  -4.675  4.666   1.000 46.706 0 1016 ASP A OD1 1 ? 
ATOM   323  O OD2 . ASP A 1 38  ? 26.240  -4.088  2.676   1.000 49.480 0 1016 ASP A OD2 1 ? 
ATOM   324  N N   . GLU A 1 39  ? 21.800  -6.283  3.283   1.000 40.360 0 1017 GLU A N   1 ? 
ATOM   325  C CA  . GLU A 1 39  ? 21.417  -7.564  3.866   1.000 41.555 0 1017 GLU A CA  1 ? 
ATOM   326  C C   . GLU A 1 39  ? 20.953  -8.554  2.805   1.000 40.184 0 1017 GLU A C   1 ? 
ATOM   327  O O   . GLU A 1 39  ? 21.284  -9.745  2.874   1.000 41.258 0 1017 GLU A O   1 ? 
ATOM   328  C CB  . GLU A 1 39  ? 20.306  -7.338  4.889   1.000 44.395 0 1017 GLU A CB  1 ? 
ATOM   329  C CG  . GLU A 1 39  ? 19.756  -8.608  5.514   1.000 48.093 0 1017 GLU A CG  1 ? 
ATOM   330  C CD  . GLU A 1 39  ? 18.759  -8.318  6.620   1.000 51.372 0 1017 GLU A CD  1 ? 
ATOM   331  O OE1 . GLU A 1 39  ? 18.876  -8.939  7.701   1.000 52.638 0 1017 GLU A OE1 1 ? 
ATOM   332  O OE2 . GLU A 1 39  ? 17.865  -7.468  6.404   1.000 52.870 0 1017 GLU A OE2 1 ? 
ATOM   333  N N   . VAL A 1 40  ? 20.188  -8.096  1.822   1.000 37.826 0 1018 VAL A N   1 ? 
ATOM   334  C CA  . VAL A 1 40  ? 19.668  -8.985  0.783   1.000 37.181 0 1018 VAL A CA  1 ? 
ATOM   335  C C   . VAL A 1 40  ? 20.150  -8.466  -0.566  1.000 37.089 0 1018 VAL A C   1 ? 
ATOM   336  O O   . VAL A 1 40  ? 19.394  -7.790  -1.278  1.000 35.836 0 1018 VAL A O   1 ? 
ATOM   337  C CB  . VAL A 1 40  ? 18.141  -9.108  0.852   1.000 37.599 0 1018 VAL A CB  1 ? 
ATOM   338  C CG1 . VAL A 1 40  ? 17.671  -10.200 -0.092  1.000 37.670 0 1018 VAL A CG1 1 ? 
ATOM   339  C CG2 . VAL A 1 40  ? 17.704  -9.405  2.282   1.000 39.981 0 1018 VAL A CG2 1 ? 
ATOM   340  N N   . PRO A 1 41  ? 21.395  -8.757  -0.955  1.000 39.184 0 1019 PRO A N   1 ? 
ATOM   341  C CA  . PRO A 1 41  ? 21.960  -8.083  -2.131  1.000 39.939 0 1019 PRO A CA  1 ? 
ATOM   342  C C   . PRO A 1 41  ? 21.281  -8.443  -3.431  1.000 40.086 0 1019 PRO A C   1 ? 
ATOM   343  O O   . PRO A 1 41  ? 21.311  -7.642  -4.376  1.000 41.908 0 1019 PRO A O   1 ? 
ATOM   344  C CB  . PRO A 1 41  ? 23.430  -8.525  -2.138  1.000 40.531 0 1019 PRO A CB  1 ? 
ATOM   345  C CG  . PRO A 1 41  ? 23.687  -9.093  -0.801  1.000 41.926 0 1019 PRO A CG  1 ? 
ATOM   346  C CD  . PRO A 1 41  ? 22.389  -9.591  -0.259  1.000 41.076 0 1019 PRO A CD  1 ? 
ATOM   347  N N   . ASP A 1 42  ? 20.670  -9.614  -3.522  1.000 39.463 0 1020 ASP A N   1 ? 
ATOM   348  C CA  . ASP A 1 42  ? 20.017  -10.017 -4.760  1.000 38.584 0 1020 ASP A CA  1 ? 
ATOM   349  C C   . ASP A 1 42  ? 18.582  -9.519  -4.875  1.000 35.952 0 1020 ASP A C   1 ? 
ATOM   350  O O   . ASP A 1 42  ? 17.968  -9.707  -5.932  1.000 34.557 0 1020 ASP A O   1 ? 
ATOM   351  C CB  . ASP A 1 42  ? 20.097  -11.541 -4.928  1.000 41.097 0 1020 ASP A CB  1 ? 
ATOM   352  C CG  . ASP A 1 42  ? 18.984  -12.276 -4.211  1.000 43.605 0 1020 ASP A CG  1 ? 
ATOM   353  O OD1 . ASP A 1 42  ? 18.527  -11.803 -3.148  1.000 43.734 0 1020 ASP A OD1 1 ? 
ATOM   354  O OD2 . ASP A 1 42  ? 18.568  -13.339 -4.717  1.000 46.045 0 1020 ASP A OD2 1 ? 
ATOM   355  N N   . TYR A 1 43  ? 18.037  -8.867  -3.838  1.000 33.888 0 1021 TYR A N   1 ? 
ATOM   356  C CA  . TYR A 1 43  ? 16.621  -8.488  -3.873  1.000 32.085 0 1021 TYR A CA  1 ? 
ATOM   357  C C   . TYR A 1 43  ? 16.307  -7.586  -5.067  1.000 34.220 0 1021 TYR A C   1 ? 
ATOM   358  O O   . TYR A 1 43  ? 15.328  -7.807  -5.793  1.000 32.886 0 1021 TYR A O   1 ? 
ATOM   359  C CB  . TYR A 1 43  ? 16.209  -7.822  -2.555  1.000 29.927 0 1021 TYR A CB  1 ? 
ATOM   360  C CG  . TYR A 1 43  ? 14.720  -7.586  -2.450  1.000 28.222 0 1021 TYR A CG  1 ? 
ATOM   361  C CD1 . TYR A 1 43  ? 13.863  -8.629  -2.141  1.000 26.908 0 1021 TYR A CD1 1 ? 
ATOM   362  C CD2 . TYR A 1 43  ? 14.164  -6.326  -2.680  1.000 28.053 0 1021 TYR A CD2 1 ? 
ATOM   363  C CE1 . TYR A 1 43  ? 12.487  -8.438  -2.062  1.000 27.040 0 1021 TYR A CE1 1 ? 
ATOM   364  C CE2 . TYR A 1 43  ? 12.783  -6.116  -2.595  1.000 27.585 0 1021 TYR A CE2 1 ? 
ATOM   365  C CZ  . TYR A 1 43  ? 11.955  -7.174  -2.291  1.000 26.911 0 1021 TYR A CZ  1 ? 
ATOM   366  O OH  . TYR A 1 43  ? 10.595  -6.996  -2.214  1.000 28.235 0 1021 TYR A OH  1 ? 
ATOM   367  N N   . ARG A 1 44  ? 17.116  -6.552  -5.284  1.000 35.867 0 1022 ARG A N   1 ? 
ATOM   368  C CA  . ARG A 1 44  ? 16.818  -5.605  -6.358  1.000 40.105 0 1022 ARG A CA  1 ? 
ATOM   369  C C   . ARG A 1 44  ? 17.177  -6.145  -7.729  1.000 40.181 0 1022 ARG A C   1 ? 
ATOM   370  O O   . ARG A 1 44  ? 16.847  -5.504  -8.736  1.000 40.681 0 1022 ARG A O   1 ? 
ATOM   371  C CB  . ARG A 1 44  ? 17.493  -4.266  -6.071  1.000 43.505 0 1022 ARG A CB  1 ? 
ATOM   372  C CG  . ARG A 1 44  ? 17.003  -3.708  -4.751  1.000 47.506 0 1022 ARG A CG  1 ? 
ATOM   373  C CD  . ARG A 1 44  ? 17.317  -2.248  -4.517  1.000 51.048 0 1022 ARG A CD  1 ? 
ATOM   374  N NE  . ARG A 1 44  ? 16.328  -1.674  -3.607  1.000 54.004 0 1022 ARG A NE  1 ? 
ATOM   375  C CZ  . ARG A 1 44  ? 16.128  -2.070  -2.349  1.000 56.499 0 1022 ARG A CZ  1 ? 
ATOM   376  N NH1 . ARG A 1 44  ? 16.859  -3.047  -1.819  1.000 57.107 0 1022 ARG A NH1 1 ? 
ATOM   377  N NH2 . ARG A 1 44  ? 15.196  -1.481  -1.613  1.000 57.333 0 1022 ARG A NH2 1 ? 
ATOM   378  N N   . THR A 1 45  ? 17.823  -7.306  -7.789  1.000 40.055 0 1023 THR A N   1 ? 
ATOM   379  C CA  . THR A 1 45  ? 17.995  -8.003  -9.052  1.000 40.200 0 1023 THR A CA  1 ? 
ATOM   380  C C   . THR A 1 45  ? 16.737  -8.762  -9.440  1.000 38.857 0 1023 THR A C   1 ? 
ATOM   381  O O   . THR A 1 45  ? 16.442  -8.889  -10.632 1.000 40.221 0 1023 THR A O   1 ? 
ATOM   382  C CB  . THR A 1 45  ? 19.170  -8.977  -8.940  1.000 41.497 0 1023 THR A CB  1 ? 
ATOM   383  O OG1 . THR A 1 45  ? 20.352  -8.257  -8.557  1.000 43.784 0 1023 THR A OG1 1 ? 
ATOM   384  C CG2 . THR A 1 45  ? 19.397  -9.687  -10.262 1.000 41.621 0 1023 THR A CG2 1 ? 
ATOM   385  N N   . VAL A 1 46  ? 16.003  -9.271  -8.454  1.000 36.144 0 1024 VAL A N   1 ? 
ATOM   386  C CA  . VAL A 1 46  ? 14.769  -10.018 -8.679  1.000 34.623 0 1024 VAL A CA  1 ? 
ATOM   387  C C   . VAL A 1 46  ? 13.563  -9.087  -8.743  1.000 32.417 0 1024 VAL A C   1 ? 
ATOM   388  O O   . VAL A 1 46  ? 12.667  -9.285  -9.561  1.000 34.083 0 1024 VAL A O   1 ? 
ATOM   389  C CB  . VAL A 1 46  ? 14.597  -11.067 -7.554  1.000 35.360 0 1024 VAL A CB  1 ? 
ATOM   390  C CG1 . VAL A 1 46  ? 13.237  -11.759 -7.657  1.000 36.289 0 1024 VAL A CG1 1 ? 
ATOM   391  C CG2 . VAL A 1 46  ? 15.734  -12.088 -7.557  1.000 36.936 0 1024 VAL A CG2 1 ? 
ATOM   392  N N   . ILE A 1 47  ? 13.519  -8.074  -7.881  1.000 29.667 0 1025 ILE A N   1 ? 
ATOM   393  C CA  . ILE A 1 47  ? 12.343  -7.237  -7.683  1.000 28.522 0 1025 ILE A CA  1 ? 
ATOM   394  C C   . ILE A 1 47  ? 12.616  -5.892  -8.342  1.000 30.167 0 1025 ILE A C   1 ? 
ATOM   395  O O   . ILE A 1 47  ? 13.458  -5.114  -7.866  1.000 31.975 0 1025 ILE A O   1 ? 
ATOM   396  C CB  . ILE A 1 47  ? 12.006  -7.088  -6.193  1.000 26.416 0 1025 ILE A CB  1 ? 
ATOM   397  C CG1 . ILE A 1 47  ? 11.601  -8.444  -5.606  1.000 27.803 0 1025 ILE A CG1 1 ? 
ATOM   398  C CG2 . ILE A 1 47  ? 10.907  -6.042  -5.988  1.000 25.819 0 1025 ILE A CG2 1 ? 
ATOM   399  C CD1 . ILE A 1 47  ? 10.375  -9.082  -6.259  1.000 28.359 0 1025 ILE A CD1 1 ? 
ATOM   400  N N   . LYS A 1 48  ? 11.877  -5.614  -9.426  1.000 32.088 0 1026 LYS A N   1 ? 
ATOM   401  C CA  . LYS A 1 48  ? 12.105  -4.408  -10.213 1.000 33.357 0 1026 LYS A CA  1 ? 
ATOM   402  C C   . LYS A 1 48  ? 11.600  -3.155  -9.520  1.000 32.199 0 1026 LYS A C   1 ? 
ATOM   403  O O   . LYS A 1 48  ? 12.196  -2.080  -9.680  1.000 34.007 0 1026 LYS A O   1 ? 
ATOM   404  C CB  . LYS A 1 48  ? 11.396  -4.542  -11.566 1.000 35.138 0 1026 LYS A CB  1 ? 
ATOM   405  N N   . GLU A 1 49  ? 10.518  -3.253  -8.749  1.000 28.648 0 1027 GLU A N   1 ? 
ATOM   406  C CA  . GLU A 1 49  ? 9.886   -2.100  -8.123  1.000 28.685 0 1027 GLU A CA  1 ? 
ATOM   407  C C   . GLU A 1 49  ? 9.608   -2.394  -6.660  1.000 24.627 0 1027 GLU A C   1 ? 
ATOM   408  O O   . GLU A 1 49  ? 8.486   -2.749  -6.289  1.000 24.406 0 1027 GLU A O   1 ? 
ATOM   409  C CB  . GLU A 1 49  ? 8.593   -1.704  -8.842  1.000 34.094 0 1027 GLU A CB  1 ? 
ATOM   410  C CG  . GLU A 1 49  ? 8.131   -0.319  -8.418  1.000 40.300 0 1027 GLU A CG  1 ? 
ATOM   411  C CD  . GLU A 1 49  ? 6.918   0.209   -9.159  1.000 45.563 0 1027 GLU A CD  1 ? 
ATOM   412  O OE1 . GLU A 1 49  ? 6.438   1.293   -8.747  1.000 46.711 0 1027 GLU A OE1 1 ? 
ATOM   413  O OE2 . GLU A 1 49  ? 6.453   -0.435  -10.135 1.000 48.140 0 1027 GLU A OE2 1 ? 
ATOM   414  N N   . PRO A 1 50  ? 10.604  -2.223  -5.788  1.000 25.432 0 1028 PRO A N   1 ? 
ATOM   415  C CA  . PRO A 1 50  ? 10.369  -2.448  -4.357  1.000 24.706 0 1028 PRO A CA  1 ? 
ATOM   416  C C   . PRO A 1 50  ? 9.315   -1.498  -3.801  1.000 23.884 0 1028 PRO A C   1 ? 
ATOM   417  O O   . PRO A 1 50  ? 9.149   -0.364  -4.266  1.000 26.279 0 1028 PRO A O   1 ? 
ATOM   418  C CB  . PRO A 1 50  ? 11.743  -2.184  -3.724  1.000 26.019 0 1028 PRO A CB  1 ? 
ATOM   419  C CG  . PRO A 1 50  ? 12.727  -2.449  -4.834  1.000 29.256 0 1028 PRO A CG  1 ? 
ATOM   420  C CD  . PRO A 1 50  ? 12.020  -1.941  -6.078  1.000 27.922 0 1028 PRO A CD  1 ? 
ATOM   421  N N   . MET A 1 51  ? 8.589   -1.979  -2.795  1.000 21.410 0 1029 MET A N   1 ? 
ATOM   422  C CA  . MET A 1 51  ? 7.576   -1.178  -2.116  1.000 20.273 0 1029 MET A CA  1 ? 
ATOM   423  C C   . MET A 1 51  ? 7.446   -1.669  -0.686  1.000 20.326 0 1029 MET A C   1 ? 
ATOM   424  O O   . MET A 1 51  ? 7.588   -2.855  -0.418  1.000 21.192 0 1029 MET A O   1 ? 
ATOM   425  C CB  . MET A 1 51  ? 6.241   -1.233  -2.858  1.000 21.205 0 1029 MET A CB  1 ? 
ATOM   426  C CG  . MET A 1 51  ? 5.196   -0.249  -2.375  1.000 22.413 0 1029 MET A CG  1 ? 
ATOM   427  S SD  . MET A 1 51  ? 5.676   1.481   -2.333  1.000 24.832 0 1029 MET A SD  1 ? 
ATOM   428  C CE  . MET A 1 51  ? 6.078   1.773   -4.036  1.000 25.648 0 1029 MET A CE  1 ? 
ATOM   429  N N   . ASP A 1 52  ? 7.156   -0.744  0.218   1.000 21.174 0 1030 ASP A N   1 ? 
ATOM   430  C CA  . ASP A 1 52  ? 6.998   -1.054  1.631   1.000 21.097 0 1030 ASP A CA  1 ? 
ATOM   431  C C   . ASP A 1 52  ? 6.129   0.040   2.232   1.000 19.558 0 1030 ASP A C   1 ? 
ATOM   432  O O   . ASP A 1 52  ? 5.872   1.072   1.595   1.000 20.579 0 1030 ASP A O   1 ? 
ATOM   433  C CB  . ASP A 1 52  ? 8.354   -1.086  2.334   1.000 23.471 0 1030 ASP A CB  1 ? 
ATOM   434  C CG  . ASP A 1 52  ? 8.976   0.295   2.387   1.000 27.066 0 1030 ASP A CG  1 ? 
ATOM   435  O OD1 . ASP A 1 52  ? 9.574   0.731   1.388   1.000 32.012 0 1030 ASP A OD1 1 ? 
ATOM   436  O OD2 . ASP A 1 52  ? 8.821   0.977   3.407   1.000 30.530 0 1030 ASP A OD2 1 ? 
ATOM   437  N N   . LEU A 1 53  ? 5.695   -0.168  3.479   1.000 19.655 0 1031 LEU A N   1 ? 
ATOM   438  C CA  . LEU A 1 53  ? 4.708   0.741   4.056   1.000 19.900 0 1031 LEU A CA  1 ? 
ATOM   439  C C   . LEU A 1 53  ? 5.304   2.105   4.390   1.000 20.321 0 1031 LEU A C   1 ? 
ATOM   440  O O   . LEU A 1 53  ? 4.595   3.107   4.327   1.000 20.842 0 1031 LEU A O   1 ? 
ATOM   441  C CB  . LEU A 1 53  ? 4.055   0.130   5.287   1.000 20.847 0 1031 LEU A CB  1 ? 
ATOM   442  C CG  . LEU A 1 53  ? 3.192   -1.100  4.999   1.000 20.939 0 1031 LEU A CG  1 ? 
ATOM   443  C CD1 . LEU A 1 53  ? 2.787   -1.802  6.306   1.000 24.221 0 1031 LEU A CD1 1 ? 
ATOM   444  C CD2 . LEU A 1 53  ? 1.970   -0.763  4.151   1.000 21.695 0 1031 LEU A CD2 1 ? 
ATOM   445  N N   . SER A 1 54  ? 6.597   2.179   4.729   1.000 22.113 0 1032 SER A N   1 ? 
ATOM   446  C CA  . SER A 1 54  ? 7.195   3.494   4.954   1.000 24.050 0 1032 SER A CA  1 ? 
ATOM   447  C C   . SER A 1 54  ? 7.245   4.294   3.655   1.000 23.863 0 1032 SER A C   1 ? 
ATOM   448  O O   . SER A 1 54  ? 7.028   5.513   3.656   1.000 24.034 0 1032 SER A O   1 ? 
ATOM   449  C CB  . SER A 1 54  ? 8.576   3.343   5.582   1.000 27.722 0 1032 SER A CB  1 ? 
ATOM   450  O OG  . SER A 1 54  ? 9.501   2.784   4.671   1.000 32.538 0 1032 SER A OG  1 ? 
ATOM   451  N N   . SER A 1 55  ? 7.514   3.628   2.532   1.000 23.990 0 1033 SER A N   1 ? 
ATOM   452  C CA  . SER A 1 55  ? 7.475   4.308   1.241   1.000 24.635 0 1033 SER A CA  1 ? 
ATOM   453  C C   . SER A 1 55  ? 6.063   4.764   0.892   1.000 22.042 0 1033 SER A C   1 ? 
ATOM   454  O O   . SER A 1 55  ? 5.880   5.854   0.337   1.000 22.969 0 1033 SER A O   1 ? 
ATOM   455  C CB  . SER A 1 55  ? 8.043   3.403   0.151   1.000 27.248 0 1033 SER A CB  1 ? 
ATOM   456  O OG  . SER A 1 55  ? 9.444   3.214   0.305   1.000 31.114 0 1033 SER A OG  1 ? 
ATOM   457  N N   . VAL A 1 56  ? 5.051   3.954   1.217   1.000 19.966 0 1034 VAL A N   1 ? 
ATOM   458  C CA  . VAL A 1 56  ? 3.668   4.357   1.005   1.000 19.447 0 1034 VAL A CA  1 ? 
ATOM   459  C C   . VAL A 1 56  ? 3.350   5.629   1.781   1.000 20.047 0 1034 VAL A C   1 ? 
ATOM   460  O O   . VAL A 1 56  ? 2.743   6.568   1.240   1.000 19.831 0 1034 VAL A O   1 ? 
ATOM   461  C CB  . VAL A 1 56  ? 2.722   3.199   1.354   1.000 18.515 0 1034 VAL A CB  1 ? 
ATOM   462  C CG1 . VAL A 1 56  ? 1.263   3.676   1.423   1.000 18.547 0 1034 VAL A CG1 1 ? 
ATOM   463  C CG2 . VAL A 1 56  ? 2.836   2.074   0.320   1.000 19.800 0 1034 VAL A CG2 1 ? 
ATOM   464  N N   . ILE A 1 57  ? 3.738   5.686   3.056   1.000 20.774 0 1035 ILE A N   1 ? 
ATOM   465  C CA  . ILE A 1 57  ? 3.487   6.888   3.848   1.000 22.658 0 1035 ILE A CA  1 ? 
ATOM   466  C C   . ILE A 1 57  ? 4.160   8.100   3.213   1.000 21.684 0 1035 ILE A C   1 ? 
ATOM   467  O O   . ILE A 1 57  ? 3.577   9.188   3.125   1.000 23.176 0 1035 ILE A O   1 ? 
ATOM   468  C CB  . ILE A 1 57  ? 3.955   6.700   5.302   1.000 26.082 0 1035 ILE A CB  1 ? 
ATOM   469  C CG1 . ILE A 1 57  ? 3.058   5.698   6.019   1.000 29.888 0 1035 ILE A CG1 1 ? 
ATOM   470  C CG2 . ILE A 1 57  ? 3.987   8.037   6.031   1.000 28.588 0 1035 ILE A CG2 1 ? 
ATOM   471  C CD1 . ILE A 1 57  ? 3.734   5.029   7.172   1.000 32.062 0 1035 ILE A CD1 1 ? 
ATOM   472  N N   . SER A 1 58  ? 5.397   7.940   2.768   1.000 22.853 0 1036 SER A N   1 ? 
ATOM   473  C CA  . SER A 1 58  ? 6.084   9.055   2.134   1.000 25.027 0 1036 SER A CA  1 ? 
ATOM   474  C C   . SER A 1 58  ? 5.338   9.514   0.876   1.000 25.045 0 1036 SER A C   1 ? 
ATOM   475  O O   . SER A 1 58  ? 5.182   10.722  0.644   1.000 24.453 0 1036 SER A O   1 ? 
ATOM   476  C CB  . SER A 1 58  ? 7.516   8.658   1.858   1.000 29.343 0 1036 SER A CB  1 ? 
ATOM   477  O OG  . SER A 1 58  ? 8.152   9.583   0.933   1.000 34.604 0 1036 SER A OG  1 ? 
ATOM   478  N N   . LYS A 1 59  ? 4.848   8.557   0.086   1.000 22.584 0 1037 LYS A N   1 ? 
ATOM   479  C CA  . LYS A 1 59  ? 4.085   8.908   -1.112  1.000 22.547 0 1037 LYS A CA  1 ? 
ATOM   480  C C   . LYS A 1 59  ? 2.795   9.648   -0.769  1.000 21.197 0 1037 LYS A C   1 ? 
ATOM   481  O O   . LYS A 1 59  ? 2.411   10.597  -1.470  1.000 21.571 0 1037 LYS A O   1 ? 
ATOM   482  C CB  . LYS A 1 59  ? 3.803   7.658   -1.954  1.000 22.758 0 1037 LYS A CB  1 ? 
ATOM   483  C CG  . LYS A 1 59  ? 5.035   7.154   -2.693  1.000 24.548 0 1037 LYS A CG  1 ? 
ATOM   484  C CD  . LYS A 1 59  ? 4.746   5.948   -3.546  1.000 26.232 0 1037 LYS A CD  1 ? 
ATOM   485  C CE  . LYS A 1 59  ? 3.875   6.302   -4.729  1.000 26.598 0 1037 LYS A CE  1 ? 
ATOM   486  N NZ  . LYS A 1 59  ? 3.823   5.200   -5.729  1.000 28.614 0 1037 LYS A NZ  1 ? 
ATOM   487  N N   . ILE A 1 60  ? 2.115   9.245   0.300   1.000 20.550 0 1038 ILE A N   1 ? 
ATOM   488  C CA  . ILE A 1 60  ? 0.942   9.993   0.733   1.000 20.205 0 1038 ILE A CA  1 ? 
ATOM   489  C C   . ILE A 1 60  ? 1.324   11.442  1.002   1.000 21.289 0 1038 ILE A C   1 ? 
ATOM   490  O O   . ILE A 1 60  ? 0.696   12.381  0.502   1.000 21.134 0 1038 ILE A O   1 ? 
ATOM   491  C CB  . ILE A 1 60  ? 0.310   9.364   1.983   1.000 21.434 0 1038 ILE A CB  1 ? 
ATOM   492  C CG1 . ILE A 1 60  ? -0.237  7.963   1.720   1.000 20.495 0 1038 ILE A CG1 1 ? 
ATOM   493  C CG2 . ILE A 1 60  ? -0.803  10.285  2.504   1.000 21.216 0 1038 ILE A CG2 1 ? 
ATOM   494  C CD1 . ILE A 1 60  ? -0.615  7.204   3.001   1.000 21.360 0 1038 ILE A CD1 1 ? 
ATOM   495  N N   . ASP A 1 61  ? 2.352   11.635  1.823   1.000 22.240 0 1039 ASP A N   1 ? 
ATOM   496  C CA  . ASP A 1 61  ? 2.751   12.966  2.253   1.000 23.287 0 1039 ASP A CA  1 ? 
ATOM   497  C C   . ASP A 1 61  ? 3.308   13.808  1.114   1.000 23.553 0 1039 ASP A C   1 ? 
ATOM   498  O O   . ASP A 1 61  ? 3.247   15.040  1.184   1.000 24.571 0 1039 ASP A O   1 ? 
ATOM   499  C CB  . ASP A 1 61  ? 3.784   12.820  3.368   1.000 24.713 0 1039 ASP A CB  1 ? 
ATOM   500  C CG  . ASP A 1 61  ? 3.193   12.287  4.654   1.000 28.264 0 1039 ASP A CG  1 ? 
ATOM   501  O OD1 . ASP A 1 61  ? 1.949   12.292  4.802   1.000 30.609 0 1039 ASP A OD1 1 ? 
ATOM   502  O OD2 . ASP A 1 61  ? 3.970   11.809  5.508   1.000 32.114 0 1039 ASP A OD2 1 ? 
ATOM   503  N N   . LEU A 1 62  ? 3.835   13.181  0.068   1.000 22.434 0 1040 LEU A N   1 ? 
ATOM   504  C CA  . LEU A 1 62  ? 4.316   13.883  -1.112  1.000 22.908 0 1040 LEU A CA  1 ? 
ATOM   505  C C   . LEU A 1 62  ? 3.248   14.011  -2.193  1.000 22.816 0 1040 LEU A C   1 ? 
ATOM   506  O O   . LEU A 1 62  ? 3.560   14.402  -3.327  1.000 24.258 0 1040 LEU A O   1 ? 
ATOM   507  C CB  . LEU A 1 62  ? 5.603   13.222  -1.605  1.000 24.971 0 1040 LEU A CB  1 ? 
ATOM   508  C CG  . LEU A 1 62  ? 6.764   13.362  -0.610  1.000 25.314 0 1040 LEU A CG  1 ? 
ATOM   509  C CD1 . LEU A 1 62  ? 7.859   12.378  -0.989  1.000 28.469 0 1040 LEU A CD1 1 ? 
ATOM   510  C CD2 . LEU A 1 62  ? 7.306   14.779  -0.547  1.000 25.037 0 1040 LEU A CD2 1 ? 
ATOM   511  N N   . HIS A 1 63  ? 1.986   13.757  -1.853  1.000 21.984 0 1041 HIS A N   1 ? 
ATOM   512  C CA  . HIS A 1 63  ? 0.849   14.032  -2.743  1.000 21.984 0 1041 HIS A CA  1 ? 
ATOM   513  C C   . HIS A 1 63  ? 0.887   13.178  -4.005  1.000 23.300 0 1041 HIS A C   1 ? 
ATOM   514  O O   . HIS A 1 63  ? 0.480   13.622  -5.078  1.000 26.027 0 1041 HIS A O   1 ? 
ATOM   515  C CB  . HIS A 1 63  ? 0.748   15.526  -3.083  1.000 23.866 0 1041 HIS A CB  1 ? 
ATOM   516  C CG  . HIS A 1 63  ? 0.386   16.385  -1.912  1.000 24.198 0 1041 HIS A CG  1 ? 
ATOM   517  N ND1 . HIS A 1 63  ? -0.341  17.550  -2.036  1.000 24.927 0 1041 HIS A ND1 1 ? 
ATOM   518  C CD2 . HIS A 1 63  ? 0.655   16.248  -0.590  1.000 25.829 0 1041 HIS A CD2 1 ? 
ATOM   519  C CE1 . HIS A 1 63  ? -0.516  18.084  -0.842  1.000 25.287 0 1041 HIS A CE1 1 ? 
ATOM   520  N NE2 . HIS A 1 63  ? 0.091   17.322  0.049   1.000 24.869 0 1041 HIS A NE2 1 ? 
ATOM   521  N N   . LYS A 1 64  ? 1.378   11.938  -3.884  1.000 22.816 0 1042 LYS A N   1 ? 
ATOM   522  C CA  . LYS A 1 64  ? 1.484   11.049  -5.036  1.000 23.300 0 1042 LYS A CA  1 ? 
ATOM   523  C C   . LYS A 1 64  ? 0.217   10.254  -5.301  1.000 23.400 0 1042 LYS A C   1 ? 
ATOM   524  O O   . LYS A 1 64  ? 0.056   9.742   -6.418  1.000 26.077 0 1042 LYS A O   1 ? 
ATOM   525  C CB  . LYS A 1 64  ? 2.664   10.083  -4.880  1.000 24.487 0 1042 LYS A CB  1 ? 
ATOM   526  C CG  . LYS A 1 64  ? 4.022   10.763  -4.766  1.000 26.469 0 1042 LYS A CG  1 ? 
ATOM   527  C CD  . LYS A 1 64  ? 4.365   11.569  -6.012  1.000 29.748 0 1042 LYS A CD  1 ? 
ATOM   528  C CE  . LYS A 1 64  ? 5.803   12.072  -5.987  1.000 31.841 0 1042 LYS A CE  1 ? 
ATOM   529  N NZ  . LYS A 1 64  ? 6.060   13.038  -7.080  1.000 34.938 0 1042 LYS A NZ  1 ? 
ATOM   530  N N   . TYR A 1 65  ? -0.692  10.141  -4.332  1.000 21.131 0 1043 TYR A N   1 ? 
ATOM   531  C CA  . TYR A 1 65  ? -1.928  9.381   -4.496  1.000 20.992 0 1043 TYR A CA  1 ? 
ATOM   532  C C   . TYR A 1 65  ? -3.092  10.350  -4.647  1.000 22.192 0 1043 TYR A C   1 ? 
ATOM   533  O O   . TYR A 1 65  ? -3.340  11.179  -3.763  1.000 25.287 0 1043 TYR A O   1 ? 
ATOM   534  C CB  . TYR A 1 65  ? -2.175  8.445   -3.316  1.000 20.689 0 1043 TYR A CB  1 ? 
ATOM   535  C CG  . TYR A 1 65  ? -1.122  7.404   -3.061  1.000 19.068 0 1043 TYR A CG  1 ? 
ATOM   536  C CD1 . TYR A 1 65  ? -0.780  6.461   -4.006  1.000 20.123 0 1043 TYR A CD1 1 ? 
ATOM   537  C CD2 . TYR A 1 65  ? -0.471  7.364   -1.844  1.000 19.329 0 1043 TYR A CD2 1 ? 
ATOM   538  C CE1 . TYR A 1 65  ? 0.175   5.517   -3.758  1.000 21.118 0 1043 TYR A CE1 1 ? 
ATOM   539  C CE2 . TYR A 1 65  ? 0.487   6.418   -1.574  1.000 20.058 0 1043 TYR A CE2 1 ? 
ATOM   540  C CZ  . TYR A 1 65  ? 0.815   5.493   -2.530  1.000 20.121 0 1043 TYR A CZ  1 ? 
ATOM   541  O OH  . TYR A 1 65  ? 1.776   4.544   -2.214  1.000 21.568 0 1043 TYR A OH  1 ? 
ATOM   542  N N   . LEU A 1 66  ? -3.790  10.259  -5.770  1.000 22.869 0 1044 LEU A N   1 ? 
ATOM   543  C CA  . LEU A 1 66  ? -4.980  11.058  -6.011  1.000 23.727 0 1044 LEU A CA  1 ? 
ATOM   544  C C   . LEU A 1 66  ? -6.240  10.216  -6.009  1.000 22.976 0 1044 LEU A C   1 ? 
ATOM   545  O O   . LEU A 1 66  ? -7.340  10.766  -6.076  1.000 23.534 0 1044 LEU A O   1 ? 
ATOM   546  C CB  . LEU A 1 66  ? -4.872  11.810  -7.340  1.000 28.061 0 1044 LEU A CB  1 ? 
ATOM   547  C CG  . LEU A 1 66  ? -3.976  13.050  -7.292  1.000 32.470 0 1044 LEU A CG  1 ? 
ATOM   548  C CD1 . LEU A 1 66  ? -2.533  12.712  -7.140  1.000 36.196 0 1044 LEU A CD1 1 ? 
ATOM   549  C CD2 . LEU A 1 66  ? -4.217  13.822  -8.575  1.000 35.294 0 1044 LEU A CD2 1 ? 
ATOM   550  N N   . THR A 1 67  ? -6.106  8.902   -5.917  1.000 21.618 0 1045 THR A N   1 ? 
ATOM   551  C CA  . THR A 1 67  ? -7.247  8.017   -5.824  1.000 21.018 0 1045 THR A CA  1 ? 
ATOM   552  C C   . THR A 1 67  ? -6.896  6.859   -4.900  1.000 19.542 0 1045 THR A C   1 ? 
ATOM   553  O O   . THR A 1 67  ? -5.721  6.519   -4.700  1.000 19.876 0 1045 THR A O   1 ? 
ATOM   554  C CB  . THR A 1 67  ? -7.654  7.404   -7.165  1.000 23.787 0 1045 THR A CB  1 ? 
ATOM   555  O OG1 . THR A 1 67  ? -6.616  6.534   -7.632  1.000 24.908 0 1045 THR A OG1 1 ? 
ATOM   556  C CG2 . THR A 1 67  ? -7.949  8.475   -8.217  1.000 26.751 0 1045 THR A CG2 1 ? 
ATOM   557  N N   . VAL A 1 68  ? -7.943  6.206   -4.397  1.000 20.866 0 1046 VAL A N   1 ? 
ATOM   558  C CA  . VAL A 1 68  ? -7.728  5.012   -3.591  1.000 20.458 0 1046 VAL A CA  1 ? 
ATOM   559  C C   . VAL A 1 68  ? -7.145  3.892   -4.442  1.000 19.710 0 1046 VAL A C   1 ? 
ATOM   560  O O   . VAL A 1 68  ? -6.303  3.117   -3.977  1.000 18.984 0 1046 VAL A O   1 ? 
ATOM   561  C CB  . VAL A 1 68  ? -9.013  4.593   -2.866  1.000 24.387 0 1046 VAL A CB  1 ? 
ATOM   562  C CG1 . VAL A 1 68  ? -8.739  3.337   -2.047  1.000 26.258 0 1046 VAL A CG1 1 ? 
ATOM   563  C CG2 . VAL A 1 68  ? -9.523  5.706   -1.947  1.000 27.143 0 1046 VAL A CG2 1 ? 
ATOM   564  N N   A LYS A 1 69  ? -7.574  3.776   -5.697  0.600 21.526 0 1047 LYS A N   1 ? 
ATOM   565  N N   B LYS A 1 69  ? -7.570  3.797   -5.703  0.400 21.274 0 1047 LYS A N   1 ? 
ATOM   566  C CA  A LYS A 1 69  ? -7.037  2.705   -6.532  0.600 22.292 0 1047 LYS A CA  1 ? 
ATOM   567  C CA  B LYS A 1 69  ? -7.062  2.741   -6.573  0.400 21.889 0 1047 LYS A CA  1 ? 
ATOM   568  C C   A LYS A 1 69  ? -5.524  2.827   -6.701  0.600 21.279 0 1047 LYS A C   1 ? 
ATOM   569  C C   B LYS A 1 69  ? -5.547  2.833   -6.743  0.400 21.155 0 1047 LYS A C   1 ? 
ATOM   570  O O   A LYS A 1 69  ? -4.816  1.815   -6.711  0.600 22.034 0 1047 LYS A O   1 ? 
ATOM   571  O O   B LYS A 1 69  ? -4.863  1.806   -6.811  0.400 21.687 0 1047 LYS A O   1 ? 
ATOM   572  C CB  A LYS A 1 69  ? -7.763  2.641   -7.875  0.600 24.966 0 1047 LYS A CB  1 ? 
ATOM   573  C CB  B LYS A 1 69  ? -7.772  2.789   -7.927  0.400 23.861 0 1047 LYS A CB  1 ? 
ATOM   574  C CG  A LYS A 1 69  ? -9.075  1.916   -7.765  0.600 27.235 0 1047 LYS A CG  1 ? 
ATOM   575  C CG  B LYS A 1 69  ? -7.500  1.580   -8.781  0.400 25.253 0 1047 LYS A CG  1 ? 
ATOM   576  N N   . ASP A 1 70  ? -5.003  4.051   -6.804  1.000 20.974 0 1048 ASP A N   1 ? 
ATOM   577  C CA  . ASP A 1 70  ? -3.560  4.225   -6.938  1.000 22.058 0 1048 ASP A CA  1 ? 
ATOM   578  C C   . ASP A 1 70  ? -2.834  3.727   -5.693  1.000 20.518 0 1048 ASP A C   1 ? 
ATOM   579  O O   . ASP A 1 70  ? -1.763  3.120   -5.784  1.000 21.058 0 1048 ASP A O   1 ? 
ATOM   580  C CB  . ASP A 1 70  ? -3.230  5.700   -7.168  1.000 26.803 0 1048 ASP A CB  1 ? 
ATOM   581  C CG  . ASP A 1 70  ? -3.540  6.180   -8.572  1.000 35.970 0 1048 ASP A CG  1 ? 
ATOM   582  O OD1 . ASP A 1 70  ? -3.718  5.364   -9.506  1.000 40.076 0 1048 ASP A OD1 1 ? 
ATOM   583  O OD2 . ASP A 1 70  ? -3.583  7.406   -8.731  1.000 41.260 0 1048 ASP A OD2 1 ? 
ATOM   584  N N   . TYR A 1 71  ? -3.427  3.945   -4.530  1.000 19.021 0 1049 TYR A N   1 ? 
ATOM   585  C CA  . TYR A 1 71  ? -2.872  3.441   -3.283  1.000 18.394 0 1049 TYR A CA  1 ? 
ATOM   586  C C   . TYR A 1 71  ? -2.914  1.926   -3.252  1.000 17.902 0 1049 TYR A C   1 ? 
ATOM   587  O O   . TYR A 1 71  ? -1.922  1.270   -2.911  1.000 18.500 0 1049 TYR A O   1 ? 
ATOM   588  C CB  . TYR A 1 71  ? -3.686  4.043   -2.136  1.000 17.860 0 1049 TYR A CB  1 ? 
ATOM   589  C CG  . TYR A 1 71  ? -3.408  3.475   -0.770  1.000 17.736 0 1049 TYR A CG  1 ? 
ATOM   590  C CD1 . TYR A 1 71  ? -2.394  3.997   0.028   1.000 18.297 0 1049 TYR A CD1 1 ? 
ATOM   591  C CD2 . TYR A 1 71  ? -4.162  2.434   -0.261  1.000 18.305 0 1049 TYR A CD2 1 ? 
ATOM   592  C CE1 . TYR A 1 71  ? -2.157  3.492   1.287   1.000 18.589 0 1049 TYR A CE1 1 ? 
ATOM   593  C CE2 . TYR A 1 71  ? -3.904  1.904   0.988   1.000 19.342 0 1049 TYR A CE2 1 ? 
ATOM   594  C CZ  . TYR A 1 71  ? -2.919  2.448   1.760   1.000 19.018 0 1049 TYR A CZ  1 ? 
ATOM   595  O OH  . TYR A 1 71  ? -2.690  1.918   3.008   1.000 20.442 0 1049 TYR A OH  1 ? 
ATOM   596  N N   . LEU A 1 72  ? -4.047  1.351   -3.643  1.000 18.152 0 1050 LEU A N   1 ? 
ATOM   597  C CA  . LEU A 1 72  ? -4.167  -0.099  -3.607  1.000 18.944 0 1050 LEU A CA  1 ? 
ATOM   598  C C   . LEU A 1 72  ? -3.218  -0.779  -4.579  1.000 18.779 0 1050 LEU A C   1 ? 
ATOM   599  O O   . LEU A 1 72  ? -2.796  -1.904  -4.334  1.000 18.900 0 1050 LEU A O   1 ? 
ATOM   600  C CB  . LEU A 1 72  ? -5.602  -0.513  -3.877  1.000 20.889 0 1050 LEU A CB  1 ? 
ATOM   601  C CG  . LEU A 1 72  ? -6.539  -0.212  -2.704  1.000 22.605 0 1050 LEU A CG  1 ? 
ATOM   602  C CD1 . LEU A 1 72  ? -7.986  -0.436  -3.109  1.000 25.729 0 1050 LEU A CD1 1 ? 
ATOM   603  C CD2 . LEU A 1 72  ? -6.205  -1.051  -1.492  1.000 24.592 0 1050 LEU A CD2 1 ? 
ATOM   604  N N   . ARG A 1 73  ? -2.846  -0.122  -5.668  1.000 19.215 0 1051 ARG A N   1 ? 
ATOM   605  C CA  . ARG A 1 73  ? -1.845  -0.691  -6.559  1.000 19.831 0 1051 ARG A CA  1 ? 
ATOM   606  C C   . ARG A 1 73  ? -0.512  -0.853  -5.843  1.000 18.997 0 1051 ARG A C   1 ? 
ATOM   607  O O   . ARG A 1 73  ? 0.198   -1.829  -6.071  1.000 19.013 0 1051 ARG A O   1 ? 
ATOM   608  C CB  . ARG A 1 73  ? -1.750  0.170   -7.822  1.000 22.855 0 1051 ARG A CB  1 ? 
ATOM   609  C CG  . ARG A 1 73  ? -2.936  -0.037  -8.767  1.000 28.888 0 1051 ARG A CG  1 ? 
ATOM   610  C CD  . ARG A 1 73  ? -2.689  0.544   -10.170 1.000 37.723 0 1051 ARG A CD  1 ? 
ATOM   611  N NE  . ARG A 1 73  ? -3.901  0.585   -10.985 1.000 44.892 0 1051 ARG A NE  1 ? 
ATOM   612  C CZ  . ARG A 1 73  ? -4.726  1.629   -11.061 1.000 48.498 0 1051 ARG A CZ  1 ? 
ATOM   613  N NH1 . ARG A 1 73  ? -4.474  2.741   -10.374 1.000 49.911 0 1051 ARG A NH1 1 ? 
ATOM   614  N NH2 . ARG A 1 73  ? -5.801  1.567   -11.834 1.000 50.756 0 1051 ARG A NH2 1 ? 
ATOM   615  N N   . ASP A 1 74  ? -0.187  0.039   -4.926  1.000 17.907 0 1052 ASP A N   1 ? 
ATOM   616  C CA  . ASP A 1 74  ? 1.054   -0.128  -4.175  1.000 18.755 0 1052 ASP A CA  1 ? 
ATOM   617  C C   . ASP A 1 74  ? 0.930   -1.197  -3.097  1.000 18.021 0 1052 ASP A C   1 ? 
ATOM   618  O O   . ASP A 1 74  ? 1.891   -1.917  -2.866  1.000 18.089 0 1052 ASP A O   1 ? 
ATOM   619  C CB  . ASP A 1 74  ? 1.514   1.211   -3.596  1.000 19.923 0 1052 ASP A CB  1 ? 
ATOM   620  C CG  . ASP A 1 74  ? 2.285   2.054   -4.606  1.000 22.840 0 1052 ASP A CG  1 ? 
ATOM   621  O OD1 . ASP A 1 74  ? 2.608   1.550   -5.699  1.000 26.490 0 1052 ASP A OD1 1 ? 
ATOM   622  O OD2 . ASP A 1 74  ? 2.562   3.232   -4.301  1.000 23.505 0 1052 ASP A OD2 1 ? 
ATOM   623  N N   . ILE A 1 75  ? -0.242  -1.356  -2.478  1.000 17.821 0 1053 ILE A N   1 ? 
ATOM   624  C CA  . ILE A 1 75  ? -0.469  -2.499  -1.600  1.000 17.805 0 1053 ILE A CA  1 ? 
ATOM   625  C C   . ILE A 1 75  ? -0.329  -3.808  -2.379  1.000 17.318 0 1053 ILE A C   1 ? 
ATOM   626  O O   . ILE A 1 75  ? 0.324   -4.761  -1.924  1.000 18.221 0 1053 ILE A O   1 ? 
ATOM   627  C CB  . ILE A 1 75  ? -1.849  -2.402  -0.920  1.000 20.500 0 1053 ILE A CB  1 ? 
ATOM   628  C CG1 . ILE A 1 75  ? -1.970  -1.139  -0.070  1.000 22.947 0 1053 ILE A CG1 1 ? 
ATOM   629  C CG2 . ILE A 1 75  ? -2.110  -3.678  -0.113  1.000 22.945 0 1053 ILE A CG2 1 ? 
ATOM   630  C CD1 . ILE A 1 75  ? -0.900  -0.951  0.987   1.000 25.750 0 1053 ILE A CD1 1 ? 
ATOM   631  N N   . ASP A 1 76  ? -0.906  -3.864  -3.581  1.000 17.560 0 1054 ASP A N   1 ? 
ATOM   632  C CA  . ASP A 1 76  ? -0.772  -5.041  -4.430  1.000 18.031 0 1054 ASP A CA  1 ? 
ATOM   633  C C   . ASP A 1 76  ? 0.700   -5.362  -4.667  1.000 17.502 0 1054 ASP A C   1 ? 
ATOM   634  O O   . ASP A 1 76  ? 1.100   -6.524  -4.674  1.000 18.392 0 1054 ASP A O   1 ? 
ATOM   635  C CB  . ASP A 1 76  ? -1.408  -4.823  -5.811  1.000 18.557 0 1054 ASP A CB  1 ? 
ATOM   636  C CG  . ASP A 1 76  ? -2.934  -4.729  -5.808  1.000 20.587 0 1054 ASP A CG  1 ? 
ATOM   637  O OD1 . ASP A 1 76  ? -3.587  -5.089  -4.822  1.000 21.426 0 1054 ASP A OD1 1 ? 
ATOM   638  O OD2 . ASP A 1 76  ? -3.467  -4.288  -6.863  1.000 22.976 0 1054 ASP A OD2 1 ? 
ATOM   639  N N   . LEU A 1 77  ? 1.505   -4.334  -4.918  1.000 17.284 0 1055 LEU A N   1 ? 
ATOM   640  C CA  . LEU A 1 77  ? 2.916   -4.504  -5.221  1.000 18.036 0 1055 LEU A CA  1 ? 
ATOM   641  C C   . LEU A 1 77  ? 3.698   -5.029  -4.016  1.000 17.207 0 1055 LEU A C   1 ? 
ATOM   642  O O   . LEU A 1 77  ? 4.578   -5.878  -4.173  1.000 18.710 0 1055 LEU A O   1 ? 
ATOM   643  C CB  . LEU A 1 77  ? 3.460   -3.159  -5.685  1.000 21.213 0 1055 LEU A CB  1 ? 
ATOM   644  C CG  . LEU A 1 77  ? 4.911   -3.060  -6.145  1.000 22.495 0 1055 LEU A CG  1 ? 
ATOM   645  C CD1 . LEU A 1 77  ? 5.175   -4.005  -7.320  1.000 22.755 0 1055 LEU A CD1 1 ? 
ATOM   646  C CD2 . LEU A 1 77  ? 5.202   -1.617  -6.541  1.000 23.340 0 1055 LEU A CD2 1 ? 
ATOM   647  N N   . ILE A 1 78  ? 3.397   -4.550  -2.808  1.000 17.313 0 1056 ILE A N   1 ? 
ATOM   648  C CA  . ILE A 1 78  ? 4.037   -5.124  -1.619  1.000 17.915 0 1056 ILE A CA  1 ? 
ATOM   649  C C   . ILE A 1 78  ? 3.779   -6.623  -1.571  1.000 17.673 0 1056 ILE A C   1 ? 
ATOM   650  O O   . ILE A 1 78  ? 4.686   -7.424  -1.318  1.000 18.921 0 1056 ILE A O   1 ? 
ATOM   651  C CB  . ILE A 1 78  ? 3.537   -4.432  -0.335  1.000 18.742 0 1056 ILE A CB  1 ? 
ATOM   652  C CG1 . ILE A 1 78  ? 3.921   -2.949  -0.326  1.000 18.847 0 1056 ILE A CG1 1 ? 
ATOM   653  C CG2 . ILE A 1 78  ? 4.082   -5.138  0.908   1.000 19.766 0 1056 ILE A CG2 1 ? 
ATOM   654  C CD1 . ILE A 1 78  ? 3.374   -2.187  0.867   1.000 20.466 0 1056 ILE A CD1 1 ? 
ATOM   655  N N   . CYS A 1 79  ? 2.533   -7.021  -1.826  1.000 17.355 0 1057 CYS A N   1 ? 
ATOM   656  C CA  . CYS A 1 79  ? 2.165   -8.428  -1.787  1.000 17.744 0 1057 CYS A CA  1 ? 
ATOM   657  C C   . CYS A 1 79  ? 2.825   -9.215  -2.916  1.000 17.334 0 1057 CYS A C   1 ? 
ATOM   658  O O   . CYS A 1 79  ? 3.462   -10.249 -2.678  1.000 18.655 0 1057 CYS A O   1 ? 
ATOM   659  C CB  . CYS A 1 79  ? 0.643   -8.551  -1.832  1.000 18.326 0 1057 CYS A CB  1 ? 
ATOM   660  S SG  . CYS A 1 79  ? 0.053   -10.238 -1.737  1.000 20.850 0 1057 CYS A SG  1 ? 
ATOM   661  N N   . SER A 1 80  ? 2.703   -8.741  -4.151  1.000 17.676 0 1058 SER A N   1 ? 
ATOM   662  C CA  . SER A 1 80  ? 3.232   -9.500  -5.281  1.000 19.081 0 1058 SER A CA  1 ? 
ATOM   663  C C   . SER A 1 80  ? 4.749   -9.609  -5.207  1.000 17.944 0 1058 SER A C   1 ? 
ATOM   664  O O   . SER A 1 80  ? 5.303   -10.649 -5.543  1.000 19.031 0 1058 SER A O   1 ? 
ATOM   665  C CB  . SER A 1 80  ? 2.744   -8.944  -6.616  1.000 20.968 0 1058 SER A CB  1 ? 
ATOM   666  O OG  . SER A 1 80  ? 3.149   -7.626  -6.816  1.000 23.032 0 1058 SER A OG  1 ? 
ATOM   667  N N   . ASN A 1 81  ? 5.442   -8.572  -4.722  1.000 17.965 0 1059 ASN A N   1 ? 
ATOM   668  C CA  . ASN A 1 81  ? 6.886   -8.675  -4.602  1.000 17.802 0 1059 ASN A CA  1 ? 
ATOM   669  C C   . ASN A 1 81  ? 7.264   -9.768  -3.620  1.000 19.258 0 1059 ASN A C   1 ? 
ATOM   670  O O   . ASN A 1 81  ? 8.227   -10.512 -3.842  1.000 19.563 0 1059 ASN A O   1 ? 
ATOM   671  C CB  . ASN A 1 81  ? 7.478   -7.359  -4.095  1.000 18.668 0 1059 ASN A CB  1 ? 
ATOM   672  C CG  . ASN A 1 81  ? 7.515   -6.276  -5.151  1.000 19.247 0 1059 ASN A CG  1 ? 
ATOM   673  O OD1 . ASN A 1 81  ? 7.330   -6.529  -6.342  1.000 21.432 0 1059 ASN A OD1 1 ? 
ATOM   674  N ND2 . ASN A 1 81  ? 7.758   -5.058  -4.710  1.000 20.676 0 1059 ASN A ND2 1 ? 
ATOM   675  N N   . ALA A 1 82  ? 6.541   -9.847  -2.508  1.000 18.310 0 1060 ALA A N   1 ? 
ATOM   676  C CA  . ALA A 1 82  ? 6.836   -10.866 -1.511  1.000 19.089 0 1060 ALA A CA  1 ? 
ATOM   677  C C   . ALA A 1 82  ? 6.597   -12.266 -2.056  1.000 19.015 0 1060 ALA A C   1 ? 
ATOM   678  O O   . ALA A 1 82  ? 7.364   -13.178 -1.762  1.000 21.189 0 1060 ALA A O   1 ? 
ATOM   679  C CB  . ALA A 1 82  ? 5.987   -10.647 -0.264  1.000 21.126 0 1060 ALA A CB  1 ? 
ATOM   680  N N   . LEU A 1 83  ? 5.509   -12.467 -2.809  1.000 19.092 0 1061 LEU A N   1 ? 
ATOM   681  C CA  . LEU A 1 83  ? 5.241   -13.774 -3.396  1.000 20.016 0 1061 LEU A CA  1 ? 
ATOM   682  C C   . LEU A 1 83  ? 6.307   -14.146 -4.413  1.000 21.761 0 1061 LEU A C   1 ? 
ATOM   683  O O   . LEU A 1 83  ? 6.689   -15.320 -4.533  1.000 23.921 0 1061 LEU A O   1 ? 
ATOM   684  C CB  . LEU A 1 83  ? 3.868   -13.776 -4.052  1.000 20.189 0 1061 LEU A CB  1 ? 
ATOM   685  C CG  . LEU A 1 83  ? 2.694   -13.502 -3.113  1.000 20.063 0 1061 LEU A CG  1 ? 
ATOM   686  C CD1 . LEU A 1 83  ? 1.385   -13.508 -3.904  1.000 21.382 0 1061 LEU A CD1 1 ? 
ATOM   687  C CD2 . LEU A 1 83  ? 2.641   -14.522 -1.988  1.000 24.200 0 1061 LEU A CD2 1 ? 
ATOM   688  N N   . GLU A 1 84  ? 6.800   -13.163 -5.153  1.000 20.916 0 1062 GLU A N   1 ? 
ATOM   689  C CA  . GLU A 1 84  ? 7.817   -13.441 -6.155  1.000 23.195 0 1062 GLU A CA  1 ? 
ATOM   690  C C   . GLU A 1 84  ? 9.154   -13.777 -5.515  1.000 22.979 0 1062 GLU A C   1 ? 
ATOM   691  O O   . GLU A 1 84  ? 9.840   -14.714 -5.942  1.000 26.132 0 1062 GLU A O   1 ? 
ATOM   692  C CB  . GLU A 1 84  ? 7.978   -12.228 -7.064  1.000 25.606 0 1062 GLU A CB  1 ? 
ATOM   693  C CG  . GLU A 1 84  ? 8.797   -12.561 -8.255  1.000 30.735 0 1062 GLU A CG  1 ? 
ATOM   694  C CD  . GLU A 1 84  ? 8.072   -13.542 -9.197  1.000 37.165 0 1062 GLU A CD  1 ? 
ATOM   695  O OE1 . GLU A 1 84  ? 6.815   -13.516 -9.276  1.000 39.010 0 1062 GLU A OE1 1 ? 
ATOM   696  O OE2 . GLU A 1 84  ? 8.756   -14.358 -9.838  1.000 41.689 0 1062 GLU A OE2 1 ? 
ATOM   697  N N   . TYR A 1 85  ? 9.547   -13.017 -4.498  1.000 21.389 0 1063 TYR A N   1 ? 
ATOM   698  C CA  . TYR A 1 85  ? 10.864  -13.210 -3.927  1.000 23.569 0 1063 TYR A CA  1 ? 
ATOM   699  C C   . TYR A 1 85  ? 10.927  -14.415 -2.994  1.000 25.127 0 1063 TYR A C   1 ? 
ATOM   700  O O   . TYR A 1 85  ? 11.994  -15.024 -2.865  1.000 27.964 0 1063 TYR A O   1 ? 
ATOM   701  C CB  . TYR A 1 85  ? 11.321  -11.933 -3.230  1.000 24.327 0 1063 TYR A CB  1 ? 
ATOM   702  C CG  . TYR A 1 85  ? 12.767  -12.046 -2.827  1.000 26.848 0 1063 TYR A CG  1 ? 
ATOM   703  C CD1 . TYR A 1 85  ? 13.787  -11.908 -3.762  1.000 29.577 0 1063 TYR A CD1 1 ? 
ATOM   704  C CD2 . TYR A 1 85  ? 13.117  -12.372 -1.533  1.000 29.164 0 1063 TYR A CD2 1 ? 
ATOM   705  C CE1 . TYR A 1 85  ? 15.120  -12.055 -3.400  1.000 31.388 0 1063 TYR A CE1 1 ? 
ATOM   706  C CE2 . TYR A 1 85  ? 14.443  -12.517 -1.165  1.000 31.135 0 1063 TYR A CE2 1 ? 
ATOM   707  C CZ  . TYR A 1 85  ? 15.439  -12.364 -2.102  1.000 31.720 0 1063 TYR A CZ  1 ? 
ATOM   708  O OH  . TYR A 1 85  ? 16.756  -12.534 -1.724  1.000 35.420 0 1063 TYR A OH  1 ? 
ATOM   709  N N   . ASN A 1 86  ? 9.810   -14.814 -2.383  1.000 24.166 0 1064 ASN A N   1 ? 
ATOM   710  C CA  . ASN A 1 86  ? 9.787   -15.889 -1.389  1.000 25.679 0 1064 ASN A CA  1 ? 
ATOM   711  C C   . ASN A 1 86  ? 8.866   -17.018 -1.837  1.000 28.703 0 1064 ASN A C   1 ? 
ATOM   712  O O   . ASN A 1 86  ? 7.799   -17.225 -1.249  1.000 29.977 0 1064 ASN A O   1 ? 
ATOM   713  C CB  . ASN A 1 86  ? 9.319   -15.316 -0.049  1.000 24.927 0 1064 ASN A CB  1 ? 
ATOM   714  C CG  . ASN A 1 86  ? 10.155  -14.115 0.412   1.000 26.303 0 1064 ASN A CG  1 ? 
ATOM   715  O OD1 . ASN A 1 86  ? 11.248  -14.271 0.957   1.000 30.546 0 1064 ASN A OD1 1 ? 
ATOM   716  N ND2 . ASN A 1 86  ? 9.624   -12.930 0.224   1.000 25.872 0 1064 ASN A ND2 1 ? 
ATOM   717  N N   . PRO A 1 87  ? 9.243   -17.777 -2.864  1.000 34.007 0 1065 PRO A N   1 ? 
ATOM   718  C CA  . PRO A 1 87  ? 8.309   -18.782 -3.412  1.000 35.617 0 1065 PRO A CA  1 ? 
ATOM   719  C C   . PRO A 1 87  ? 8.464   -20.204 -2.881  1.000 38.044 0 1065 PRO A C   1 ? 
ATOM   720  O O   . PRO A 1 87  ? 7.692   -21.070 -3.311  1.000 38.936 0 1065 PRO A O   1 ? 
ATOM   721  C CB  . PRO A 1 87  ? 8.667   -18.756 -4.904  1.000 35.204 0 1065 PRO A CB  1 ? 
ATOM   722  C CG  . PRO A 1 87  ? 10.146  -18.501 -4.913  1.000 35.028 0 1065 PRO A CG  1 ? 
ATOM   723  C CD  . PRO A 1 87  ? 10.391  -17.538 -3.765  1.000 33.672 0 1065 PRO A CD  1 ? 
ATOM   724  N N   . ASP A 1 88  ? 9.408   -20.461 -1.985  1.000 39.481 0 1066 ASP A N   1 ? 
ATOM   725  C CA  . ASP A 1 88  ? 9.864   -21.824 -1.753  1.000 39.884 0 1066 ASP A CA  1 ? 
ATOM   726  C C   . ASP A 1 88  ? 8.949   -22.585 -0.796  1.000 39.242 0 1066 ASP A C   1 ? 
ATOM   727  O O   . ASP A 1 88  ? 8.013   -22.048 -0.208  1.000 37.649 0 1066 ASP A O   1 ? 
ATOM   728  C CB  . ASP A 1 88  ? 11.295  -21.805 -1.220  1.000 40.797 0 1066 ASP A CB  1 ? 
ATOM   729  N N   . ARG A 1 89  ? 9.243   -23.874 -0.622  1.000 40.481 0 1067 ARG A N   1 ? 
ATOM   730  C CA  . ARG A 1 89  ? 8.487   -24.676 0.331   1.000 42.152 0 1067 ARG A CA  1 ? 
ATOM   731  C C   . ARG A 1 89  ? 8.867   -24.399 1.785   1.000 41.879 0 1067 ARG A C   1 ? 
ATOM   732  O O   . ARG A 1 89  ? 8.141   -24.835 2.684   1.000 44.368 0 1067 ARG A O   1 ? 
ATOM   733  C CB  . ARG A 1 89  ? 8.688   -26.167 0.024   1.000 44.266 0 1067 ARG A CB  1 ? 
ATOM   734  N N   . ASP A 1 90  ? 9.948   -23.661 2.036   1.000 40.873 0 1068 ASP A N   1 ? 
ATOM   735  C CA  . ASP A 1 90  ? 10.498  -23.510 3.385   1.000 41.537 0 1068 ASP A CA  1 ? 
ATOM   736  C C   . ASP A 1 90  ? 9.491   -22.821 4.303   1.000 37.112 0 1068 ASP A C   1 ? 
ATOM   737  O O   . ASP A 1 90  ? 8.766   -21.931 3.865   1.000 36.257 0 1068 ASP A O   1 ? 
ATOM   738  C CB  . ASP A 1 90  ? 11.766  -22.652 3.261   1.000 48.032 0 1068 ASP A CB  1 ? 
ATOM   739  C CG  . ASP A 1 90  ? 12.171  -21.991 4.570   1.000 52.819 0 1068 ASP A CG  1 ? 
ATOM   740  O OD1 . ASP A 1 90  ? 12.295  -22.699 5.598   1.000 55.470 0 1068 ASP A OD1 1 ? 
ATOM   741  O OD2 . ASP A 1 90  ? 12.381  -20.756 4.563   1.000 53.928 0 1068 ASP A OD2 1 ? 
ATOM   742  N N   . PRO A 1 91  ? 9.428   -23.188 5.585   1.000 34.557 0 1069 PRO A N   1 ? 
ATOM   743  C CA  . PRO A 1 91  ? 8.459   -22.517 6.474   1.000 31.972 0 1069 PRO A CA  1 ? 
ATOM   744  C C   . PRO A 1 91  ? 8.659   -21.012 6.581   1.000 29.880 0 1069 PRO A C   1 ? 
ATOM   745  O O   . PRO A 1 91  ? 7.673   -20.283 6.731   1.000 28.106 0 1069 PRO A O   1 ? 
ATOM   746  C CB  . PRO A 1 91  ? 8.649   -23.235 7.821   1.000 34.907 0 1069 PRO A CB  1 ? 
ATOM   747  C CG  . PRO A 1 91  ? 9.232   -24.536 7.481   1.000 36.546 0 1069 PRO A CG  1 ? 
ATOM   748  C CD  . PRO A 1 91  ? 10.058  -24.353 6.233   1.000 36.044 0 1069 PRO A CD  1 ? 
ATOM   749  N N   . GLY A 1 92  ? 9.900   -20.530 6.506   1.000 30.772 0 1070 GLY A N   1 ? 
ATOM   750  C CA  . GLY A 1 92  ? 10.133  -19.100 6.561   1.000 28.751 0 1070 GLY A CA  1 ? 
ATOM   751  C C   . GLY A 1 92  ? 9.524   -18.382 5.370   1.000 27.219 0 1070 GLY A C   1 ? 
ATOM   752  O O   . GLY A 1 92  ? 8.894   -17.328 5.520   1.000 26.043 0 1070 GLY A O   1 ? 
ATOM   753  N N   . ASP A 1 93  ? 9.682   -18.957 4.176   1.000 28.298 0 1071 ASP A N   1 ? 
ATOM   754  C CA  . ASP A 1 93  ? 9.054   -18.393 2.986   1.000 26.943 0 1071 ASP A CA  1 ? 
ATOM   755  C C   . ASP A 1 93  ? 7.537   -18.470 3.082   1.000 24.987 0 1071 ASP A C   1 ? 
ATOM   756  O O   . ASP A 1 93  ? 6.836   -17.525 2.713   1.000 24.763 0 1071 ASP A O   1 ? 
ATOM   757  C CB  . ASP A 1 93  ? 9.479   -19.156 1.729   1.000 29.638 0 1071 ASP A CB  1 ? 
ATOM   758  C CG  . ASP A 1 93  ? 10.769  -18.656 1.139   1.000 34.325 0 1071 ASP A CG  1 ? 
ATOM   759  O OD1 . ASP A 1 93  ? 11.637  -18.204 1.921   1.000 36.099 0 1071 ASP A OD1 1 ? 
ATOM   760  O OD2 . ASP A 1 93  ? 10.918  -18.752 -0.105  1.000 33.994 0 1071 ASP A OD2 1 ? 
ATOM   761  N N   . ARG A 1 94  ? 7.007   -19.603 3.557   1.000 24.479 0 1072 ARG A N   1 ? 
ATOM   762  C CA  . ARG A 1 94  ? 5.560   -19.739 3.664   1.000 24.890 0 1072 ARG A CA  1 ? 
ATOM   763  C C   . ARG A 1 94  ? 4.984   -18.714 4.625   1.000 22.690 0 1072 ARG A C   1 ? 
ATOM   764  O O   . ARG A 1 94  ? 3.901   -18.172 4.386   1.000 22.890 0 1072 ARG A O   1 ? 
ATOM   765  C CB  . ARG A 1 94  ? 5.174   -21.154 4.083   1.000 27.874 0 1072 ARG A CB  1 ? 
ATOM   766  C CG  . ARG A 1 94  ? 5.349   -22.137 2.962   1.000 34.130 0 1072 ARG A CG  1 ? 
ATOM   767  C CD  . ARG A 1 94  ? 5.532   -23.532 3.465   1.000 37.486 0 1072 ARG A CD  1 ? 
ATOM   768  N NE  . ARG A 1 94  ? 4.417   -23.989 4.293   1.000 43.284 0 1072 ARG A NE  1 ? 
ATOM   769  C CZ  . ARG A 1 94  ? 4.482   -25.008 5.154   1.000 46.306 0 1072 ARG A CZ  1 ? 
ATOM   770  N NH1 . ARG A 1 94  ? 5.619   -25.682 5.327   1.000 47.677 0 1072 ARG A NH1 1 ? 
ATOM   771  N NH2 . ARG A 1 94  ? 3.410   -25.361 5.859   1.000 46.735 0 1072 ARG A NH2 1 ? 
ATOM   772  N N   . LEU A 1 95  ? 5.708   -18.419 5.702   1.000 21.868 0 1073 LEU A N   1 ? 
ATOM   773  C CA  . LEU A 1 95  ? 5.246   -17.433 6.667   1.000 21.068 0 1073 LEU A CA  1 ? 
ATOM   774  C C   . LEU A 1 95  ? 5.192   -16.038 6.042   1.000 20.334 0 1073 LEU A C   1 ? 
ATOM   775  O O   . LEU A 1 95  ? 4.197   -15.317 6.208   1.000 19.908 0 1073 LEU A O   1 ? 
ATOM   776  C CB  . LEU A 1 95  ? 6.160   -17.466 7.887   1.000 21.971 0 1073 LEU A CB  1 ? 
ATOM   777  C CG  . LEU A 1 95  ? 5.847   -16.458 8.983   1.000 22.903 0 1073 LEU A CG  1 ? 
ATOM   778  C CD1 . LEU A 1 95  ? 4.437   -16.616 9.523   1.000 24.245 0 1073 LEU A CD1 1 ? 
ATOM   779  C CD2 . LEU A 1 95  ? 6.899   -16.604 10.085  1.000 24.964 0 1073 LEU A CD2 1 ? 
ATOM   780  N N   . ILE A 1 96  ? 6.231   -15.649 5.296   1.000 20.563 0 1074 ILE A N   1 ? 
ATOM   781  C CA  . ILE A 1 96  ? 6.223   -14.344 4.637   1.000 20.755 0 1074 ILE A CA  1 ? 
ATOM   782  C C   . ILE A 1 96  ? 5.078   -14.256 3.628   1.000 19.821 0 1074 ILE A C   1 ? 
ATOM   783  O O   . ILE A 1 96  ? 4.401   -13.226 3.532   1.000 19.866 0 1074 ILE A O   1 ? 
ATOM   784  C CB  . ILE A 1 96  ? 7.579   -14.014 3.986   1.000 24.413 0 1074 ILE A CB  1 ? 
ATOM   785  C CG1 . ILE A 1 96  ? 8.710   -13.916 5.014   1.000 28.775 0 1074 ILE A CG1 1 ? 
ATOM   786  C CG2 . ILE A 1 96  ? 7.450   -12.712 3.215   1.000 27.093 0 1074 ILE A CG2 1 ? 
ATOM   787  C CD1 . ILE A 1 96  ? 8.339   -13.323 6.354   1.000 33.296 0 1074 ILE A CD1 1 ? 
ATOM   788  N N   A ARG A 1 97  ? 4.858   -15.318 2.843   0.480 20.626 0 1075 ARG A N   1 ? 
ATOM   789  N N   B ARG A 1 97  ? 4.843   -15.334 2.862   0.520 20.700 0 1075 ARG A N   1 ? 
ATOM   790  C CA  A ARG A 1 97  ? 3.766   -15.276 1.869   0.480 20.924 0 1075 ARG A CA  1 ? 
ATOM   791  C CA  B ARG A 1 97  ? 3.769   -15.312 1.865   0.520 21.045 0 1075 ARG A CA  1 ? 
ATOM   792  C C   A ARG A 1 97  ? 2.420   -15.129 2.571   0.480 20.903 0 1075 ARG A C   1 ? 
ATOM   793  C C   B ARG A 1 97  ? 2.402   -15.194 2.528   0.520 20.779 0 1075 ARG A C   1 ? 
ATOM   794  O O   A ARG A 1 97  ? 1.572   -14.336 2.146   0.480 21.458 0 1075 ARG A O   1 ? 
ATOM   795  O O   B ARG A 1 97  ? 1.513   -14.504 2.015   0.520 21.179 0 1075 ARG A O   1 ? 
ATOM   796  C CB  A ARG A 1 97  ? 3.766   -16.518 0.985   0.480 22.674 0 1075 ARG A CB  1 ? 
ATOM   797  C CB  B ARG A 1 97  ? 3.805   -16.570 1.003   0.520 23.269 0 1075 ARG A CB  1 ? 
ATOM   798  C CG  A ARG A 1 97  ? 5.032   -16.717 0.179   0.480 24.069 0 1075 ARG A CG  1 ? 
ATOM   799  C CG  B ARG A 1 97  ? 4.963   -16.647 0.042   0.520 24.837 0 1075 ARG A CG  1 ? 
ATOM   800  C CD  A ARG A 1 97  ? 5.053   -18.100 -0.462  0.480 25.543 0 1075 ARG A CD  1 ? 
ATOM   801  C CD  B ARG A 1 97  ? 4.645   -17.602 -1.109  0.520 26.306 0 1075 ARG A CD  1 ? 
ATOM   802  N NE  A ARG A 1 97  ? 4.124   -18.208 -1.581  0.480 25.840 0 1075 ARG A NE  1 ? 
ATOM   803  N NE  B ARG A 1 97  ? 4.229   -18.930 -0.654  0.520 28.030 0 1075 ARG A NE  1 ? 
ATOM   804  C CZ  A ARG A 1 97  ? 4.380   -17.760 -2.808  0.480 26.432 0 1075 ARG A CZ  1 ? 
ATOM   805  C CZ  B ARG A 1 97  ? 5.071   -19.919 -0.365  0.520 28.672 0 1075 ARG A CZ  1 ? 
ATOM   806  N NH1 A ARG A 1 97  ? 5.531   -17.172 -3.071  0.480 26.890 0 1075 ARG A NH1 1 ? 
ATOM   807  N NH1 B ARG A 1 97  ? 6.375   -19.724 -0.471  0.520 27.840 0 1075 ARG A NH1 1 ? 
ATOM   808  N NH2 A ARG A 1 97  ? 3.480   -17.891 -3.774  0.480 27.503 0 1075 ARG A NH2 1 ? 
ATOM   809  N NH2 B ARG A 1 97  ? 4.611   -21.096 0.039   0.520 29.414 0 1075 ARG A NH2 1 ? 
ATOM   810  N N   . HIS A 1 98  ? 2.211   -15.877 3.657   1.000 20.539 0 1076 HIS A N   1 ? 
ATOM   811  C CA  . HIS A 1 98  ? 0.953   -15.780 4.385   1.000 20.450 0 1076 HIS A CA  1 ? 
ATOM   812  C C   . HIS A 1 98  ? 0.737   -14.362 4.896   1.000 20.142 0 1076 HIS A C   1 ? 
ATOM   813  O O   . HIS A 1 98  ? -0.362  -13.807 4.775   1.000 20.087 0 1076 HIS A O   1 ? 
ATOM   814  C CB  . HIS A 1 98  ? 0.963   -16.784 5.540   1.000 21.692 0 1076 HIS A CB  1 ? 
ATOM   815  C CG  . HIS A 1 98  ? -0.357  -16.934 6.219   1.000 24.750 0 1076 HIS A CG  1 ? 
ATOM   816  N ND1 . HIS A 1 98  ? -0.753  -16.116 7.252   1.000 27.485 0 1076 HIS A ND1 1 ? 
ATOM   817  C CD2 . HIS A 1 98  ? -1.383  -17.789 5.997   1.000 26.172 0 1076 HIS A CD2 1 ? 
ATOM   818  C CE1 . HIS A 1 98  ? -1.957  -16.482 7.659   1.000 28.109 0 1076 HIS A CE1 1 ? 
ATOM   819  N NE2 . HIS A 1 98  ? -2.363  -17.490 6.909   1.000 28.464 0 1076 HIS A NE2 1 ? 
ATOM   820  N N   . ARG A 1 99  ? 1.793   -13.741 5.417   1.000 18.936 0 1077 ARG A N   1 ? 
ATOM   821  C CA  . ARG A 1 99  ? 1.671   -12.384 5.923   1.000 19.181 0 1077 ARG A CA  1 ? 
ATOM   822  C C   . ARG A 1 99  ? 1.421   -11.392 4.797   1.000 19.392 0 1077 ARG A C   1 ? 
ATOM   823  O O   . ARG A 1 99  ? 0.658   -10.435 4.975   1.000 19.258 0 1077 ARG A O   1 ? 
ATOM   824  C CB  . ARG A 1 99  ? 2.941   -12.026 6.689   1.000 20.045 0 1077 ARG A CB  1 ? 
ATOM   825  C CG  . ARG A 1 99  ? 3.058   -12.723 8.040   1.000 20.226 0 1077 ARG A CG  1 ? 
ATOM   826  C CD  . ARG A 1 99  ? 4.446   -12.559 8.592   1.000 22.158 0 1077 ARG A CD  1 ? 
ATOM   827  N NE  . ARG A 1 99  ? 4.502   -13.009 9.967   1.000 24.082 0 1077 ARG A NE  1 ? 
ATOM   828  C CZ  . ARG A 1 99  ? 5.614   -13.102 10.681  1.000 25.982 0 1077 ARG A CZ  1 ? 
ATOM   829  N NH1 . ARG A 1 99  ? 6.785   -12.789 10.137  1.000 27.922 0 1077 ARG A NH1 1 ? 
ATOM   830  N NH2 . ARG A 1 99  ? 5.552   -13.522 11.934  1.000 29.256 0 1077 ARG A NH2 1 ? 
ATOM   831  N N   . ALA A 1 100 ? 2.049   -11.599 3.635   1.000 19.237 0 1078 ALA A N   1 ? 
ATOM   832  C CA  . ALA A 1 100 ? 1.845   -10.710 2.494   1.000 18.823 0 1078 ALA A CA  1 ? 
ATOM   833  C C   . ALA A 1 100 ? 0.406   -10.751 2.025   1.000 19.558 0 1078 ALA A C   1 ? 
ATOM   834  O O   . ALA A 1 100 ? -0.198  -9.712  1.724   1.000 19.205 0 1078 ALA A O   1 ? 
ATOM   835  C CB  . ALA A 1 100 ? 2.774   -11.136 1.364   1.000 20.929 0 1078 ALA A CB  1 ? 
ATOM   836  N N   . CYS A 1 101 ? -0.167  -11.948 1.965   1.000 19.800 0 1079 CYS A N   1 ? 
ATOM   837  C CA  . CYS A 1 101 ? -1.559  -12.080 1.573   1.000 21.124 0 1079 CYS A CA  1 ? 
ATOM   838  C C   . CYS A 1 101 ? -2.487  -11.467 2.601   1.000 19.666 0 1079 CYS A C   1 ? 
ATOM   839  O O   . CYS A 1 101 ? -3.468  -10.813 2.237   1.000 19.544 0 1079 CYS A O   1 ? 
ATOM   840  C CB  . CYS A 1 101 ? -1.882  -13.551 1.345   1.000 22.055 0 1079 CYS A CB  1 ? 
ATOM   841  S SG  . CYS A 1 101 ? -1.088  -14.198 -0.141  1.000 27.130 0 1079 CYS A SG  1 ? 
ATOM   842  N N   . ALA A 1 102 ? -2.171  -11.638 3.889   1.000 19.671 0 1080 ALA A N   1 ? 
ATOM   843  C CA  . ALA A 1 102 ? -2.971  -11.033 4.944   1.000 20.216 0 1080 ALA A CA  1 ? 
ATOM   844  C C   . ALA A 1 102 ? -2.895  -9.511  4.894   1.000 19.000 0 1080 ALA A C   1 ? 
ATOM   845  O O   . ALA A 1 102 ? -3.897  -8.834  5.152   1.000 19.510 0 1080 ALA A O   1 ? 
ATOM   846  C CB  . ALA A 1 102 ? -2.549  -11.560 6.306   1.000 21.758 0 1080 ALA A CB  1 ? 
ATOM   847  N N   . LEU A 1 103 ? -1.728  -8.954  4.554   1.000 18.979 0 1081 LEU A N   1 ? 
ATOM   848  C CA  . LEU A 1 103 ? -1.606  -7.506  4.421   1.000 18.808 0 1081 LEU A CA  1 ? 
ATOM   849  C C   . LEU A 1 103 ? -2.542  -6.989  3.348   1.000 18.155 0 1081 LEU A C   1 ? 
ATOM   850  O O   . LEU A 1 103 ? -3.295  -6.030  3.557   1.000 18.447 0 1081 LEU A O   1 ? 
ATOM   851  C CB  . LEU A 1 103 ? -0.170  -7.122  4.058   1.000 19.923 0 1081 LEU A CB  1 ? 
ATOM   852  C CG  . LEU A 1 103 ? 0.105   -5.652  3.805   1.000 23.182 0 1081 LEU A CG  1 ? 
ATOM   853  C CD1 . LEU A 1 103 ? -0.216  -4.866  5.010   1.000 26.135 0 1081 LEU A CD1 1 ? 
ATOM   854  C CD2 . LEU A 1 103 ? 1.560   -5.448  3.429   1.000 27.961 0 1081 LEU A CD2 1 ? 
ATOM   855  N N   . ARG A 1 104 ? -2.511  -7.625  2.183   1.000 17.707 0 1082 ARG A N   1 ? 
ATOM   856  C CA  . ARG A 1 104 ? -3.363  -7.173  1.095   1.000 17.702 0 1082 ARG A CA  1 ? 
ATOM   857  C C   . ARG A 1 104 ? -4.839  -7.363  1.440   1.000 17.997 0 1082 ARG A C   1 ? 
ATOM   858  O O   . ARG A 1 104 ? -5.653  -6.454  1.252   1.000 18.736 0 1082 ARG A O   1 ? 
ATOM   859  C CB  . ARG A 1 104 ? -2.996  -7.895  -0.194  1.000 18.876 0 1082 ARG A CB  1 ? 
ATOM   860  C CG  . ARG A 1 104 ? -3.853  -7.488  -1.353  1.000 18.742 0 1082 ARG A CG  1 ? 
ATOM   861  C CD  . ARG A 1 104 ? -3.339  -8.066  -2.679  1.000 20.547 0 1082 ARG A CD  1 ? 
ATOM   862  N NE  . ARG A 1 104 ? -4.141  -7.620  -3.801  1.000 21.171 0 1082 ARG A NE  1 ? 
ATOM   863  C CZ  . ARG A 1 104 ? -5.234  -8.232  -4.228  1.000 22.466 0 1082 ARG A CZ  1 ? 
ATOM   864  N NH1 . ARG A 1 104 ? -5.644  -9.345  -3.638  1.000 25.969 0 1082 ARG A NH1 1 ? 
ATOM   865  N NH2 . ARG A 1 104 ? -5.901  -7.732  -5.251  1.000 24.869 0 1082 ARG A NH2 1 ? 
ATOM   866  N N   . ASP A 1 105 ? -5.199  -8.528  1.973   1.000 18.858 0 1083 ASP A N   1 ? 
ATOM   867  C CA  . ASP A 1 105 ? -6.588  -8.770  2.337   1.000 20.789 0 1083 ASP A CA  1 ? 
ATOM   868  C C   . ASP A 1 105 ? -7.073  -7.776  3.386   1.000 19.313 0 1083 ASP A C   1 ? 
ATOM   869  O O   . ASP A 1 105 ? -8.210  -7.293  3.324   1.000 20.589 0 1083 ASP A O   1 ? 
ATOM   870  C CB  . ASP A 1 105 ? -6.729  -10.198 2.862   1.000 22.732 0 1083 ASP A CB  1 ? 
ATOM   871  C CG  . ASP A 1 105 ? -6.599  -11.252 1.773   1.000 26.595 0 1083 ASP A CG  1 ? 
ATOM   872  O OD1 . ASP A 1 105 ? -6.711  -10.922 0.569   1.000 27.859 0 1083 ASP A OD1 1 ? 
ATOM   873  O OD2 . ASP A 1 105 ? -6.370  -12.423 2.135   1.000 30.019 0 1083 ASP A OD2 1 ? 
ATOM   874  N N   . THR A 1 106 ? -6.218  -7.439  4.348   1.000 18.339 0 1084 THR A N   1 ? 
ATOM   875  C CA  . THR A 1 106 ? -6.620  -6.520  5.406   1.000 20.071 0 1084 THR A CA  1 ? 
ATOM   876  C C   . THR A 1 106 ? -6.813  -5.114  4.856   1.000 19.555 0 1084 THR A C   1 ? 
ATOM   877  O O   . THR A 1 106 ? -7.795  -4.441  5.190   1.000 20.613 0 1084 THR A O   1 ? 
ATOM   878  C CB  . THR A 1 106 ? -5.573  -6.525  6.512   1.000 21.224 0 1084 THR A CB  1 ? 
ATOM   879  O OG1 . THR A 1 106 ? -5.482  -7.835  7.081   1.000 23.395 0 1084 THR A OG1 1 ? 
ATOM   880  C CG2 . THR A 1 106 ? -5.935  -5.573  7.620   1.000 21.784 0 1084 THR A CG2 1 ? 
ATOM   881  N N   . ALA A 1 107 ? -5.903  -4.662  3.993   1.000 18.197 0 1085 ALA A N   1 ? 
ATOM   882  C CA  . ALA A 1 107 ? -6.038  -3.333  3.413   1.000 18.321 0 1085 ALA A CA  1 ? 
ATOM   883  C C   . ALA A 1 107 ? -7.321  -3.207  2.618   1.000 18.710 0 1085 ALA A C   1 ? 
ATOM   884  O O   . ALA A 1 107 ? -8.054  -2.219  2.755   1.000 19.247 0 1085 ALA A O   1 ? 
ATOM   885  C CB  . ALA A 1 107 ? -4.842  -3.026  2.523   1.000 19.300 0 1085 ALA A CB  1 ? 
ATOM   886  N N   . TYR A 1 108 ? -7.598  -4.193  1.752   1.000 19.000 0 1086 TYR A N   1 ? 
ATOM   887  C CA  . TYR A 1 108 ? -8.824  -4.138  0.963   1.000 19.508 0 1086 TYR A CA  1 ? 
ATOM   888  C C   . TYR A 1 108 ? -10.059 -4.189  1.849   1.000 20.392 0 1086 TYR A C   1 ? 
ATOM   889  O O   . TYR A 1 108 ? -11.056 -3.518  1.560   1.000 21.303 0 1086 TYR A O   1 ? 
ATOM   890  C CB  . TYR A 1 108 ? -8.866  -5.254  -0.071  1.000 19.305 0 1086 TYR A CB  1 ? 
ATOM   891  C CG  . TYR A 1 108 ? -8.133  -4.945  -1.358  1.000 18.958 0 1086 TYR A CG  1 ? 
ATOM   892  C CD1 . TYR A 1 108 ? -6.754  -5.028  -1.431  1.000 19.544 0 1086 TYR A CD1 1 ? 
ATOM   893  C CD2 . TYR A 1 108 ? -8.818  -4.543  -2.493  1.000 20.452 0 1086 TYR A CD2 1 ? 
ATOM   894  C CE1 . TYR A 1 108 ? -6.087  -4.780  -2.603  1.000 20.842 0 1086 TYR A CE1 1 ? 
ATOM   895  C CE2 . TYR A 1 108 ? -8.150  -4.288  -3.675  1.000 21.134 0 1086 TYR A CE2 1 ? 
ATOM   896  C CZ  . TYR A 1 108 ? -6.790  -4.414  -3.728  1.000 20.329 0 1086 TYR A CZ  1 ? 
ATOM   897  O OH  . TYR A 1 108 ? -6.125  -4.143  -4.905  1.000 20.881 0 1086 TYR A OH  1 ? 
ATOM   898  N N   . ALA A 1 109 ? -10.016 -4.986  2.930   1.000 20.734 0 1087 ALA A N   1 ? 
ATOM   899  C CA  . ALA A 1 109 ? -11.171 -5.117  3.813   1.000 21.218 0 1087 ALA A CA  1 ? 
ATOM   900  C C   . ALA A 1 109 ? -11.452 -3.819  4.567   1.000 21.281 0 1087 ALA A C   1 ? 
ATOM   901  O O   . ALA A 1 109 ? -12.613 -3.411  4.709   1.000 23.895 0 1087 ALA A O   1 ? 
ATOM   902  C CB  . ALA A 1 109 ? -10.955 -6.272  4.794   1.000 22.511 0 1087 ALA A CB  1 ? 
ATOM   903  N N   . ILE A 1 110 ? -10.401 -3.136  5.019   1.000 21.782 0 1088 ILE A N   1 ? 
ATOM   904  C CA  . ILE A 1 110 ? -10.583 -1.857  5.699   1.000 22.729 0 1088 ILE A CA  1 ? 
ATOM   905  C C   . ILE A 1 110 ? -11.209 -0.858  4.745   1.000 22.921 0 1088 ILE A C   1 ? 
ATOM   906  O O   . ILE A 1 110 ? -12.172 -0.146  5.079   1.000 23.592 0 1088 ILE A O   1 ? 
ATOM   907  C CB  . ILE A 1 110 ? -9.236  -1.336  6.227   1.000 23.274 0 1088 ILE A CB  1 ? 
ATOM   908  C CG1 . ILE A 1 110 ? -8.761  -2.173  7.412   1.000 23.574 0 1088 ILE A CG1 1 ? 
ATOM   909  C CG2 . ILE A 1 110 ? -9.348  0.125   6.655   1.000 25.003 0 1088 ILE A CG2 1 ? 
ATOM   910  C CD1 . ILE A 1 110 ? -7.324  -1.898  7.779   1.000 25.098 0 1088 ILE A CD1 1 ? 
ATOM   911  N N   . ILE A 1 111 ? -10.665 -0.795  3.535   1.000 22.042 0 1089 ILE A N   1 ? 
ATOM   912  C CA  . ILE A 1 111 ? -11.170 0.165   2.557   1.000 24.269 0 1089 ILE A CA  1 ? 
ATOM   913  C C   . ILE A 1 111 ? -12.616 -0.148  2.187   1.000 23.679 0 1089 ILE A C   1 ? 
ATOM   914  O O   . ILE A 1 111 ? -13.460 0.751   2.127   1.000 24.819 0 1089 ILE A O   1 ? 
ATOM   915  C CB  . ILE A 1 111 ? -10.201 0.271   1.364   1.000 25.048 0 1089 ILE A CB  1 ? 
ATOM   916  C CG1 . ILE A 1 111 ? -8.919  0.979   1.894   1.000 27.140 0 1089 ILE A CG1 1 ? 
ATOM   917  C CG2 . ILE A 1 111 ? -10.849 1.005   0.215   1.000 28.385 0 1089 ILE A CG2 1 ? 
ATOM   918  C CD1 . ILE A 1 111 ? -7.714  0.903   1.038   1.000 28.985 0 1089 ILE A CD1 1 ? 
ATOM   919  N N   . LYS A 1 112 ? -12.944 -1.426  1.989   1.000 23.950 0 1090 LYS A N   1 ? 
ATOM   920  C CA  . LYS A 1 112 ? -14.320 -1.773  1.669   1.000 26.661 0 1090 LYS A CA  1 ? 
ATOM   921  C C   . LYS A 1 112 ? -15.267 -1.316  2.776   1.000 27.882 0 1090 LYS A C   1 ? 
ATOM   922  O O   . LYS A 1 112 ? -16.359 -0.793  2.501   1.000 29.925 0 1090 LYS A O   1 ? 
ATOM   923  C CB  . LYS A 1 112 ? -14.429 -3.280  1.435   1.000 28.959 0 1090 LYS A CB  1 ? 
ATOM   924  C CG  . LYS A 1 112 ? -15.817 -3.756  1.030   1.000 34.301 0 1090 LYS A CG  1 ? 
ATOM   925  C CD  . LYS A 1 112 ? -15.849 -5.261  0.792   1.000 38.384 0 1090 LYS A CD  1 ? 
ATOM   926  C CE  . LYS A 1 112 ? -17.156 -5.701  0.134   1.000 41.892 0 1090 LYS A CE  1 ? 
ATOM   927  N NZ  . LYS A 1 112 ? -17.079 -7.105  -0.371  1.000 44.340 0 1090 LYS A NZ  1 ? 
ATOM   928  N N   . GLU A 1 113 ? -14.856 -1.501  4.035   1.000 26.843 0 1091 GLU A N   1 ? 
ATOM   929  C CA  . GLU A 1 113 ? -15.706 -1.144  5.161   1.000 28.867 0 1091 GLU A CA  1 ? 
ATOM   930  C C   . GLU A 1 113 ? -15.866 0.365   5.314   1.000 29.293 0 1091 GLU A C   1 ? 
ATOM   931  O O   . GLU A 1 113 ? -16.942 0.841   5.695   1.000 32.720 0 1091 GLU A O   1 ? 
ATOM   932  C CB  . GLU A 1 113 ? -15.122 -1.743  6.447   1.000 30.322 0 1091 GLU A CB  1 ? 
ATOM   933  N N   . GLU A 1 114 ? -14.817 1.142   5.033   1.000 26.861 0 1092 GLU A N   1 ? 
ATOM   934  C CA  . GLU A 1 114 ? -14.761 2.537   5.450   1.000 27.748 0 1092 GLU A CA  1 ? 
ATOM   935  C C   . GLU A 1 114 ? -14.866 3.562   4.337   1.000 27.585 0 1092 GLU A C   1 ? 
ATOM   936  O O   . GLU A 1 114 ? -15.189 4.715   4.622   1.000 30.546 0 1092 GLU A O   1 ? 
ATOM   937  C CB  . GLU A 1 114 ? -13.455 2.785   6.222   1.000 27.811 0 1092 GLU A CB  1 ? 
ATOM   938  C CG  . GLU A 1 114 ? -13.457 2.013   7.516   1.000 30.325 0 1092 GLU A CG  1 ? 
ATOM   939  C CD  . GLU A 1 114 ? -12.184 2.132   8.291   1.000 34.867 0 1092 GLU A CD  1 ? 
ATOM   940  O OE1 . GLU A 1 114 ? -11.387 3.045   7.993   1.000 37.194 0 1092 GLU A OE1 1 ? 
ATOM   941  O OE2 . GLU A 1 114 ? -11.993 1.310   9.211   1.000 37.736 0 1092 GLU A OE2 1 ? 
ATOM   942  N N   . LEU A 1 115 ? -14.617 3.189   3.096   1.000 26.103 0 1093 LEU A N   1 ? 
ATOM   943  C CA  . LEU A 1 115 ? -14.591 4.152   2.009   1.000 26.045 0 1093 LEU A CA  1 ? 
ATOM   944  C C   . LEU A 1 115 ? -15.987 4.393   1.459   1.000 26.637 0 1093 LEU A C   1 ? 
ATOM   945  O O   . LEU A 1 115 ? -16.696 3.455   1.081   1.000 27.782 0 1093 LEU A O   1 ? 
ATOM   946  C CB  . LEU A 1 115 ? -13.688 3.611   0.910   1.000 25.927 0 1093 LEU A CB  1 ? 
ATOM   947  C CG  . LEU A 1 115 ? -13.590 4.438   -0.367  1.000 25.414 0 1093 LEU A CG  1 ? 
ATOM   948  C CD1 . LEU A 1 115 ? -13.062 5.839   -0.067  1.000 26.495 0 1093 LEU A CD1 1 ? 
ATOM   949  C CD2 . LEU A 1 115 ? -12.716 3.706   -1.375  1.000 27.561 0 1093 LEU A CD2 1 ? 
ATOM   950  N N   . ASP A 1 116 ? -16.395 5.654   1.407   1.000 26.466 0 1094 ASP A N   1 ? 
ATOM   951  C CA  . ASP A 1 116 ? -17.628 6.011   0.721   1.000 26.540 0 1094 ASP A CA  1 ? 
ATOM   952  C C   . ASP A 1 116 ? -17.386 5.976   -0.787  1.000 26.674 0 1094 ASP A C   1 ? 
ATOM   953  O O   . ASP A 1 116 ? -16.456 6.612   -1.291  1.000 25.600 0 1094 ASP A O   1 ? 
ATOM   954  C CB  . ASP A 1 116 ? -18.067 7.401   1.182   1.000 29.177 0 1094 ASP A CB  1 ? 
ATOM   955  C CG  . ASP A 1 116 ? -19.377 7.858   0.550   1.000 33.041 0 1094 ASP A CG  1 ? 
ATOM   956  O OD1 . ASP A 1 116 ? -19.464 7.906   -0.698  1.000 36.067 0 1094 ASP A OD1 1 ? 
ATOM   957  O OD2 . ASP A 1 116 ? -20.320 8.220   1.295   1.000 35.933 0 1094 ASP A OD2 1 ? 
ATOM   958  N N   . GLU A 1 117 ? -18.223 5.219   -1.506  1.000 27.624 0 1095 GLU A N   1 ? 
ATOM   959  C CA  . GLU A 1 117 ? -18.014 5.031   -2.940  1.000 28.580 0 1095 GLU A CA  1 ? 
ATOM   960  C C   . GLU A 1 117 ? -18.097 6.336   -3.723  1.000 26.235 0 1095 GLU A C   1 ? 
ATOM   961  O O   . GLU A 1 117 ? -17.412 6.496   -4.742  1.000 26.782 0 1095 GLU A O   1 ? 
ATOM   962  C CB  . GLU A 1 117 ? -19.055 4.056   -3.496  1.000 31.222 0 1095 GLU A CB  1 ? 
ATOM   963  N N   . ASP A 1 118 ? -18.946 7.268   -3.291  1.000 24.603 0 1096 ASP A N   1 ? 
ATOM   964  C CA  . ASP A 1 118 ? -19.033 8.546   -3.992  1.000 25.227 0 1096 ASP A CA  1 ? 
ATOM   965  C C   . ASP A 1 118 ? -17.793 9.391   -3.756  1.000 23.505 0 1096 ASP A C   1 ? 
ATOM   966  O O   . ASP A 1 118 ? -17.426 10.195  -4.616  1.000 23.105 0 1096 ASP A O   1 ? 
ATOM   967  C CB  . ASP A 1 118 ? -20.260 9.321   -3.533  1.000 27.466 0 1096 ASP A CB  1 ? 
ATOM   968  C CG  . ASP A 1 118 ? -21.550 8.608   -3.858  1.000 32.206 0 1096 ASP A CG  1 ? 
ATOM   969  O OD1 . ASP A 1 118 ? -21.643 8.000   -4.947  1.000 34.738 0 1096 ASP A OD1 1 ? 
ATOM   970  O OD2 . ASP A 1 118 ? -22.464 8.646   -3.014  1.000 34.178 0 1096 ASP A OD2 1 ? 
ATOM   971  N N   . PHE A 1 119 ? -17.170 9.255   -2.590  1.000 22.442 0 1097 PHE A N   1 ? 
ATOM   972  C CA  . PHE A 1 119 ? -15.897 9.920   -2.360  1.000 22.508 0 1097 PHE A CA  1 ? 
ATOM   973  C C   . PHE A 1 119 ? -14.820 9.408   -3.314  1.000 23.432 0 1097 PHE A C   1 ? 
ATOM   974  O O   . PHE A 1 119 ? -14.081 10.204  -3.910  1.000 22.655 0 1097 PHE A O   1 ? 
ATOM   975  C CB  . PHE A 1 119 ? -15.460 9.744   -0.902  1.000 23.219 0 1097 PHE A CB  1 ? 
ATOM   976  C CG  . PHE A 1 119 ? -14.159 10.427  -0.593  1.000 23.940 0 1097 PHE A CG  1 ? 
ATOM   977  C CD1 . PHE A 1 119 ? -14.129 11.775  -0.305  1.000 25.137 0 1097 PHE A CD1 1 ? 
ATOM   978  C CD2 . PHE A 1 119 ? -12.955 9.733   -0.642  1.000 24.474 0 1097 PHE A CD2 1 ? 
ATOM   979  C CE1 . PHE A 1 119 ? -12.925 12.413  -0.055  1.000 25.916 0 1097 PHE A CE1 1 ? 
ATOM   980  C CE2 . PHE A 1 119 ? -11.759 10.367  -0.396  1.000 26.543 0 1097 PHE A CE2 1 ? 
ATOM   981  C CZ  . PHE A 1 119 ? -11.749 11.711  -0.101  1.000 25.893 0 1097 PHE A CZ  1 ? 
ATOM   982  N N   A GLU A 1 120 ? -14.672 8.088   -3.471  0.560 24.090 0 1098 GLU A N   1 ? 
ATOM   983  N N   B GLU A 1 120 ? -14.728 8.075   -3.445  0.440 22.863 0 1098 GLU A N   1 ? 
ATOM   984  C CA  A GLU A 1 120 ? -13.642 7.641   -4.415  0.560 25.124 0 1098 GLU A CA  1 ? 
ATOM   985  C CA  B GLU A 1 120 ? -13.804 7.445   -4.377  0.440 22.479 0 1098 GLU A CA  1 ? 
ATOM   986  C C   A GLU A 1 120 ? -13.994 8.063   -5.840  0.560 23.355 0 1098 GLU A C   1 ? 
ATOM   987  C C   B GLU A 1 120 ? -14.018 7.969   -5.788  0.440 21.524 0 1098 GLU A C   1 ? 
ATOM   988  O O   A GLU A 1 120 ? -13.104 8.432   -6.610  0.560 24.724 0 1098 GLU A O   1 ? 
ATOM   989  O O   B GLU A 1 120 ? -13.062 8.284   -6.497  0.440 21.626 0 1098 GLU A O   1 ? 
ATOM   990  C CB  A GLU A 1 120 ? -13.327 6.142   -4.319  0.560 27.745 0 1098 GLU A CB  1 ? 
ATOM   991  C CB  B GLU A 1 120 ? -13.980 5.918   -4.363  0.440 24.482 0 1098 GLU A CB  1 ? 
ATOM   992  C CG  A GLU A 1 120 ? -12.571 5.484   -5.555  0.560 28.069 0 1098 GLU A CG  1 ? 
ATOM   993  C CG  B GLU A 1 120 ? -12.961 5.204   -5.274  0.440 27.211 0 1098 GLU A CG  1 ? 
ATOM   994  C CD  A GLU A 1 120 ? -11.045 5.796   -5.712  0.560 28.332 0 1098 GLU A CD  1 ? 
ATOM   995  C CD  B GLU A 1 120 ? -12.978 3.679   -5.199  0.440 30.638 0 1098 GLU A CD  1 ? 
ATOM   996  O OE1 A GLU A 1 120 ? -10.313 4.962   -6.336  0.560 27.290 0 1098 GLU A OE1 1 ? 
ATOM   997  O OE1 B GLU A 1 120 ? -13.993 3.095   -4.760  0.440 32.904 0 1098 GLU A OE1 1 ? 
ATOM   998  O OE2 A GLU A 1 120 ? -10.583 6.894   -5.290  0.560 27.266 0 1098 GLU A OE2 1 ? 
ATOM   999  O OE2 B GLU A 1 120 ? -11.963 3.062   -5.603  0.440 30.864 0 1098 GLU A OE2 1 ? 
ATOM   1000 N N   . GLN A 1 121 ? -15.285 8.047   -6.203  1.000 21.692 0 1099 GLN A N   1 ? 
ATOM   1001 C CA  . GLN A 1 121 ? -15.647 8.491   -7.544  1.000 22.837 0 1099 GLN A CA  1 ? 
ATOM   1002 C C   . GLN A 1 121 ? -15.293 9.953   -7.752  1.000 22.118 0 1099 GLN A C   1 ? 
ATOM   1003 O O   . GLN A 1 121 ? -14.799 10.329  -8.816  1.000 23.476 0 1099 GLN A O   1 ? 
ATOM   1004 C CB  . GLN A 1 121 ? -17.132 8.266   -7.792  1.000 23.274 0 1099 GLN A CB  1 ? 
ATOM   1005 C CG  . GLN A 1 121 ? -17.571 8.583   -9.215  1.000 25.824 0 1099 GLN A CG  1 ? 
ATOM   1006 C CD  . GLN A 1 121 ? -16.971 7.625   -10.224 1.000 29.743 0 1099 GLN A CD  1 ? 
ATOM   1007 O OE1 . GLN A 1 121 ? -16.737 6.465   -9.928  1.000 30.459 0 1099 GLN A OE1 1 ? 
ATOM   1008 N NE2 . GLN A 1 121 ? -16.737 8.116   -11.440 1.000 33.304 0 1099 GLN A NE2 1 ? 
ATOM   1009 N N   . LEU A 1 122 ? -15.502 10.779  -6.728  1.000 22.874 0 1100 LEU A N   1 ? 
ATOM   1010 C CA  . LEU A 1 122 ? -15.128 12.185  -6.829  1.000 24.632 0 1100 LEU A CA  1 ? 
ATOM   1011 C C   . LEU A 1 122 ? -13.621 12.354  -6.992  1.000 23.911 0 1100 LEU A C   1 ? 
ATOM   1012 O O   . LEU A 1 122 ? -13.169 13.149  -7.827  1.000 25.158 0 1100 LEU A O   1 ? 
ATOM   1013 C CB  . LEU A 1 122 ? -15.630 12.958  -5.611  1.000 25.419 0 1100 LEU A CB  1 ? 
ATOM   1014 C CG  . LEU A 1 122 ? -15.258 14.444  -5.611  1.000 27.203 0 1100 LEU A CG  1 ? 
ATOM   1015 C CD1 . LEU A 1 122 ? -15.791 15.200  -6.811  1.000 28.327 0 1100 LEU A CD1 1 ? 
ATOM   1016 C CD2 . LEU A 1 122 ? -15.757 15.126  -4.326  1.000 29.730 0 1100 LEU A CD2 1 ? 
ATOM   1017 N N   . CYS A 1 123 ? -12.823 11.596  -6.228  1.000 23.995 0 1101 CYS A N   1 ? 
ATOM   1018 C CA  . CYS A 1 123 ? -11.380 11.664  -6.397  1.000 23.553 0 1101 CYS A CA  1 ? 
ATOM   1019 C C   . CYS A 1 123 ? -10.996 11.297  -7.821  1.000 23.811 0 1101 CYS A C   1 ? 
ATOM   1020 O O   . CYS A 1 123 ? -10.159 11.961  -8.441  1.000 26.490 0 1101 CYS A O   1 ? 
ATOM   1021 C CB  . CYS A 1 123 ? -10.689 10.720  -5.424  1.000 23.166 0 1101 CYS A CB  1 ? 
ATOM   1022 S SG  . CYS A 1 123 ? -10.716 11.251  -3.733  1.000 25.114 0 1101 CYS A SG  1 ? 
ATOM   1023 N N   . GLU A 1 124 ? -11.610 10.238  -8.358  1.000 25.495 0 1102 GLU A N   1 ? 
ATOM   1024 C CA  . GLU A 1 124 ? -11.300 9.808   -9.716  1.000 28.319 0 1102 GLU A CA  1 ? 
ATOM   1025 C C   . GLU A 1 124 ? -11.684 10.868  -10.735 1.000 28.693 0 1102 GLU A C   1 ? 
ATOM   1026 O O   . GLU A 1 124 ? -10.929 11.123  -11.676 1.000 30.564 0 1102 GLU A O   1 ? 
ATOM   1027 C CB  . GLU A 1 124 ? -12.008 8.487   -10.012 1.000 32.141 0 1102 GLU A CB  1 ? 
ATOM   1028 C CG  . GLU A 1 124 ? -11.306 7.319   -9.355  1.000 37.589 0 1102 GLU A CG  1 ? 
ATOM   1029 C CD  . GLU A 1 124 ? -12.004 5.996   -9.540  1.000 42.937 0 1102 GLU A CD  1 ? 
ATOM   1030 O OE1 . GLU A 1 124 ? -12.998 5.949   -10.289 1.000 44.747 0 1102 GLU A OE1 1 ? 
ATOM   1031 O OE2 . GLU A 1 124 ? -11.546 5.002   -8.926  1.000 45.350 0 1102 GLU A OE2 1 ? 
ATOM   1032 N N   . GLU A 1 125 ? -12.847 11.504  -10.562 1.000 29.527 0 1103 GLU A N   1 ? 
ATOM   1033 C CA  . GLU A 1 125 ? -13.273 12.506  -11.541 1.000 30.054 0 1103 GLU A CA  1 ? 
ATOM   1034 C C   . GLU A 1 125 ? -12.416 13.762  -11.467 1.000 31.341 0 1103 GLU A C   1 ? 
ATOM   1035 O O   . GLU A 1 125 ? -12.133 14.365  -12.506 1.000 34.001 0 1103 GLU A O   1 ? 
ATOM   1036 C CB  . GLU A 1 125 ? -14.774 12.784  -11.445 1.000 30.343 0 1103 GLU A CB  1 ? 
ATOM   1037 C CG  . GLU A 1 125 ? -15.576 11.612  -12.036 1.000 30.598 0 1103 GLU A CG  1 ? 
ATOM   1038 C CD  . GLU A 1 125 ? -17.080 11.768  -11.988 1.000 29.493 0 1103 GLU A CD  1 ? 
ATOM   1039 O OE1 . GLU A 1 125 ? -17.588 12.901  -11.857 1.000 30.514 0 1103 GLU A OE1 1 ? 
ATOM   1040 O OE2 . GLU A 1 125 ? -17.783 10.736  -12.095 1.000 32.572 0 1103 GLU A OE2 1 ? 
ATOM   1041 N N   . ILE A 1 126 ? -11.946 14.145  -10.277 1.000 31.399 0 1104 ILE A N   1 ? 
ATOM   1042 C CA  . ILE A 1 126 ? -10.989 15.245  -10.200 1.000 32.364 0 1104 ILE A CA  1 ? 
ATOM   1043 C C   . ILE A 1 126 ? -9.680  14.851  -10.875 1.000 34.420 0 1104 ILE A C   1 ? 
ATOM   1044 O O   . ILE A 1 126 ? -9.123  15.607  -11.679 1.000 36.139 0 1104 ILE A O   1 ? 
ATOM   1045 C CB  . ILE A 1 126 ? -10.747 15.679  -8.748  1.000 31.704 0 1104 ILE A CB  1 ? 
ATOM   1046 C CG1 . ILE A 1 126 ? -12.028 16.150  -8.084  1.000 31.691 0 1104 ILE A CG1 1 ? 
ATOM   1047 C CG2 . ILE A 1 126 ? -9.718  16.808  -8.707  1.000 32.828 0 1104 ILE A CG2 1 ? 
ATOM   1048 C CD1 . ILE A 1 126 ? -11.912 16.255  -6.593  1.000 32.464 0 1104 ILE A CD1 1 ? 
ATOM   1049 N N   A GLN A 1 127 ? -9.168  13.661  -10.558 0.460 35.854 0 1105 GLN A N   1 ? 
ATOM   1050 N N   B GLN A 1 127 ? -9.160  13.666  -10.546 0.540 34.773 0 1105 GLN A N   1 ? 
ATOM   1051 C CA  A GLN A 1 127 ? -7.904  13.232  -11.151 0.460 37.373 0 1105 GLN A CA  1 ? 
ATOM   1052 C CA  B GLN A 1 127 ? -7.909  13.226  -11.153 0.540 35.404 0 1105 GLN A CA  1 ? 
ATOM   1053 C C   A GLN A 1 127 ? -7.995  13.215  -12.672 0.460 38.236 0 1105 GLN A C   1 ? 
ATOM   1054 C C   B GLN A 1 127 ? -8.011  13.249  -12.671 0.540 37.099 0 1105 GLN A C   1 ? 
ATOM   1055 O O   A GLN A 1 127 ? -7.058  13.634  -13.363 0.460 39.323 0 1105 GLN A O   1 ? 
ATOM   1056 O O   B GLN A 1 127 ? -7.107  13.744  -13.357 0.540 38.389 0 1105 GLN A O   1 ? 
ATOM   1057 C CB  A GLN A 1 127 ? -7.521  11.853  -10.614 0.460 38.305 0 1105 GLN A CB  1 ? 
ATOM   1058 C CB  B GLN A 1 127 ? -7.562  11.819  -10.659 0.540 34.833 0 1105 GLN A CB  1 ? 
ATOM   1059 C CG  A GLN A 1 127 ? -6.371  11.188  -11.361 0.460 39.771 0 1105 GLN A CG  1 ? 
ATOM   1060 C CG  B GLN A 1 127 ? -6.208  11.291  -11.148 0.540 35.610 0 1105 GLN A CG  1 ? 
ATOM   1061 C CD  A GLN A 1 127 ? -6.854  10.306  -12.498 0.460 40.889 0 1105 GLN A CD  1 ? 
ATOM   1062 C CD  B GLN A 1 127 ? -6.043  9.794   -10.927 0.540 36.675 0 1105 GLN A CD  1 ? 
ATOM   1063 O OE1 A GLN A 1 127 ? -7.828  9.564   -12.353 0.460 41.581 0 1105 GLN A OE1 1 ? 
ATOM   1064 O OE1 B GLN A 1 127 ? -6.966  9.011   -11.147 0.540 38.073 0 1105 GLN A OE1 1 ? 
ATOM   1065 N NE2 A GLN A 1 127 ? -6.181  10.391  -13.638 0.460 41.544 0 1105 GLN A NE2 1 ? 
ATOM   1066 N NE2 B GLN A 1 127 ? -4.857  9.393   -10.498 0.540 37.376 0 1105 GLN A NE2 1 ? 
ATOM   1067 N N   . GLU A 1 128 ? -9.122  12.745  -13.212 1.000 38.876 0 1106 GLU A N   1 ? 
ATOM   1068 C CA  . GLU A 1 128 ? -9.297  12.675  -14.654 1.000 42.105 0 1106 GLU A CA  1 ? 
ATOM   1069 C C   . GLU A 1 128 ? -9.490  14.046  -15.287 1.000 44.511 0 1106 GLU A C   1 ? 
ATOM   1070 O O   . GLU A 1 128 ? -9.370  14.167  -16.510 1.000 46.100 0 1106 GLU A O   1 ? 
ATOM   1071 C CB  . GLU A 1 128 ? -10.497 11.781  -14.971 1.000 42.787 0 1106 GLU A CB  1 ? 
ATOM   1072 C CG  . GLU A 1 128 ? -10.289 10.320  -14.601 1.000 43.247 0 1106 GLU A CG  1 ? 
ATOM   1073 N N   . SER A 1 129 ? -9.778  15.073  -14.489 1.000 46.061 0 1107 SER A N   1 ? 
ATOM   1074 C CA  . SER A 1 129 ? -9.937  16.431  -14.989 1.000 49.364 0 1107 SER A CA  1 ? 
ATOM   1075 C C   . SER A 1 129 ? -8.619  17.193  -15.065 1.000 52.435 0 1107 SER A C   1 ? 
ATOM   1076 O O   . SER A 1 129 ? -8.573  18.255  -15.693 1.000 53.241 0 1107 SER A O   1 ? 
ATOM   1077 C CB  . SER A 1 129 ? -10.895 17.207  -14.079 1.000 49.553 0 1107 SER A CB  1 ? 
ATOM   1078 O OG  . SER A 1 129 ? -10.206 17.720  -12.948 1.000 49.856 0 1107 SER A OG  1 ? 
ATOM   1079 N N   . ARG A 1 130 ? -7.558  16.679  -14.447 1.000 54.596 0 1108 ARG A N   1 ? 
ATOM   1080 C CA  . ARG A 1 130 ? -6.266  17.364  -14.426 1.000 56.696 0 1108 ARG A CA  1 ? 
ATOM   1081 C C   . ARG A 1 130 ? -5.265  16.652  -15.327 1.000 57.481 0 1108 ARG A C   1 ? 
ATOM   1082 O O   . ARG A 1 130 ? -5.145  15.426  -15.284 1.000 57.644 0 1108 ARG A O   1 ? 
ATOM   1083 C CB  . ARG A 1 130 ? -5.726  17.417  -12.995 1.000 57.889 0 1108 ARG A CB  1 ? 
ATOM   1084 C CG  . ARG A 1 130 ? -6.540  18.311  -12.076 1.000 58.760 0 1108 ARG A CG  1 ? 
ATOM   1085 C CD  . ARG A 1 130 ? -6.165  18.142  -10.611 1.000 59.178 0 1108 ARG A CD  1 ? 
ATOM   1086 N NE  . ARG A 1 130 ? -6.933  19.060  -9.773  1.000 59.670 0 1108 ARG A NE  1 ? 
ATOM   1087 C CZ  . ARG A 1 130 ? -6.613  19.400  -8.530  1.000 60.741 0 1108 ARG A CZ  1 ? 
ATOM   1088 N NH1 . ARG A 1 130 ? -5.523  18.903  -7.955  1.000 61.581 0 1108 ARG A NH1 1 ? 
ATOM   1089 N NH2 . ARG A 1 130 ? -7.386  20.246  -7.861  1.000 60.536 0 1108 ARG A NH2 1 ? 
HETATM 1090 C C1  . EDO B 2 .   ? -3.872  -11.686 -1.360  1.000 27.893 0 1201 EDO A C1  1 ? 
HETATM 1091 O O1  . EDO B 2 .   ? -4.876  -10.662 -1.287  1.000 27.519 0 1201 EDO A O1  1 ? 
HETATM 1092 C C2  . EDO B 2 .   ? -4.092  -12.575 -2.574  1.000 30.217 0 1201 EDO A C2  1 ? 
HETATM 1093 O O2  . EDO B 2 .   ? -5.290  -13.331 -2.349  1.000 33.446 0 1201 EDO A O2  1 ? 
HETATM 1094 C C1  . EDO C 2 .   ? 6.751   -8.510  -8.643  1.000 41.363 0 1202 EDO A C1  1 ? 
HETATM 1095 O O1  . EDO C 2 .   ? 5.605   -7.894  -8.036  1.000 36.870 0 1202 EDO A O1  1 ? 
HETATM 1096 C C2  . EDO C 2 .   ? 6.306   -9.522  -9.691  1.000 44.326 0 1202 EDO A C2  1 ? 
HETATM 1097 O O2  . EDO C 2 .   ? 5.025   -9.140  -10.196 1.000 47.161 0 1202 EDO A O2  1 ? 
HETATM 1098 O O   . HOH D 3 .   ? -2.760  8.888   -7.914  1.000 38.260 0 1301 HOH A O   1 ? 
HETATM 1099 O O   . HOH D 3 .   ? 20.993  -2.314  7.728   1.000 40.560 0 1302 HOH A O   1 ? 
HETATM 1100 O O   . HOH D 3 .   ? 6.071   -21.314 8.073   1.000 33.890 0 1303 HOH A O   1 ? 
HETATM 1101 O O   . HOH D 3 .   ? -20.272 8.591   3.622   1.000 55.190 0 1304 HOH A O   1 ? 
HETATM 1102 O O   . HOH D 3 .   ? -12.063 19.041  -11.858 1.000 53.650 0 1305 HOH A O   1 ? 
HETATM 1103 O O   . HOH D 3 .   ? -14.998 22.335  -7.191  1.000 52.680 0 1306 HOH A O   1 ? 
HETATM 1104 O O   . HOH D 3 .   ? 9.260   -8.573  -0.873  1.000 26.650 0 1307 HOH A O   1 ? 
HETATM 1105 O O   . HOH D 3 .   ? -13.313 14.574  -14.662 1.000 34.590 0 1308 HOH A O   1 ? 
HETATM 1106 O O   A HOH D 3 .   ? 2.158   16.972  2.381   0.460 22.660 0 1309 HOH A O   1 ? 
HETATM 1107 O O   B HOH D 3 .   ? 1.202   15.809  3.371   0.540 35.140 0 1309 HOH A O   1 ? 
HETATM 1108 O O   . HOH D 3 .   ? 11.253  -14.091 -10.143 1.000 52.910 0 1310 HOH A O   1 ? 
HETATM 1109 O O   . HOH D 3 .   ? 6.462   11.774  4.996   1.000 42.490 0 1311 HOH A O   1 ? 
HETATM 1110 O O   . HOH D 3 .   ? 15.105  -3.253  -8.434  1.000 44.830 0 1312 HOH A O   1 ? 
HETATM 1111 O O   . HOH D 3 .   ? 10.565  -0.459  -0.647  1.000 30.510 0 1313 HOH A O   1 ? 
HETATM 1112 O O   . HOH D 3 .   ? 15.646  -1.361  5.618   1.000 50.900 0 1314 HOH A O   1 ? 
HETATM 1113 O O   . HOH D 3 .   ? 7.232   -10.217 12.564  1.000 43.790 0 1315 HOH A O   1 ? 
HETATM 1114 O O   . HOH D 3 .   ? -3.513  -2.394  13.613  1.000 38.690 0 1316 HOH A O   1 ? 
HETATM 1115 O O   . HOH D 3 .   ? -7.147  -12.109 -3.681  1.000 45.240 0 1317 HOH A O   1 ? 
HETATM 1116 O O   . HOH D 3 .   ? -5.410  -13.295 4.387   1.000 35.870 0 1318 HOH A O   1 ? 
HETATM 1117 O O   . HOH D 3 .   ? 9.131   -4.857  -2.007  1.000 26.230 0 1319 HOH A O   1 ? 
HETATM 1118 O O   . HOH D 3 .   ? -20.601 7.196   -7.193  1.000 48.090 0 1320 HOH A O   1 ? 
HETATM 1119 O O   . HOH D 3 .   ? 12.360  -21.766 8.051   1.000 43.300 0 1321 HOH A O   1 ? 
HETATM 1120 O O   . HOH D 3 .   ? -6.350  -8.668  9.450   1.000 38.040 0 1322 HOH A O   1 ? 
HETATM 1121 O O   . HOH D 3 .   ? 4.338   2.652   -7.387  1.000 36.520 0 1323 HOH A O   1 ? 
HETATM 1122 O O   . HOH D 3 .   ? -16.749 0.883   0.385   1.000 33.780 0 1324 HOH A O   1 ? 
HETATM 1123 O O   . HOH D 3 .   ? 9.526   1.079   -6.480  1.000 43.860 0 1325 HOH A O   1 ? 
HETATM 1124 O O   . HOH D 3 .   ? -17.822 9.638   -14.532 1.000 40.710 0 1326 HOH A O   1 ? 
HETATM 1125 O O   . HOH D 3 .   ? -5.626  -14.161 0.228   1.000 44.150 0 1327 HOH A O   1 ? 
HETATM 1126 O O   . HOH D 3 .   ? 28.430  -5.623  2.947   1.000 47.220 0 1328 HOH A O   1 ? 
HETATM 1127 O O   . HOH D 3 .   ? 4.380   -3.890  12.290  1.000 34.940 0 1329 HOH A O   1 ? 
HETATM 1128 O O   . HOH D 3 .   ? 6.211   -9.417  9.890   1.000 31.990 0 1330 HOH A O   1 ? 
HETATM 1129 O O   . HOH D 3 .   ? 9.941   -4.719  2.877   1.000 31.420 0 1331 HOH A O   1 ? 
HETATM 1130 O O   . HOH D 3 .   ? 7.669   -4.766  1.522   1.000 24.260 0 1332 HOH A O   1 ? 
HETATM 1131 O O   . HOH D 3 .   ? -5.356  -6.110  -7.637  1.000 29.060 0 1333 HOH A O   1 ? 
HETATM 1132 O O   . HOH D 3 .   ? 5.241   15.296  -5.295  1.000 38.460 0 1334 HOH A O   1 ? 
HETATM 1133 O O   . HOH D 3 .   ? -2.074  -3.854  -9.195  1.000 29.670 0 1335 HOH A O   1 ? 
HETATM 1134 O O   . HOH D 3 .   ? 6.250   -20.239 -5.508  1.000 59.230 0 1336 HOH A O   1 ? 
HETATM 1135 O O   . HOH D 3 .   ? 9.793   -15.715 7.576   1.000 49.410 0 1337 HOH A O   1 ? 
HETATM 1136 O O   . HOH D 3 .   ? 9.582   -1.097  11.578  1.000 48.490 0 1338 HOH A O   1 ? 
HETATM 1137 O O   . HOH D 3 .   ? -14.694 -5.250  4.610   1.000 36.300 0 1339 HOH A O   1 ? 
HETATM 1138 O O   . HOH D 3 .   ? 9.248   -16.585 -7.914  1.000 43.570 0 1340 HOH A O   1 ? 
HETATM 1139 O O   . HOH D 3 .   ? -2.746  -13.464 9.542   1.000 33.470 0 1341 HOH A O   1 ? 
HETATM 1140 O O   . HOH D 3 .   ? 0.436   3.304   -7.505  1.000 33.480 0 1342 HOH A O   1 ? 
HETATM 1141 O O   . HOH D 3 .   ? -4.835  10.362  9.286   1.000 33.930 0 1343 HOH A O   1 ? 
HETATM 1142 O O   . HOH D 3 .   ? -10.160 -8.442  1.676   1.000 28.190 0 1344 HOH A O   1 ? 
HETATM 1143 O O   . HOH D 3 .   ? 13.782  -4.590  5.653   1.000 46.750 0 1345 HOH A O   1 ? 
HETATM 1144 O O   . HOH D 3 .   ? 15.798  -6.193  4.806   1.000 54.320 0 1346 HOH A O   1 ? 
HETATM 1145 O O   . HOH D 3 .   ? 1.262   -6.066  -8.194  1.000 29.040 0 1347 HOH A O   1 ? 
HETATM 1146 O O   . HOH D 3 .   ? 2.865   11.021  7.968   1.000 46.020 0 1348 HOH A O   1 ? 
HETATM 1147 O O   . HOH D 3 .   ? -10.468 11.648  5.758   1.000 33.930 0 1349 HOH A O   1 ? 
HETATM 1148 O O   . HOH D 3 .   ? 7.793   7.223   5.757   1.000 32.660 0 1350 HOH A O   1 ? 
HETATM 1149 O O   . HOH D 3 .   ? 7.246   -6.720  -0.385  1.000 24.850 0 1351 HOH A O   1 ? 
HETATM 1150 O O   . HOH D 3 .   ? 0.614   -3.308  -8.431  1.000 27.620 0 1352 HOH A O   1 ? 
HETATM 1151 O O   . HOH D 3 .   ? 13.167  -16.262 0.415   1.000 47.690 0 1353 HOH A O   1 ? 
HETATM 1152 O O   . HOH D 3 .   ? -2.962  -14.902 4.703   1.000 28.650 0 1354 HOH A O   1 ? 
HETATM 1153 O O   . HOH D 3 .   ? -17.123 15.633  -12.402 1.000 33.340 0 1355 HOH A O   1 ? 
HETATM 1154 O O   . HOH D 3 .   ? -20.283 3.755   -0.214  1.000 41.620 0 1356 HOH A O   1 ? 
HETATM 1155 O O   . HOH D 3 .   ? -16.402 4.327   -6.275  1.000 44.320 0 1357 HOH A O   1 ? 
HETATM 1156 O O   . HOH D 3 .   ? 9.656   -7.202  -10.217 1.000 36.010 0 1358 HOH A O   1 ? 
HETATM 1157 O O   . HOH D 3 .   ? -5.028  4.665   12.178  1.000 40.990 0 1359 HOH A O   1 ? 
HETATM 1158 O O   . HOH D 3 .   ? -7.122  5.573   -10.265 1.000 42.240 0 1360 HOH A O   1 ? 
HETATM 1159 O O   . HOH D 3 .   ? -8.895  -9.503  -0.588  1.000 39.110 0 1361 HOH A O   1 ? 
HETATM 1160 O O   . HOH D 3 .   ? -12.528 -1.489  9.363   1.000 47.450 0 1362 HOH A O   1 ? 
HETATM 1161 O O   . HOH D 3 .   ? 10.520  -10.300 0.878   1.000 34.800 0 1363 HOH A O   1 ? 
HETATM 1162 O O   . HOH D 3 .   ? -11.812 -3.054  -1.162  1.000 34.420 0 1364 HOH A O   1 ? 
HETATM 1163 O O   . HOH D 3 .   ? 8.527   -5.394  -8.685  1.000 28.460 0 1365 HOH A O   1 ? 
HETATM 1164 O O   . HOH D 3 .   ? 18.956  -5.552  -3.019  1.000 37.470 0 1366 HOH A O   1 ? 
HETATM 1165 O O   . HOH D 3 .   ? -3.946  -4.343  10.676  1.000 36.240 0 1367 HOH A O   1 ? 
HETATM 1166 O O   . HOH D 3 .   ? 1.671   0.398   -8.164  1.000 43.090 0 1368 HOH A O   1 ? 
HETATM 1167 O O   . HOH D 3 .   ? -4.848  18.885  -1.039  1.000 32.350 0 1369 HOH A O   1 ? 
HETATM 1168 O O   . HOH D 3 .   ? 1.276   10.430  -8.940  1.000 76.070 0 1370 HOH A O   1 ? 
HETATM 1169 O O   . HOH D 3 .   ? 1.922   5.221   10.591  1.000 52.020 0 1371 HOH A O   1 ? 
HETATM 1170 O O   . HOH D 3 .   ? -14.814 7.858   2.468   1.000 33.720 0 1372 HOH A O   1 ? 
HETATM 1171 O O   . HOH D 3 .   ? -2.004  -8.798  14.736  1.000 54.380 0 1373 HOH A O   1 ? 
HETATM 1172 O O   . HOH D 3 .   ? -7.232  -2.125  -6.703  1.000 38.200 0 1374 HOH A O   1 ? 
HETATM 1173 O O   . HOH D 3 .   ? -1.046  11.451  -1.654  1.000 21.830 0 1375 HOH A O   1 ? 
HETATM 1174 O O   . HOH D 3 .   ? -5.882  20.437  -5.332  1.000 50.900 0 1376 HOH A O   1 ? 
HETATM 1175 O O   . HOH D 3 .   ? 1.597   -19.422 3.035   1.000 43.370 0 1377 HOH A O   1 ? 
HETATM 1176 O O   . HOH D 3 .   ? -3.023  15.928  4.465   1.000 44.710 0 1378 HOH A O   1 ? 
HETATM 1177 O O   . HOH D 3 .   ? 4.087   -6.307  -10.258 1.000 54.370 0 1379 HOH A O   1 ? 
HETATM 1178 O O   . HOH D 3 .   ? -2.759  13.944  -2.562  1.000 28.010 0 1380 HOH A O   1 ? 
HETATM 1179 O O   . HOH D 3 .   ? 6.269   1.840   8.210   1.000 45.370 0 1381 HOH A O   1 ? 
HETATM 1180 O O   . HOH D 3 .   ? -1.276  3.690   -10.053 1.000 51.980 0 1382 HOH A O   1 ? 
HETATM 1181 O O   . HOH D 3 .   ? 13.162  0.787   -1.644  1.000 46.390 0 1383 HOH A O   1 ? 
HETATM 1182 O O   . HOH D 3 .   ? 13.883  -15.377 -5.244  1.000 49.300 0 1384 HOH A O   1 ? 
HETATM 1183 O O   . HOH D 3 .   ? -13.052 9.797   3.682   1.000 54.020 0 1385 HOH A O   1 ? 
HETATM 1184 O O   . HOH D 3 .   ? 1.717   -22.631 3.600   1.000 46.830 0 1386 HOH A O   1 ? 
HETATM 1185 O O   . HOH D 3 .   ? 11.143  -3.259  -0.232  1.000 28.170 0 1387 HOH A O   1 ? 
HETATM 1186 O O   . HOH D 3 .   ? 6.934   4.733   -6.259  1.000 49.380 0 1388 HOH A O   1 ? 
HETATM 1187 O O   . HOH D 3 .   ? 16.956  -13.856 1.214   1.000 51.510 0 1389 HOH A O   1 ? 
HETATM 1188 O O   . HOH D 3 .   ? -2.716  16.538  -3.975  1.000 44.420 0 1390 HOH A O   1 ? 
HETATM 1189 O O   . HOH D 3 .   ? 3.889   16.166  -6.019  1.000 47.010 0 1391 HOH A O   1 ? 
HETATM 1190 O O   . HOH D 3 .   ? 20.565  -12.323 -0.687  1.000 54.950 0 1392 HOH A O   1 ? 
HETATM 1191 O O   . HOH D 3 .   ? -3.449  12.876  8.972   1.000 37.850 0 1393 HOH A O   1 ? 
HETATM 1192 O O   . HOH D 3 .   ? 7.883   11.769  3.438   1.000 41.020 0 1394 HOH A O   1 ? 
HETATM 1193 O O   . HOH D 3 .   ? -1.224  -6.554  16.096  1.000 49.760 0 1395 HOH A O   1 ? 
HETATM 1194 O O   . HOH D 3 .   ? 8.796   8.610   -2.244  1.000 46.770 0 1396 HOH A O   1 ? 
HETATM 1195 O O   . HOH D 3 .   ? 25.827  -5.360  -0.564  1.000 71.250 0 1397 HOH A O   1 ? 
HETATM 1196 O O   . HOH D 3 .   ? 8.790   6.597   -1.635  1.000 55.660 0 1398 HOH A O   1 ? 
HETATM 1197 O O   . HOH D 3 .   ? -8.728  -8.355  -2.013  1.000 45.450 0 1399 HOH A O   1 ? 
HETATM 1198 O O   . HOH D 3 .   ? -3.162  8.518   10.796  1.000 41.900 0 1400 HOH A O   1 ? 
HETATM 1199 O O   . HOH D 3 .   ? -2.422  7.678   14.967  1.000 57.420 0 1401 HOH A O   1 ? 
HETATM 1200 O O   . HOH D 3 .   ? -12.349 -7.044  1.002   1.000 32.370 0 1402 HOH A O   1 ? 
HETATM 1201 O O   . HOH D 3 .   ? -8.779  -9.548  6.151   1.000 46.020 0 1403 HOH A O   1 ? 
HETATM 1202 O O   . HOH D 3 .   ? 10.142  -7.666  2.498   1.000 47.740 0 1404 HOH A O   1 ? 
HETATM 1203 O O   . HOH D 3 .   ? 15.375  -0.939  -7.104  1.000 55.730 0 1405 HOH A O   1 ? 
HETATM 1204 O O   . HOH D 3 .   ? -3.830  7.282   12.584  1.000 45.530 0 1406 HOH A O   1 ? 
HETATM 1205 O O   . HOH D 3 .   ? -4.529  -14.425 7.577   1.000 38.140 0 1407 HOH A O   1 ? 
HETATM 1206 O O   . HOH D 3 .   ? 19.645  -1.582  9.647   1.000 51.390 0 1408 HOH A O   1 ? 
HETATM 1207 O O   . HOH D 3 .   ? -10.260 9.375   7.597   1.000 49.190 0 1409 HOH A O   1 ? 
HETATM 1208 O O   . HOH D 3 .   ? -9.096  -6.023  -6.882  1.000 66.820 0 1410 HOH A O   1 ? 
HETATM 1209 O O   . HOH D 3 .   ? 1.569   7.128   9.996   1.000 68.920 0 1411 HOH A O   1 ? 
HETATM 1210 O O   . HOH D 3 .   ? 8.786   4.322   -3.502  1.000 51.290 0 1412 HOH A O   1 ? 
HETATM 1211 O O   . HOH D 3 .   ? -17.448 -4.561  4.564   1.000 47.620 0 1413 HOH A O   1 ? 
HETATM 1212 O O   . HOH D 3 .   ? 6.839   -4.458  -10.685 1.000 36.670 0 1414 HOH A O   1 ? 
HETATM 1213 O O   . HOH D 3 .   ? 7.020   5.800   7.736   1.000 50.190 0 1415 HOH A O   1 ? 
HETATM 1214 O O   . HOH D 3 .   ? -3.394  -10.678 15.005  1.000 60.400 0 1416 HOH A O   1 ? 
HETATM 1215 O O   . HOH D 3 .   ? -7.751  -5.760  -8.357  1.000 55.600 0 1417 HOH A O   1 ? 
HETATM 1216 O O   . HOH D 3 .   ? -12.583 -5.926  -1.485  1.000 44.460 0 1418 HOH A O   1 ? 
HETATM 1217 O O   . HOH D 3 .   ? 6.810   8.108   -6.166  1.000 42.530 0 1419 HOH A O   1 ? 
HETATM 1218 O O   . HOH D 3 .   ? 1.665   -24.085 1.111   1.000 48.040 0 1420 HOH A O   1 ? 
HETATM 1219 O O   . HOH D 3 .   ? 17.220  0.358   3.380   1.000 57.440 0 1421 HOH A O   1 ? 
HETATM 1220 O O   . HOH D 3 .   ? 7.392   9.567   6.772   1.000 53.830 0 1422 HOH A O   1 ? 
HETATM 1221 O O   . HOH D 3 .   ? -13.954 12.109  -15.687 1.000 48.640 0 1423 HOH A O   1 ? 
HETATM 1222 O O   . HOH D 3 .   ? 1.633   3.019   17.761  1.000 59.170 0 1424 HOH A O   1 ? 
HETATM 1223 O O   . HOH D 3 .   ? -15.213 0.105   -1.836  1.000 49.820 0 1425 HOH A O   1 ? 
HETATM 1224 O O   . HOH D 3 .   ? 5.670   -3.982  14.524  1.000 46.160 0 1426 HOH A O   1 ? 
HETATM 1225 O O   . HOH D 3 .   ? -17.927 10.495  4.464   1.000 50.760 0 1427 HOH A O   1 ? 
HETATM 1226 O O   . HOH D 3 .   ? -14.146 -7.406  2.966   1.000 41.140 0 1428 HOH A O   1 ? 
HETATM 1227 O O   . HOH D 3 .   ? 1.305   8.929   8.609   1.000 50.130 0 1429 HOH A O   1 ? 
HETATM 1228 O O   . HOH D 3 .   ? 13.162  -10.062 1.409   1.000 48.150 0 1430 HOH A O   1 ? 
HETATM 1229 O O   . HOH D 3 .   ? -4.583  15.242  9.758   1.000 47.550 0 1431 HOH A O   1 ? 
HETATM 1230 O O   . HOH D 3 .   ? -13.213 -9.424  4.719   1.000 51.220 0 1432 HOH A O   1 ? 
# 
